data_7T4E
#
_entry.id   7T4E
#
_cell.length_a   1.00
_cell.length_b   1.00
_cell.length_c   1.00
_cell.angle_alpha   90.00
_cell.angle_beta   90.00
_cell.angle_gamma   90.00
#
_symmetry.space_group_name_H-M   'P 1'
#
_entity_poly.entity_id   1
_entity_poly.type   'polypeptide(L)'
_entity_poly.pdbx_seq_one_letter_code
;DVQVFADNPVLGTEVTFEKDENGRIVKIISKNQYRITIYNSVDAGDTPNDASVSLDVDFIDDKNSGEMGAVASINTFIPS
GLRYVEGYKYKGVTNPIYKNLSAGMLWPKKYRVEVVNIPIDQATKIITATPNNNIKEKQVSDTISYGFGGSVSADGKKPG
GSIEANLAYTKTTTYDQPDYETSQIKKTTKEAVWDTSFVETRDGYTPNSWNPVYGNQMFMRGRYSNVSPIDNIKKGGEVS
SLISGGFSPKMGVVLASPNGTKKSQFVVRVSRMSDMYIMRWSGTEWGGENEINQNVPKEYNALMYEDVKFEIDWEQRTVR
TILEHHHHHH
;
_entity_poly.pdbx_strand_id   B,A,C,D,E,F,G,H
#
# COMPACT_ATOMS: atom_id res chain seq x y z
N ASP A 7 -20.23 -16.85 2.43
CA ASP A 7 -21.30 -16.51 3.36
C ASP A 7 -22.00 -17.76 3.87
N ASN A 8 -22.04 -17.92 5.19
CA ASN A 8 -22.68 -19.06 5.85
C ASN A 8 -23.62 -18.54 6.91
N PRO A 9 -24.84 -18.15 6.53
CA PRO A 9 -25.81 -17.65 7.51
C PRO A 9 -26.27 -18.75 8.45
N VAL A 10 -26.83 -18.32 9.58
CA VAL A 10 -27.26 -19.26 10.61
C VAL A 10 -28.45 -20.10 10.15
N LEU A 11 -29.18 -19.64 9.13
CA LEU A 11 -30.41 -20.29 8.65
C LEU A 11 -31.34 -20.44 9.86
N GLY A 12 -31.85 -21.64 10.15
CA GLY A 12 -32.79 -21.84 11.23
C GLY A 12 -32.22 -22.53 12.44
N THR A 13 -33.08 -22.68 13.44
CA THR A 13 -32.73 -23.32 14.71
C THR A 13 -33.82 -24.32 15.08
N GLU A 14 -33.42 -25.48 15.57
CA GLU A 14 -34.34 -26.51 16.04
C GLU A 14 -34.14 -26.70 17.53
N VAL A 15 -35.21 -26.57 18.30
CA VAL A 15 -35.16 -26.65 19.76
C VAL A 15 -35.93 -27.88 20.21
N THR A 16 -35.28 -28.72 21.01
CA THR A 16 -35.90 -29.90 21.58
C THR A 16 -35.77 -29.84 23.10
N PHE A 17 -36.60 -30.62 23.79
CA PHE A 17 -36.65 -30.62 25.24
C PHE A 17 -36.45 -32.03 25.77
N GLU A 18 -35.46 -32.19 26.65
CA GLU A 18 -35.29 -33.43 27.40
C GLU A 18 -35.97 -33.25 28.75
N LYS A 19 -36.93 -34.14 29.03
CA LYS A 19 -37.80 -34.05 30.19
C LYS A 19 -37.51 -35.15 31.18
N ASP A 20 -37.87 -34.91 32.43
CA ASP A 20 -37.72 -35.89 33.49
C ASP A 20 -38.92 -36.85 33.50
N GLU A 21 -38.78 -37.93 34.26
CA GLU A 21 -39.86 -38.90 34.40
C GLU A 21 -41.04 -38.27 35.13
N ASN A 22 -42.13 -38.02 34.41
CA ASN A 22 -43.31 -37.35 34.95
C ASN A 22 -42.93 -36.01 35.59
N GLY A 23 -42.06 -35.28 34.91
CA GLY A 23 -41.58 -34.00 35.41
C GLY A 23 -41.56 -32.96 34.32
N ARG A 24 -41.14 -31.76 34.70
CA ARG A 24 -41.08 -30.63 33.79
C ARG A 24 -39.86 -30.77 32.87
N ILE A 25 -39.58 -29.73 32.08
CA ILE A 25 -38.45 -29.75 31.17
C ILE A 25 -37.18 -29.56 31.98
N VAL A 26 -36.27 -30.53 31.91
CA VAL A 26 -35.01 -30.47 32.65
C VAL A 26 -33.82 -30.12 31.78
N LYS A 27 -33.97 -30.10 30.45
CA LYS A 27 -32.88 -29.68 29.59
C LYS A 27 -33.46 -29.20 28.27
N ILE A 28 -32.87 -28.14 27.73
CA ILE A 28 -33.27 -27.58 26.44
C ILE A 28 -32.08 -27.67 25.50
N ILE A 29 -32.22 -28.40 24.40
CA ILE A 29 -31.15 -28.59 23.42
C ILE A 29 -31.53 -27.81 22.18
N SER A 30 -30.76 -26.78 21.87
CA SER A 30 -30.93 -26.01 20.64
C SER A 30 -29.83 -26.41 19.67
N LYS A 31 -30.18 -26.54 18.40
CA LYS A 31 -29.22 -26.87 17.35
C LYS A 31 -29.47 -25.96 16.16
N ASN A 32 -28.46 -25.18 15.79
CA ASN A 32 -28.57 -24.31 14.63
C ASN A 32 -28.16 -25.07 13.37
N GLN A 33 -29.00 -24.98 12.34
CA GLN A 33 -28.81 -25.72 11.10
C GLN A 33 -28.14 -24.80 10.09
N TYR A 34 -26.88 -25.09 9.77
CA TYR A 34 -26.12 -24.29 8.82
C TYR A 34 -26.10 -24.96 7.45
N ARG A 35 -26.04 -24.13 6.41
CA ARG A 35 -26.02 -24.65 5.05
C ARG A 35 -24.71 -25.37 4.76
N ILE A 36 -23.59 -24.77 5.13
CA ILE A 36 -22.26 -25.33 4.92
C ILE A 36 -21.79 -25.98 6.21
N THR A 37 -21.35 -27.23 6.12
CA THR A 37 -20.71 -27.91 7.23
C THR A 37 -19.35 -28.41 6.78
N ILE A 38 -18.31 -28.12 7.55
CA ILE A 38 -16.95 -28.52 7.23
C ILE A 38 -16.62 -29.76 8.05
N TYR A 39 -16.37 -30.87 7.37
CA TYR A 39 -15.97 -32.12 8.03
C TYR A 39 -14.52 -32.40 7.64
N ASN A 40 -13.60 -32.17 8.57
CA ASN A 40 -12.18 -32.17 8.26
C ASN A 40 -11.52 -33.47 8.68
N SER A 41 -10.72 -34.03 7.79
CA SER A 41 -9.88 -35.18 8.10
C SER A 41 -8.50 -34.93 7.50
N VAL A 42 -7.48 -35.56 8.09
CA VAL A 42 -6.12 -35.36 7.61
C VAL A 42 -5.30 -36.60 7.93
N ASP A 43 -4.42 -36.96 7.00
CA ASP A 43 -3.50 -38.07 7.20
C ASP A 43 -2.21 -37.78 6.45
N ALA A 44 -1.21 -38.61 6.70
CA ALA A 44 0.09 -38.43 6.06
C ALA A 44 0.75 -39.79 5.86
N GLY A 45 1.70 -39.82 4.94
CA GLY A 45 2.44 -41.03 4.63
C GLY A 45 3.84 -40.76 4.14
N ASP A 46 4.79 -41.54 4.64
CA ASP A 46 6.17 -41.44 4.21
C ASP A 46 6.46 -42.43 3.09
N THR A 47 7.68 -42.39 2.58
CA THR A 47 8.13 -43.20 1.47
C THR A 47 9.52 -43.74 1.79
N PRO A 48 9.99 -44.76 1.06
CA PRO A 48 11.34 -45.29 1.33
C PRO A 48 12.43 -44.23 1.28
N ASN A 49 12.33 -43.25 0.39
CA ASN A 49 13.32 -42.18 0.31
C ASN A 49 12.86 -40.91 1.04
N ASP A 50 12.06 -41.07 2.09
CA ASP A 50 11.72 -39.99 3.02
C ASP A 50 11.07 -38.81 2.30
N ALA A 51 10.14 -39.09 1.39
CA ALA A 51 9.33 -38.07 0.74
C ALA A 51 7.92 -38.18 1.30
N SER A 52 7.53 -37.20 2.12
CA SER A 52 6.27 -37.26 2.85
C SER A 52 5.15 -36.60 2.06
N VAL A 53 3.97 -37.18 2.12
CA VAL A 53 2.77 -36.62 1.49
C VAL A 53 1.67 -36.58 2.54
N SER A 54 1.10 -35.40 2.77
CA SER A 54 0.01 -35.23 3.73
C SER A 54 -1.22 -34.71 3.00
N LEU A 55 -2.34 -35.41 3.18
CA LEU A 55 -3.61 -35.06 2.57
C LEU A 55 -4.56 -34.58 3.65
N ASP A 56 -5.08 -33.36 3.49
CA ASP A 56 -6.04 -32.76 4.41
C ASP A 56 -7.31 -32.47 3.62
N VAL A 57 -8.34 -33.29 3.82
CA VAL A 57 -9.58 -33.20 3.05
C VAL A 57 -10.66 -32.60 3.94
N ASP A 58 -11.25 -31.50 3.49
CA ASP A 58 -12.42 -30.91 4.11
C ASP A 58 -13.62 -31.25 3.23
N PHE A 59 -14.50 -32.11 3.76
CA PHE A 59 -15.74 -32.43 3.09
C PHE A 59 -16.76 -31.33 3.34
N ILE A 60 -17.42 -30.89 2.28
CA ILE A 60 -18.34 -29.77 2.34
C ILE A 60 -19.75 -30.37 2.32
N ASP A 61 -20.30 -30.59 3.51
CA ASP A 61 -21.70 -31.02 3.63
C ASP A 61 -22.56 -29.79 3.37
N ASP A 62 -23.04 -29.67 2.15
CA ASP A 62 -23.84 -28.53 1.73
C ASP A 62 -25.24 -29.02 1.38
N LYS A 63 -26.22 -28.54 2.14
CA LYS A 63 -27.61 -28.94 1.89
C LYS A 63 -28.10 -28.43 0.54
N ASN A 64 -27.58 -27.29 0.09
CA ASN A 64 -27.95 -26.72 -1.21
C ASN A 64 -27.00 -27.19 -2.31
N SER A 65 -26.83 -28.50 -2.41
CA SER A 65 -25.94 -29.08 -3.40
C SER A 65 -26.50 -30.41 -3.88
N GLY A 66 -26.15 -30.78 -5.12
CA GLY A 66 -26.61 -32.02 -5.69
C GLY A 66 -25.59 -33.14 -5.62
N GLU A 67 -24.37 -32.82 -5.19
CA GLU A 67 -23.30 -33.79 -5.13
C GLU A 67 -22.37 -33.47 -3.97
N MET A 68 -21.71 -34.50 -3.46
CA MET A 68 -20.73 -34.32 -2.39
C MET A 68 -19.47 -33.66 -2.94
N GLY A 69 -18.89 -32.79 -2.13
CA GLY A 69 -17.66 -32.11 -2.52
C GLY A 69 -16.63 -32.17 -1.42
N ALA A 70 -15.36 -32.11 -1.82
CA ALA A 70 -14.26 -32.21 -0.89
C ALA A 70 -13.09 -31.38 -1.39
N VAL A 71 -12.64 -30.44 -0.58
CA VAL A 71 -11.45 -29.65 -0.88
C VAL A 71 -10.27 -30.31 -0.20
N ALA A 72 -9.31 -30.80 -0.99
CA ALA A 72 -8.19 -31.56 -0.47
C ALA A 72 -6.91 -30.74 -0.67
N SER A 73 -6.21 -30.48 0.42
CA SER A 73 -4.91 -29.81 0.40
C SER A 73 -3.82 -30.86 0.55
N ILE A 74 -2.91 -30.90 -0.42
CA ILE A 74 -1.77 -31.80 -0.40
C ILE A 74 -0.54 -30.99 -0.04
N ASN A 75 0.10 -31.37 1.07
CA ASN A 75 1.38 -30.81 1.49
C ASN A 75 2.44 -31.90 1.34
N THR A 76 3.37 -31.68 0.43
CA THR A 76 4.37 -32.68 0.09
C THR A 76 5.76 -32.16 0.41
N PHE A 77 6.63 -33.06 0.85
CA PHE A 77 8.05 -32.79 0.98
C PHE A 77 8.81 -33.86 0.20
N ILE A 78 9.45 -33.44 -0.88
CA ILE A 78 10.33 -34.32 -1.65
C ILE A 78 11.77 -33.89 -1.37
N PRO A 79 12.54 -34.66 -0.60
CA PRO A 79 13.91 -34.27 -0.31
C PRO A 79 14.73 -34.18 -1.59
N SER A 80 15.64 -33.19 -1.62
CA SER A 80 16.39 -32.94 -2.84
C SER A 80 17.30 -34.11 -3.20
N GLY A 81 17.70 -34.90 -2.22
CA GLY A 81 18.65 -35.97 -2.49
C GLY A 81 19.97 -35.46 -2.99
N LEU A 82 20.44 -34.34 -2.43
CA LEU A 82 21.68 -33.71 -2.86
C LEU A 82 22.85 -34.58 -2.41
N ARG A 83 23.34 -35.43 -3.30
CA ARG A 83 24.35 -36.42 -2.94
C ARG A 83 25.71 -35.98 -3.47
N TYR A 84 26.75 -36.29 -2.71
CA TYR A 84 28.12 -35.96 -3.10
C TYR A 84 28.92 -37.25 -3.26
N VAL A 85 29.54 -37.43 -4.41
CA VAL A 85 30.30 -38.64 -4.74
C VAL A 85 31.73 -38.24 -5.07
N GLU A 86 32.68 -38.94 -4.43
CA GLU A 86 34.10 -38.69 -4.65
C GLU A 86 34.57 -39.26 -5.98
N GLY A 87 35.41 -38.51 -6.68
CA GLY A 87 36.09 -39.00 -7.86
C GLY A 87 35.18 -39.50 -8.95
N TYR A 88 34.14 -38.73 -9.28
CA TYR A 88 33.12 -39.16 -10.22
C TYR A 88 33.56 -38.82 -11.64
N LYS A 89 33.89 -39.83 -12.42
CA LYS A 89 34.23 -39.71 -13.84
C LYS A 89 35.32 -38.67 -14.07
N TYR A 90 36.47 -38.89 -13.43
CA TYR A 90 37.64 -38.08 -13.73
C TYR A 90 38.09 -38.29 -15.17
N LYS A 91 38.13 -39.54 -15.61
CA LYS A 91 38.44 -39.88 -16.99
C LYS A 91 37.46 -40.95 -17.45
N GLY A 92 36.80 -40.71 -18.58
CA GLY A 92 35.85 -41.67 -19.10
C GLY A 92 34.73 -41.95 -18.12
N VAL A 93 34.49 -43.23 -17.87
CA VAL A 93 33.46 -43.67 -16.94
C VAL A 93 34.07 -44.28 -15.67
N THR A 94 35.36 -44.04 -15.44
CA THR A 94 36.01 -44.56 -14.25
C THR A 94 35.62 -43.72 -13.04
N ASN A 95 35.20 -44.39 -11.97
CA ASN A 95 34.70 -43.73 -10.77
C ASN A 95 35.44 -44.25 -9.54
N PRO A 96 36.70 -43.85 -9.36
CA PRO A 96 37.43 -44.26 -8.15
C PRO A 96 37.16 -43.32 -6.99
N ILE A 97 37.06 -43.90 -5.79
CA ILE A 97 36.93 -43.10 -4.58
C ILE A 97 38.26 -42.57 -4.08
N TYR A 98 39.38 -43.04 -4.64
CA TYR A 98 40.70 -42.62 -4.17
C TYR A 98 41.04 -41.22 -4.69
N LYS A 99 41.03 -41.04 -6.00
CA LYS A 99 41.42 -39.75 -6.58
C LYS A 99 40.36 -38.70 -6.28
N ASN A 100 40.82 -37.52 -5.86
CA ASN A 100 39.91 -36.42 -5.53
C ASN A 100 40.20 -35.20 -6.38
N LEU A 101 40.45 -35.41 -7.67
CA LEU A 101 40.56 -34.31 -8.63
C LEU A 101 39.22 -33.95 -9.24
N SER A 102 38.17 -34.73 -8.97
CA SER A 102 36.83 -34.43 -9.46
C SER A 102 35.82 -34.93 -8.45
N ALA A 103 34.64 -34.33 -8.46
CA ALA A 103 33.57 -34.73 -7.56
C ALA A 103 32.22 -34.49 -8.22
N GLY A 104 31.28 -35.38 -7.96
CA GLY A 104 29.95 -35.30 -8.55
C GLY A 104 28.92 -34.92 -7.50
N MET A 105 27.92 -34.14 -7.91
CA MET A 105 26.82 -33.76 -7.05
C MET A 105 25.51 -34.11 -7.75
N LEU A 106 24.75 -35.02 -7.13
CA LEU A 106 23.42 -35.39 -7.60
C LEU A 106 22.42 -34.38 -7.04
N TRP A 107 21.79 -33.63 -7.95
CA TRP A 107 20.88 -32.54 -7.59
C TRP A 107 19.58 -32.65 -8.38
N PRO A 108 18.45 -32.27 -7.77
CA PRO A 108 17.14 -32.53 -8.37
C PRO A 108 16.73 -31.53 -9.45
N LYS A 109 17.04 -31.81 -10.72
CA LYS A 109 16.79 -30.83 -11.76
C LYS A 109 15.31 -30.47 -11.87
N LYS A 110 14.44 -31.48 -11.92
CA LYS A 110 13.03 -31.24 -12.19
C LYS A 110 12.19 -32.16 -11.32
N TYR A 111 11.27 -31.57 -10.56
CA TYR A 111 10.35 -32.29 -9.71
C TYR A 111 9.07 -32.61 -10.48
N ARG A 112 8.46 -33.74 -10.14
CA ARG A 112 7.23 -34.22 -10.74
C ARG A 112 6.26 -34.63 -9.64
N VAL A 113 5.03 -34.16 -9.74
CA VAL A 113 4.00 -34.51 -8.76
C VAL A 113 2.74 -34.96 -9.51
N GLU A 114 2.28 -36.17 -9.22
CA GLU A 114 1.04 -36.69 -9.77
C GLU A 114 0.05 -36.97 -8.64
N VAL A 115 -1.17 -36.49 -8.79
CA VAL A 115 -2.27 -36.87 -7.91
C VAL A 115 -3.31 -37.58 -8.77
N VAL A 116 -3.67 -38.80 -8.37
CA VAL A 116 -4.52 -39.67 -9.17
C VAL A 116 -5.81 -39.94 -8.40
N ASN A 117 -6.95 -39.68 -9.04
CA ASN A 117 -8.25 -40.01 -8.48
C ASN A 117 -8.70 -41.34 -9.04
N ILE A 118 -8.94 -42.31 -8.16
CA ILE A 118 -9.38 -43.63 -8.57
C ILE A 118 -10.79 -43.88 -8.05
N PRO A 119 -11.82 -43.70 -8.86
CA PRO A 119 -13.18 -43.99 -8.40
C PRO A 119 -13.35 -45.48 -8.08
N ILE A 120 -14.18 -45.75 -7.07
CA ILE A 120 -14.42 -47.11 -6.63
C ILE A 120 -15.91 -47.43 -6.78
N ASP A 121 -16.75 -46.67 -6.08
CA ASP A 121 -18.19 -46.89 -6.09
C ASP A 121 -18.95 -45.90 -6.96
N GLN A 122 -18.50 -44.64 -7.00
CA GLN A 122 -19.14 -43.61 -7.80
C GLN A 122 -18.08 -42.85 -8.59
N ALA A 123 -18.53 -42.18 -9.64
CA ALA A 123 -17.64 -41.49 -10.57
C ALA A 123 -17.15 -40.19 -9.93
N THR A 124 -16.19 -40.33 -9.03
CA THR A 124 -15.55 -39.16 -8.43
C THR A 124 -14.71 -38.44 -9.48
N LYS A 125 -14.80 -37.11 -9.49
CA LYS A 125 -14.15 -36.30 -10.51
C LYS A 125 -13.33 -35.20 -9.85
N ILE A 126 -12.20 -34.87 -10.47
CA ILE A 126 -11.39 -33.74 -10.07
C ILE A 126 -11.95 -32.50 -10.76
N ILE A 127 -12.41 -31.54 -9.97
CA ILE A 127 -13.00 -30.33 -10.53
C ILE A 127 -11.95 -29.31 -10.91
N THR A 128 -11.08 -28.95 -9.97
CA THR A 128 -10.05 -27.96 -10.24
C THR A 128 -8.83 -28.25 -9.37
N ALA A 129 -7.68 -27.75 -9.83
CA ALA A 129 -6.42 -27.87 -9.13
C ALA A 129 -5.86 -26.48 -8.90
N THR A 130 -5.58 -26.14 -7.64
CA THR A 130 -5.21 -24.77 -7.31
C THR A 130 -3.94 -24.29 -8.03
N PRO A 131 -2.83 -25.08 -8.09
CA PRO A 131 -1.67 -24.57 -8.82
C PRO A 131 -1.91 -24.60 -10.32
N ASN A 132 -2.18 -23.44 -10.91
CA ASN A 132 -2.52 -23.34 -12.32
C ASN A 132 -1.52 -22.46 -13.04
N ASN A 133 -1.32 -22.75 -14.32
CA ASN A 133 -0.42 -21.94 -15.13
C ASN A 133 -1.02 -20.55 -15.35
N ASN A 134 -0.25 -19.52 -15.05
CA ASN A 134 -0.68 -18.15 -15.19
C ASN A 134 0.12 -17.46 -16.29
N ILE A 135 -0.53 -16.53 -16.99
CA ILE A 135 0.15 -15.79 -18.05
C ILE A 135 1.10 -14.79 -17.41
N LYS A 136 2.40 -15.12 -17.43
CA LYS A 136 3.41 -14.26 -16.80
C LYS A 136 3.70 -13.08 -17.71
N GLU A 137 3.57 -11.88 -17.16
CA GLU A 137 3.73 -10.65 -17.93
C GLU A 137 5.02 -9.95 -17.54
N LYS A 138 5.61 -9.24 -18.50
CA LYS A 138 6.81 -8.46 -18.28
C LYS A 138 6.50 -6.97 -18.46
N GLN A 139 7.44 -6.14 -18.00
CA GLN A 139 7.33 -4.69 -18.12
C GLN A 139 8.33 -4.22 -19.15
N VAL A 140 7.83 -3.61 -20.22
CA VAL A 140 8.66 -3.17 -21.35
C VAL A 140 8.65 -1.65 -21.38
N SER A 141 9.85 -1.06 -21.39
CA SER A 141 10.04 0.37 -21.45
C SER A 141 10.81 0.71 -22.70
N ASP A 142 10.14 1.34 -23.66
CA ASP A 142 10.74 1.73 -24.94
C ASP A 142 10.97 3.23 -24.92
N THR A 143 12.20 3.65 -25.21
CA THR A 143 12.58 5.05 -25.13
C THR A 143 13.26 5.50 -26.41
N ILE A 144 12.79 6.61 -26.96
CA ILE A 144 13.41 7.32 -28.06
C ILE A 144 14.10 8.55 -27.49
N SER A 145 15.29 8.85 -27.98
CA SER A 145 15.96 10.09 -27.58
C SER A 145 16.60 10.76 -28.78
N TYR A 146 16.29 12.04 -28.97
CA TYR A 146 16.96 12.89 -29.94
C TYR A 146 17.89 13.84 -29.20
N GLY A 147 18.85 14.40 -29.94
CA GLY A 147 19.74 15.39 -29.36
C GLY A 147 20.49 16.22 -30.39
N PHE A 148 20.68 17.51 -30.10
CA PHE A 148 21.40 18.41 -30.98
C PHE A 148 22.49 19.13 -30.19
N GLY A 149 23.58 19.48 -30.87
CA GLY A 149 24.68 20.14 -30.23
C GLY A 149 25.06 21.46 -30.87
N GLY A 150 25.77 22.31 -30.13
CA GLY A 150 26.16 23.61 -30.63
C GLY A 150 27.64 23.75 -30.90
N SER A 151 28.47 23.09 -30.09
CA SER A 151 29.94 23.12 -30.22
C SER A 151 30.38 24.58 -30.21
N VAL A 152 31.05 25.08 -31.25
CA VAL A 152 31.49 26.47 -31.33
C VAL A 152 32.37 26.84 -30.15
N SER A 162 30.92 21.33 -34.66
CA SER A 162 29.92 22.21 -35.27
C SER A 162 28.52 21.89 -34.75
N ILE A 163 27.78 21.08 -35.52
CA ILE A 163 26.45 20.65 -35.13
C ILE A 163 26.43 19.13 -35.06
N GLU A 164 26.13 18.60 -33.87
CA GLU A 164 26.12 17.17 -33.63
C GLU A 164 24.70 16.71 -33.38
N ALA A 165 24.32 15.61 -34.03
CA ALA A 165 22.98 15.04 -33.92
C ALA A 165 23.09 13.63 -33.37
N ASN A 166 22.28 13.34 -32.35
CA ASN A 166 22.26 12.05 -31.69
C ASN A 166 20.85 11.48 -31.73
N LEU A 167 20.75 10.17 -31.97
CA LEU A 167 19.48 9.45 -32.01
C LEU A 167 19.69 8.09 -31.36
N ALA A 168 18.95 7.81 -30.30
CA ALA A 168 19.15 6.60 -29.52
C ALA A 168 17.84 5.86 -29.27
N TYR A 169 17.88 4.54 -29.45
CA TYR A 169 16.82 3.62 -29.10
C TYR A 169 17.22 2.94 -27.80
N THR A 170 16.28 2.75 -26.87
CA THR A 170 16.49 1.85 -25.75
C THR A 170 15.23 1.05 -25.49
N LYS A 171 15.41 -0.20 -25.05
CA LYS A 171 14.30 -1.09 -24.72
C LYS A 171 14.68 -1.92 -23.50
N THR A 172 14.04 -1.63 -22.38
CA THR A 172 14.31 -2.32 -21.12
C THR A 172 13.16 -3.27 -20.81
N THR A 173 13.48 -4.55 -20.63
CA THR A 173 12.50 -5.57 -20.30
C THR A 173 12.77 -6.08 -18.89
N THR A 174 11.79 -5.93 -18.01
CA THR A 174 11.92 -6.31 -16.61
C THR A 174 10.90 -7.39 -16.28
N TYR A 175 11.36 -8.46 -15.63
CA TYR A 175 10.49 -9.57 -15.27
C TYR A 175 11.05 -10.27 -14.05
N ASP A 176 10.19 -11.05 -13.40
CA ASP A 176 10.58 -11.83 -12.23
C ASP A 176 10.86 -13.26 -12.66
N GLN A 177 12.09 -13.71 -12.44
CA GLN A 177 12.51 -15.05 -12.85
C GLN A 177 12.69 -15.94 -11.64
N PRO A 178 11.78 -16.87 -11.38
CA PRO A 178 11.97 -17.79 -10.25
C PRO A 178 13.08 -18.79 -10.53
N ASP A 179 13.68 -19.28 -9.44
CA ASP A 179 14.69 -20.33 -9.57
C ASP A 179 14.08 -21.61 -10.12
N TYR A 180 12.88 -21.96 -9.67
CA TYR A 180 12.16 -23.14 -10.15
C TYR A 180 10.81 -22.69 -10.69
N GLU A 181 10.44 -23.19 -11.86
CA GLU A 181 9.17 -22.85 -12.50
C GLU A 181 8.23 -24.03 -12.38
N THR A 182 7.08 -23.81 -11.75
CA THR A 182 6.08 -24.85 -11.55
C THR A 182 5.01 -24.71 -12.62
N SER A 183 4.83 -25.75 -13.42
CA SER A 183 3.86 -25.74 -14.50
C SER A 183 2.96 -26.97 -14.38
N GLN A 184 1.65 -26.74 -14.45
CA GLN A 184 0.67 -27.82 -14.43
C GLN A 184 0.61 -28.43 -15.82
N ILE A 185 1.29 -29.56 -16.02
CA ILE A 185 1.37 -30.16 -17.35
C ILE A 185 0.17 -31.04 -17.67
N LYS A 186 -0.64 -31.40 -16.68
CA LYS A 186 -1.81 -32.21 -16.98
C LYS A 186 -2.88 -31.97 -15.92
N LYS A 187 -4.15 -31.92 -16.35
CA LYS A 187 -5.25 -31.77 -15.41
C LYS A 187 -6.50 -32.35 -16.08
N THR A 188 -6.89 -33.56 -15.65
CA THR A 188 -8.11 -34.22 -16.10
C THR A 188 -9.01 -34.47 -14.90
N THR A 189 -10.12 -35.16 -15.14
CA THR A 189 -11.04 -35.51 -14.07
C THR A 189 -10.52 -36.62 -13.17
N LYS A 190 -9.45 -37.31 -13.59
CA LYS A 190 -8.93 -38.44 -12.83
C LYS A 190 -7.50 -38.27 -12.36
N GLU A 191 -6.74 -37.32 -12.89
CA GLU A 191 -5.37 -37.13 -12.44
C GLU A 191 -4.88 -35.74 -12.81
N ALA A 192 -4.04 -35.18 -11.95
CA ALA A 192 -3.40 -33.88 -12.17
C ALA A 192 -1.91 -34.02 -11.96
N VAL A 193 -1.13 -33.53 -12.92
CA VAL A 193 0.31 -33.71 -12.97
C VAL A 193 0.97 -32.33 -13.09
N TRP A 194 1.84 -32.02 -12.14
CA TRP A 194 2.61 -30.78 -12.12
C TRP A 194 4.09 -31.07 -12.32
N ASP A 195 4.75 -30.20 -13.05
CA ASP A 195 6.19 -30.19 -13.20
C ASP A 195 6.77 -28.99 -12.46
N THR A 196 8.04 -29.10 -12.06
CA THR A 196 8.75 -28.00 -11.42
C THR A 196 10.18 -28.06 -11.93
N SER A 197 10.48 -27.23 -12.92
CA SER A 197 11.75 -27.28 -13.64
C SER A 197 12.71 -26.22 -13.12
N PHE A 198 13.98 -26.60 -13.05
CA PHE A 198 15.04 -25.63 -12.74
C PHE A 198 15.22 -24.69 -13.93
N VAL A 199 15.18 -23.39 -13.67
CA VAL A 199 15.26 -22.41 -14.74
C VAL A 199 16.69 -21.91 -14.86
N GLU A 200 17.19 -21.28 -13.80
CA GLU A 200 18.57 -20.79 -13.77
C GLU A 200 18.92 -20.42 -12.34
N THR A 201 20.21 -20.25 -12.11
CA THR A 201 20.70 -19.83 -10.80
C THR A 201 20.51 -18.32 -10.64
N ARG A 202 20.79 -17.85 -9.41
CA ARG A 202 20.70 -16.41 -9.16
C ARG A 202 21.80 -15.64 -9.87
N ASP A 203 22.89 -16.33 -10.25
CA ASP A 203 23.95 -15.73 -11.03
C ASP A 203 23.58 -15.61 -12.51
N GLY A 204 22.63 -16.40 -12.98
CA GLY A 204 22.23 -16.39 -14.37
C GLY A 204 22.68 -17.59 -15.18
N TYR A 205 23.14 -18.66 -14.53
CA TYR A 205 23.59 -19.86 -15.21
C TYR A 205 22.48 -20.89 -15.27
N THR A 206 22.45 -21.65 -16.36
CA THR A 206 21.40 -22.60 -16.67
C THR A 206 22.03 -23.97 -16.89
N PRO A 207 21.24 -25.04 -16.72
CA PRO A 207 21.80 -26.38 -16.93
C PRO A 207 22.41 -26.61 -18.31
N ASN A 208 21.94 -25.90 -19.32
CA ASN A 208 22.48 -26.03 -20.66
C ASN A 208 23.59 -25.04 -20.97
N SER A 209 23.99 -24.23 -20.00
CA SER A 209 25.06 -23.27 -20.21
C SER A 209 26.40 -23.98 -20.39
N TRP A 210 27.25 -23.40 -21.22
CA TRP A 210 28.54 -24.02 -21.52
C TRP A 210 29.53 -22.93 -21.91
N ASN A 211 30.66 -22.88 -21.22
CA ASN A 211 31.79 -22.02 -21.53
C ASN A 211 32.81 -22.79 -22.35
N PRO A 212 33.46 -22.12 -23.31
CA PRO A 212 34.45 -22.84 -24.15
C PRO A 212 35.56 -23.49 -23.35
N VAL A 213 35.93 -22.92 -22.20
CA VAL A 213 37.01 -23.46 -21.39
C VAL A 213 36.57 -23.84 -19.98
N TYR A 214 35.52 -23.23 -19.44
CA TYR A 214 35.16 -23.38 -18.04
C TYR A 214 34.02 -24.37 -17.83
N GLY A 215 33.52 -25.00 -18.88
CA GLY A 215 32.41 -25.93 -18.74
C GLY A 215 31.15 -25.22 -18.28
N ASN A 216 30.36 -25.93 -17.48
CA ASN A 216 29.12 -25.40 -16.94
C ASN A 216 29.37 -24.87 -15.52
N GLN A 217 28.89 -23.66 -15.25
CA GLN A 217 29.25 -22.95 -14.03
C GLN A 217 28.03 -22.65 -13.15
N MET A 218 27.05 -23.56 -13.10
CA MET A 218 25.92 -23.35 -12.21
C MET A 218 26.36 -23.26 -10.75
N PHE A 219 27.26 -24.15 -10.34
CA PHE A 219 27.67 -24.25 -8.95
C PHE A 219 29.18 -24.25 -8.81
N MET A 220 29.87 -23.50 -9.66
CA MET A 220 31.32 -23.35 -9.59
C MET A 220 31.62 -22.23 -8.60
N ARG A 221 31.89 -22.60 -7.36
CA ARG A 221 32.09 -21.61 -6.30
C ARG A 221 33.30 -20.73 -6.59
N GLY A 222 34.38 -21.33 -7.07
CA GLY A 222 35.59 -20.56 -7.37
C GLY A 222 36.12 -20.91 -8.74
N ARG A 223 36.50 -19.87 -9.49
CA ARG A 223 37.07 -20.08 -10.82
C ARG A 223 38.46 -20.70 -10.71
N TYR A 224 39.30 -20.17 -9.81
CA TYR A 224 40.61 -20.74 -9.51
C TYR A 224 40.72 -20.83 -7.98
N SER A 225 40.33 -21.97 -7.43
CA SER A 225 40.36 -22.20 -5.99
C SER A 225 41.19 -23.45 -5.69
N ASN A 226 42.12 -23.32 -4.75
CA ASN A 226 42.94 -24.46 -4.32
C ASN A 226 42.24 -25.17 -3.16
N VAL A 227 41.05 -25.70 -3.46
CA VAL A 227 40.21 -26.37 -2.48
C VAL A 227 39.78 -27.72 -3.04
N SER A 228 39.15 -28.51 -2.18
CA SER A 228 38.60 -29.79 -2.61
C SER A 228 37.48 -29.56 -3.62
N PRO A 229 37.28 -30.51 -4.54
CA PRO A 229 36.23 -30.33 -5.56
C PRO A 229 34.84 -30.10 -4.97
N ILE A 230 34.52 -30.78 -3.86
CA ILE A 230 33.25 -30.51 -3.20
C ILE A 230 33.25 -29.11 -2.60
N ASP A 231 34.38 -28.70 -2.02
CA ASP A 231 34.46 -27.36 -1.45
C ASP A 231 34.31 -26.27 -2.50
N ASN A 232 34.52 -26.59 -3.77
CA ASN A 232 34.32 -25.65 -4.86
C ASN A 232 32.92 -25.75 -5.46
N ILE A 233 32.04 -26.56 -4.88
CA ILE A 233 30.67 -26.70 -5.32
C ILE A 233 29.77 -25.91 -4.39
N LYS A 234 28.94 -25.04 -4.95
CA LYS A 234 28.03 -24.25 -4.15
C LYS A 234 27.05 -25.14 -3.39
N LYS A 235 26.83 -24.82 -2.12
CA LYS A 235 25.90 -25.56 -1.29
C LYS A 235 25.40 -24.65 -0.18
N GLY A 236 24.28 -25.05 0.42
CA GLY A 236 23.72 -24.27 1.51
C GLY A 236 22.89 -23.12 0.98
N GLY A 237 23.21 -21.90 1.44
CA GLY A 237 22.47 -20.72 1.02
C GLY A 237 22.85 -20.19 -0.34
N GLU A 238 23.93 -20.67 -0.92
CA GLU A 238 24.35 -20.23 -2.25
C GLU A 238 23.55 -20.88 -3.37
N VAL A 239 22.77 -21.92 -3.07
CA VAL A 239 21.97 -22.61 -4.07
C VAL A 239 20.49 -22.41 -3.75
N SER A 240 19.62 -22.90 -4.62
CA SER A 240 18.19 -22.83 -4.36
C SER A 240 17.82 -23.67 -3.16
N SER A 241 16.79 -23.22 -2.44
CA SER A 241 16.31 -23.95 -1.27
C SER A 241 15.75 -25.32 -1.64
N LEU A 242 15.37 -25.53 -2.91
CA LEU A 242 14.92 -26.82 -3.37
C LEU A 242 16.08 -27.75 -3.71
N ILE A 243 17.30 -27.25 -3.71
CA ILE A 243 18.48 -28.07 -3.97
C ILE A 243 19.20 -28.43 -2.68
N SER A 244 19.39 -27.47 -1.78
CA SER A 244 20.00 -27.77 -0.49
C SER A 244 19.03 -28.50 0.42
N GLY A 245 17.74 -28.17 0.33
CA GLY A 245 16.74 -28.78 1.18
C GLY A 245 15.82 -29.73 0.43
N GLY A 246 14.64 -29.26 0.06
CA GLY A 246 13.69 -30.08 -0.67
C GLY A 246 12.56 -29.23 -1.19
N PHE A 247 11.69 -29.88 -1.95
CA PHE A 247 10.53 -29.23 -2.57
C PHE A 247 9.31 -29.40 -1.69
N SER A 248 8.61 -28.31 -1.42
CA SER A 248 7.42 -28.30 -0.57
C SER A 248 6.28 -27.66 -1.33
N PRO A 249 5.65 -28.38 -2.25
CA PRO A 249 4.55 -27.81 -3.04
C PRO A 249 3.23 -27.88 -2.28
N LYS A 250 2.59 -26.73 -2.11
CA LYS A 250 1.25 -26.66 -1.55
C LYS A 250 0.25 -26.79 -2.70
N MET A 251 -0.64 -27.78 -2.60
CA MET A 251 -1.52 -28.11 -3.70
C MET A 251 -2.96 -28.23 -3.21
N GLY A 252 -3.90 -27.94 -4.09
CA GLY A 252 -5.31 -28.04 -3.74
C GLY A 252 -6.16 -28.59 -4.87
N VAL A 253 -6.91 -29.66 -4.58
CA VAL A 253 -7.77 -30.30 -5.57
C VAL A 253 -9.19 -30.32 -5.04
N VAL A 254 -10.14 -29.94 -5.89
CA VAL A 254 -11.55 -29.97 -5.55
C VAL A 254 -12.17 -31.21 -6.18
N LEU A 255 -12.70 -32.10 -5.35
CA LEU A 255 -13.30 -33.34 -5.80
C LEU A 255 -14.81 -33.26 -5.67
N ALA A 256 -15.52 -33.62 -6.74
CA ALA A 256 -16.98 -33.69 -6.73
C ALA A 256 -17.39 -35.11 -7.08
N SER A 257 -18.24 -35.70 -6.25
CA SER A 257 -18.66 -37.07 -6.42
C SER A 257 -20.16 -37.17 -6.18
N PRO A 258 -20.83 -38.16 -6.78
CA PRO A 258 -22.28 -38.31 -6.55
C PRO A 258 -22.63 -38.46 -5.08
N ASN A 259 -23.91 -38.26 -4.79
CA ASN A 259 -24.37 -38.19 -3.40
C ASN A 259 -24.21 -39.52 -2.67
N GLY A 260 -24.21 -40.63 -3.39
CA GLY A 260 -24.14 -41.94 -2.75
C GLY A 260 -22.75 -42.52 -2.65
N THR A 261 -21.73 -41.67 -2.79
CA THR A 261 -20.35 -42.14 -2.77
C THR A 261 -20.00 -42.72 -1.40
N LYS A 262 -19.30 -43.85 -1.42
CA LYS A 262 -18.85 -44.51 -0.20
C LYS A 262 -17.35 -44.35 0.02
N LYS A 263 -16.54 -44.76 -0.96
CA LYS A 263 -15.09 -44.73 -0.81
C LYS A 263 -14.45 -44.34 -2.14
N SER A 264 -13.36 -43.57 -2.05
CA SER A 264 -12.54 -43.22 -3.20
C SER A 264 -11.08 -43.40 -2.84
N GLN A 265 -10.22 -43.39 -3.86
CA GLN A 265 -8.79 -43.54 -3.67
C GLN A 265 -8.07 -42.34 -4.26
N PHE A 266 -7.04 -41.88 -3.56
CA PHE A 266 -6.26 -40.71 -3.96
C PHE A 266 -4.78 -41.09 -3.88
N VAL A 267 -4.13 -41.22 -5.03
CA VAL A 267 -2.74 -41.62 -5.10
C VAL A 267 -1.91 -40.40 -5.48
N VAL A 268 -1.03 -39.99 -4.57
CA VAL A 268 -0.12 -38.88 -4.81
C VAL A 268 1.24 -39.48 -5.18
N ARG A 269 1.66 -39.27 -6.42
CA ARG A 269 2.91 -39.81 -6.92
C ARG A 269 3.94 -38.68 -7.00
N VAL A 270 5.06 -38.87 -6.32
CA VAL A 270 6.16 -37.91 -6.33
C VAL A 270 7.32 -38.53 -7.12
N SER A 271 7.84 -37.76 -8.07
CA SER A 271 8.98 -38.19 -8.88
C SER A 271 10.02 -37.07 -8.88
N ARG A 272 11.25 -37.44 -8.55
CA ARG A 272 12.39 -36.52 -8.55
C ARG A 272 13.44 -37.07 -9.51
N MET A 273 13.78 -36.28 -10.52
CA MET A 273 14.85 -36.63 -11.45
C MET A 273 16.04 -35.72 -11.20
N SER A 274 17.18 -36.33 -10.91
CA SER A 274 18.37 -35.60 -10.52
C SER A 274 19.44 -35.76 -11.59
N ASP A 275 20.17 -34.67 -11.84
CA ASP A 275 21.33 -34.68 -12.71
C ASP A 275 22.60 -34.65 -11.87
N MET A 276 23.72 -34.88 -12.54
CA MET A 276 25.01 -34.95 -11.88
C MET A 276 25.85 -33.76 -12.36
N TYR A 277 26.07 -32.80 -11.45
CA TYR A 277 27.00 -31.71 -11.70
C TYR A 277 28.39 -32.22 -11.37
N ILE A 278 29.24 -32.33 -12.39
CA ILE A 278 30.59 -32.86 -12.26
C ILE A 278 31.53 -31.67 -12.16
N MET A 279 32.36 -31.66 -11.12
CA MET A 279 33.30 -30.58 -10.86
C MET A 279 34.69 -31.22 -10.97
N ARG A 280 35.35 -30.97 -12.10
CA ARG A 280 36.67 -31.51 -12.36
C ARG A 280 37.73 -30.43 -12.20
N TRP A 281 38.95 -30.85 -11.89
CA TRP A 281 40.11 -29.99 -11.85
C TRP A 281 41.04 -30.37 -13.00
N SER A 282 41.12 -29.51 -14.01
CA SER A 282 42.02 -29.74 -15.13
C SER A 282 43.44 -29.34 -14.73
N GLY A 283 44.34 -29.28 -15.71
CA GLY A 283 45.72 -28.93 -15.41
C GLY A 283 45.86 -27.53 -14.82
N THR A 284 45.05 -26.59 -15.30
CA THR A 284 45.14 -25.20 -14.88
C THR A 284 43.85 -24.63 -14.33
N GLU A 285 42.70 -25.01 -14.88
CA GLU A 285 41.44 -24.40 -14.53
C GLU A 285 40.43 -25.45 -14.09
N TRP A 286 39.44 -25.01 -13.31
CA TRP A 286 38.33 -25.83 -12.92
C TRP A 286 37.36 -26.02 -14.08
N GLY A 287 36.48 -27.00 -13.96
CA GLY A 287 35.50 -27.26 -15.00
C GLY A 287 34.23 -27.92 -14.49
N GLY A 288 33.09 -27.54 -15.08
CA GLY A 288 31.83 -28.13 -14.69
C GLY A 288 31.08 -28.75 -15.86
N GLU A 289 30.48 -29.92 -15.63
CA GLU A 289 29.73 -30.62 -16.67
C GLU A 289 28.43 -31.15 -16.09
N ASN A 290 27.31 -30.84 -16.73
CA ASN A 290 26.01 -31.30 -16.26
C ASN A 290 25.63 -32.58 -17.01
N GLU A 291 25.68 -33.71 -16.32
CA GLU A 291 25.24 -34.99 -16.88
C GLU A 291 23.76 -35.15 -16.59
N ILE A 292 22.95 -35.28 -17.65
CA ILE A 292 21.51 -35.31 -17.54
C ILE A 292 21.03 -36.60 -16.89
N ASN A 293 19.75 -36.65 -16.54
CA ASN A 293 19.22 -37.75 -15.74
C ASN A 293 19.36 -39.09 -16.45
N GLN A 294 19.09 -39.13 -17.75
CA GLN A 294 19.12 -40.40 -18.48
C GLN A 294 20.53 -40.93 -18.68
N ASN A 295 21.56 -40.15 -18.37
CA ASN A 295 22.94 -40.60 -18.52
C ASN A 295 23.59 -40.98 -17.19
N VAL A 296 23.01 -40.58 -16.06
CA VAL A 296 23.55 -40.94 -14.76
C VAL A 296 23.44 -42.45 -14.56
N PRO A 297 24.48 -43.12 -14.08
CA PRO A 297 24.39 -44.57 -13.83
C PRO A 297 23.29 -44.89 -12.82
N LYS A 298 22.67 -46.06 -13.00
CA LYS A 298 21.54 -46.44 -12.17
C LYS A 298 21.95 -46.70 -10.73
N GLU A 299 23.25 -46.83 -10.46
CA GLU A 299 23.70 -47.12 -9.09
C GLU A 299 23.44 -45.96 -8.14
N TYR A 300 23.25 -44.75 -8.65
CA TYR A 300 23.05 -43.58 -7.82
C TYR A 300 21.59 -43.21 -7.65
N ASN A 301 20.67 -43.91 -8.32
CA ASN A 301 19.23 -43.69 -8.21
C ASN A 301 18.88 -42.23 -8.53
N ALA A 302 19.18 -41.85 -9.77
CA ALA A 302 18.92 -40.48 -10.22
C ALA A 302 17.45 -40.21 -10.49
N LEU A 303 16.61 -41.25 -10.51
CA LEU A 303 15.18 -41.10 -10.77
C LEU A 303 14.41 -41.80 -9.66
N MET A 304 13.86 -41.04 -8.73
CA MET A 304 13.00 -41.57 -7.69
C MET A 304 11.56 -41.40 -8.11
N TYR A 305 10.79 -42.49 -8.07
CA TYR A 305 9.38 -42.48 -8.48
C TYR A 305 8.61 -43.29 -7.45
N GLU A 306 8.00 -42.60 -6.49
CA GLU A 306 7.33 -43.25 -5.38
C GLU A 306 5.94 -42.64 -5.20
N ASP A 307 5.11 -43.30 -4.40
CA ASP A 307 3.72 -42.91 -4.32
C ASP A 307 3.17 -43.19 -2.92
N VAL A 308 2.21 -42.36 -2.52
CA VAL A 308 1.47 -42.53 -1.27
C VAL A 308 -0.01 -42.62 -1.61
N LYS A 309 -0.67 -43.67 -1.13
CA LYS A 309 -2.07 -43.93 -1.43
C LYS A 309 -2.93 -43.61 -0.21
N PHE A 310 -4.05 -42.92 -0.44
CA PHE A 310 -5.01 -42.60 0.61
C PHE A 310 -6.38 -43.14 0.22
N GLU A 311 -7.13 -43.59 1.22
CA GLU A 311 -8.53 -43.95 1.06
C GLU A 311 -9.38 -42.85 1.68
N ILE A 312 -10.32 -42.33 0.91
CA ILE A 312 -11.21 -41.26 1.33
C ILE A 312 -12.59 -41.86 1.51
N ASP A 313 -13.04 -41.94 2.77
CA ASP A 313 -14.36 -42.45 3.11
C ASP A 313 -15.32 -41.27 3.17
N TRP A 314 -16.21 -41.18 2.19
CA TRP A 314 -17.14 -40.06 2.11
C TRP A 314 -18.28 -40.20 3.11
N GLU A 315 -18.64 -41.43 3.48
CA GLU A 315 -19.64 -41.62 4.54
C GLU A 315 -19.02 -41.34 5.91
N GLN A 316 -17.97 -42.07 6.27
CA GLN A 316 -17.25 -41.77 7.50
C GLN A 316 -16.45 -40.48 7.40
N ARG A 317 -16.21 -39.97 6.20
CA ARG A 317 -15.54 -38.71 5.97
C ARG A 317 -14.15 -38.69 6.59
N THR A 318 -13.35 -39.70 6.23
CA THR A 318 -12.02 -39.86 6.78
C THR A 318 -11.01 -40.05 5.66
N VAL A 319 -9.76 -39.76 5.96
CA VAL A 319 -8.64 -39.99 5.05
C VAL A 319 -7.66 -40.91 5.77
N ARG A 320 -7.41 -42.08 5.18
CA ARG A 320 -6.53 -43.07 5.82
C ARG A 320 -5.47 -43.54 4.83
N THR A 321 -4.22 -43.50 5.24
CA THR A 321 -3.12 -43.92 4.38
C THR A 321 -3.21 -45.43 4.15
N ILE A 322 -3.53 -45.82 2.92
CA ILE A 322 -3.67 -47.24 2.59
C ILE A 322 -2.45 -47.73 1.82
N ASP B 7 -25.49 -7.62 -0.01
CA ASP B 7 -26.10 -7.69 1.31
C ASP B 7 -27.25 -8.70 1.33
N ASN B 8 -27.19 -9.63 2.29
CA ASN B 8 -28.20 -10.67 2.46
C ASN B 8 -28.67 -10.66 3.90
N PRO B 9 -29.64 -9.79 4.23
CA PRO B 9 -30.11 -9.71 5.62
C PRO B 9 -30.95 -10.92 5.98
N VAL B 10 -31.18 -11.06 7.30
CA VAL B 10 -31.95 -12.19 7.82
C VAL B 10 -33.39 -12.16 7.32
N LEU B 11 -33.95 -10.97 7.08
CA LEU B 11 -35.36 -10.79 6.73
C LEU B 11 -36.18 -11.40 7.87
N GLY B 12 -37.17 -12.25 7.60
CA GLY B 12 -38.04 -12.77 8.61
C GLY B 12 -37.69 -14.18 9.07
N THR B 13 -38.46 -14.63 10.07
CA THR B 13 -38.30 -15.97 10.64
C THR B 13 -39.67 -16.61 10.76
N GLU B 14 -39.75 -17.89 10.45
CA GLU B 14 -40.98 -18.67 10.59
C GLU B 14 -40.74 -19.76 11.64
N VAL B 15 -41.59 -19.78 12.66
CA VAL B 15 -41.46 -20.72 13.77
C VAL B 15 -42.65 -21.66 13.75
N THR B 16 -42.37 -22.96 13.71
CA THR B 16 -43.39 -24.00 13.75
C THR B 16 -43.13 -24.90 14.96
N PHE B 17 -44.19 -25.58 15.40
CA PHE B 17 -44.13 -26.43 16.58
C PHE B 17 -44.53 -27.85 16.21
N GLU B 18 -43.65 -28.80 16.52
CA GLU B 18 -43.94 -30.22 16.41
C GLU B 18 -44.37 -30.71 17.80
N LYS B 19 -45.57 -31.25 17.88
CA LYS B 19 -46.18 -31.65 19.14
C LYS B 19 -46.35 -33.16 19.19
N ASP B 20 -46.38 -33.68 20.41
CA ASP B 20 -46.59 -35.10 20.65
C ASP B 20 -48.07 -35.44 20.60
N GLU B 21 -48.36 -36.74 20.61
CA GLU B 21 -49.75 -37.20 20.62
C GLU B 21 -50.43 -36.81 21.93
N ASN B 22 -51.36 -35.85 21.86
CA ASN B 22 -52.04 -35.33 23.04
C ASN B 22 -51.04 -34.83 24.08
N GLY B 23 -49.99 -34.16 23.59
CA GLY B 23 -48.94 -33.67 24.46
C GLY B 23 -48.59 -32.23 24.12
N ARG B 24 -47.63 -31.69 24.88
CA ARG B 24 -47.18 -30.32 24.70
C ARG B 24 -46.25 -30.23 23.50
N ILE B 25 -45.63 -29.07 23.30
CA ILE B 25 -44.71 -28.88 22.18
C ILE B 25 -43.41 -29.60 22.49
N VAL B 26 -43.09 -30.62 21.70
CA VAL B 26 -41.86 -31.38 21.89
C VAL B 26 -40.74 -30.93 20.97
N LYS B 27 -41.01 -30.05 20.02
CA LYS B 27 -39.95 -29.53 19.17
C LYS B 27 -40.36 -28.16 18.63
N ILE B 28 -39.42 -27.24 18.58
CA ILE B 28 -39.62 -25.92 17.98
C ILE B 28 -38.65 -25.77 16.82
N ILE B 29 -39.19 -25.60 15.62
CA ILE B 29 -38.39 -25.50 14.40
C ILE B 29 -38.49 -24.06 13.90
N SER B 30 -37.39 -23.34 13.95
CA SER B 30 -37.31 -21.99 13.42
C SER B 30 -36.56 -22.04 12.10
N LYS B 31 -37.02 -21.27 11.11
CA LYS B 31 -36.38 -21.18 9.81
C LYS B 31 -36.33 -19.72 9.40
N ASN B 32 -35.12 -19.21 9.14
CA ASN B 32 -34.97 -17.85 8.66
C ASN B 32 -35.13 -17.80 7.15
N GLN B 33 -35.92 -16.85 6.67
CA GLN B 33 -36.22 -16.71 5.25
C GLN B 33 -35.28 -15.65 4.67
N TYR B 34 -34.35 -16.08 3.83
CA TYR B 34 -33.40 -15.17 3.22
C TYR B 34 -33.81 -14.84 1.79
N ARG B 35 -33.49 -13.61 1.37
CA ARG B 35 -33.80 -13.19 0.01
C ARG B 35 -32.95 -13.97 -1.00
N ILE B 36 -31.65 -14.05 -0.77
CA ILE B 36 -30.72 -14.72 -1.67
C ILE B 36 -30.46 -16.12 -1.14
N THR B 37 -30.64 -17.13 -1.98
CA THR B 37 -30.27 -18.49 -1.65
C THR B 37 -29.35 -19.02 -2.75
N ILE B 38 -28.23 -19.61 -2.36
CA ILE B 38 -27.25 -20.13 -3.31
C ILE B 38 -27.37 -21.64 -3.34
N TYR B 39 -27.66 -22.18 -4.53
CA TYR B 39 -27.68 -23.62 -4.76
C TYR B 39 -26.50 -23.96 -5.65
N ASN B 40 -25.49 -24.61 -5.11
CA ASN B 40 -24.24 -24.86 -5.82
C ASN B 40 -24.23 -26.27 -6.38
N SER B 41 -23.93 -26.40 -7.67
CA SER B 41 -23.70 -27.67 -8.31
C SER B 41 -22.43 -27.57 -9.13
N VAL B 42 -21.76 -28.69 -9.34
CA VAL B 42 -20.50 -28.68 -10.07
C VAL B 42 -20.31 -30.04 -10.73
N ASP B 43 -19.78 -30.01 -11.95
CA ASP B 43 -19.45 -31.23 -12.67
C ASP B 43 -18.21 -30.97 -13.53
N ALA B 44 -17.67 -32.04 -14.09
CA ALA B 44 -16.47 -31.93 -14.91
C ALA B 44 -16.51 -32.99 -16.00
N GLY B 45 -15.77 -32.73 -17.07
CA GLY B 45 -15.70 -33.64 -18.19
C GLY B 45 -14.38 -33.56 -18.93
N ASP B 46 -13.84 -34.72 -19.30
CA ASP B 46 -12.60 -34.80 -20.05
C ASP B 46 -12.91 -34.92 -21.55
N THR B 47 -11.84 -34.96 -22.33
CA THR B 47 -11.90 -35.03 -23.78
C THR B 47 -10.87 -36.06 -24.24
N PRO B 48 -10.98 -36.53 -25.49
CA PRO B 48 -10.00 -37.51 -25.99
C PRO B 48 -8.55 -37.08 -25.83
N ASN B 49 -8.24 -35.80 -26.00
CA ASN B 49 -6.88 -35.29 -25.85
C ASN B 49 -6.65 -34.64 -24.49
N ASP B 50 -7.37 -35.09 -23.46
CA ASP B 50 -7.11 -34.70 -22.07
C ASP B 50 -7.22 -33.19 -21.86
N ALA B 51 -8.29 -32.60 -22.39
CA ALA B 51 -8.63 -31.20 -22.13
C ALA B 51 -9.87 -31.18 -21.24
N SER B 52 -9.68 -30.86 -19.97
CA SER B 52 -10.76 -30.96 -18.99
C SER B 52 -11.52 -29.65 -18.87
N VAL B 53 -12.84 -29.77 -18.68
CA VAL B 53 -13.71 -28.62 -18.48
C VAL B 53 -14.57 -28.89 -17.26
N SER B 54 -14.52 -27.99 -16.28
CA SER B 54 -15.34 -28.11 -15.08
C SER B 54 -16.27 -26.92 -14.98
N LEU B 55 -17.55 -27.19 -14.82
CA LEU B 55 -18.59 -26.18 -14.70
C LEU B 55 -19.13 -26.18 -13.28
N ASP B 56 -19.06 -25.02 -12.61
CA ASP B 56 -19.57 -24.84 -11.26
C ASP B 56 -20.65 -23.76 -11.33
N VAL B 57 -21.92 -24.17 -11.25
CA VAL B 57 -23.04 -23.26 -11.39
C VAL B 57 -23.66 -23.03 -10.02
N ASP B 58 -23.73 -21.75 -9.64
CA ASP B 58 -24.45 -21.32 -8.44
C ASP B 58 -25.76 -20.70 -8.90
N PHE B 59 -26.87 -21.40 -8.63
CA PHE B 59 -28.19 -20.88 -8.90
C PHE B 59 -28.59 -19.93 -7.78
N ILE B 60 -29.06 -18.74 -8.16
CA ILE B 60 -29.42 -17.70 -7.20
C ILE B 60 -30.94 -17.69 -7.11
N ASP B 61 -31.46 -18.40 -6.11
CA ASP B 61 -32.88 -18.35 -5.79
C ASP B 61 -33.14 -16.99 -5.14
N ASP B 62 -33.73 -16.08 -5.89
CA ASP B 62 -34.02 -14.73 -5.46
C ASP B 62 -35.52 -14.53 -5.38
N LYS B 63 -36.03 -14.30 -4.16
CA LYS B 63 -37.44 -13.93 -4.02
C LYS B 63 -37.70 -12.57 -4.64
N ASN B 64 -36.71 -11.68 -4.63
CA ASN B 64 -36.82 -10.35 -5.22
C ASN B 64 -36.31 -10.33 -6.66
N SER B 65 -36.82 -11.24 -7.50
CA SER B 65 -36.43 -11.30 -8.89
C SER B 65 -37.53 -11.99 -9.69
N GLY B 66 -37.69 -11.56 -10.94
CA GLY B 66 -38.69 -12.13 -11.82
C GLY B 66 -38.15 -13.21 -12.75
N GLU B 67 -36.83 -13.33 -12.81
CA GLU B 67 -36.19 -14.33 -13.65
C GLU B 67 -35.10 -15.02 -12.86
N MET B 68 -34.96 -16.33 -13.09
CA MET B 68 -33.92 -17.09 -12.40
C MET B 68 -32.55 -16.76 -12.97
N GLY B 69 -31.54 -16.80 -12.09
CA GLY B 69 -30.18 -16.51 -12.48
C GLY B 69 -29.23 -17.58 -12.01
N ALA B 70 -28.13 -17.71 -12.75
CA ALA B 70 -27.12 -18.71 -12.44
C ALA B 70 -25.75 -18.17 -12.81
N VAL B 71 -24.85 -18.12 -11.83
CA VAL B 71 -23.46 -17.73 -12.08
C VAL B 71 -22.66 -19.00 -12.29
N ALA B 72 -22.13 -19.18 -13.50
CA ALA B 72 -21.41 -20.40 -13.88
C ALA B 72 -19.94 -20.07 -14.04
N SER B 73 -19.10 -20.74 -13.27
CA SER B 73 -17.66 -20.61 -13.37
C SER B 73 -17.12 -21.81 -14.14
N ILE B 74 -16.40 -21.52 -15.23
CA ILE B 74 -15.78 -22.55 -16.05
C ILE B 74 -14.29 -22.54 -15.74
N ASN B 75 -13.80 -23.68 -15.25
CA ASN B 75 -12.38 -23.90 -15.04
C ASN B 75 -11.91 -24.92 -16.07
N THR B 76 -11.03 -24.51 -16.97
CA THR B 76 -10.62 -25.33 -18.08
C THR B 76 -9.13 -25.60 -18.00
N PHE B 77 -8.74 -26.80 -18.45
CA PHE B 77 -7.34 -27.12 -18.70
C PHE B 77 -7.23 -27.62 -20.13
N ILE B 78 -6.61 -26.82 -20.99
CA ILE B 78 -6.32 -27.22 -22.36
C ILE B 78 -4.83 -27.53 -22.43
N PRO B 79 -4.44 -28.80 -22.58
CA PRO B 79 -3.02 -29.14 -22.62
C PRO B 79 -2.33 -28.48 -23.80
N SER B 80 -1.07 -28.10 -23.60
CA SER B 80 -0.33 -27.41 -24.65
C SER B 80 -0.11 -28.31 -25.86
N GLY B 81 -0.04 -29.62 -25.65
CA GLY B 81 0.29 -30.52 -26.75
C GLY B 81 1.68 -30.27 -27.30
N LEU B 82 2.63 -29.93 -26.43
CA LEU B 82 3.99 -29.62 -26.84
C LEU B 82 4.66 -30.91 -27.28
N ARG B 83 4.74 -31.12 -28.60
CA ARG B 83 5.21 -32.38 -29.14
C ARG B 83 6.55 -32.18 -29.85
N TYR B 84 7.44 -33.17 -29.71
CA TYR B 84 8.75 -33.11 -30.34
C TYR B 84 8.86 -34.20 -31.40
N VAL B 85 9.23 -33.81 -32.61
CA VAL B 85 9.35 -34.73 -33.74
C VAL B 85 10.78 -34.68 -34.27
N GLU B 86 11.39 -35.85 -34.43
CA GLU B 86 12.77 -35.95 -34.91
C GLU B 86 12.84 -35.73 -36.41
N GLY B 87 13.85 -34.98 -36.85
CA GLY B 87 14.14 -34.80 -38.25
C GLY B 87 13.00 -34.23 -39.06
N TYR B 88 12.38 -33.16 -38.56
CA TYR B 88 11.18 -32.61 -39.18
C TYR B 88 11.59 -31.68 -40.32
N LYS B 89 11.38 -32.14 -41.55
CA LYS B 89 11.57 -31.34 -42.76
C LYS B 89 12.98 -30.75 -42.82
N TYR B 90 13.97 -31.65 -42.84
CA TYR B 90 15.35 -31.20 -43.05
C TYR B 90 15.51 -30.60 -44.43
N LYS B 91 14.95 -31.26 -45.46
CA LYS B 91 14.96 -30.74 -46.82
C LYS B 91 13.57 -30.92 -47.41
N GLY B 92 13.01 -29.84 -47.92
CA GLY B 92 11.68 -29.91 -48.54
C GLY B 92 10.64 -30.39 -47.55
N VAL B 93 9.87 -31.40 -47.96
CA VAL B 93 8.84 -31.99 -47.13
C VAL B 93 9.22 -33.42 -46.71
N THR B 94 10.50 -33.77 -46.85
CA THR B 94 10.98 -35.09 -46.44
C THR B 94 11.06 -35.16 -44.92
N ASN B 95 10.53 -36.24 -44.35
CA ASN B 95 10.43 -36.41 -42.90
C ASN B 95 11.05 -37.74 -42.46
N PRO B 96 12.39 -37.85 -42.48
CA PRO B 96 13.01 -39.03 -41.88
C PRO B 96 13.09 -38.91 -40.37
N ILE B 97 12.84 -40.03 -39.69
CA ILE B 97 13.14 -40.11 -38.26
C ILE B 97 14.60 -40.43 -37.99
N TYR B 98 15.35 -40.80 -39.03
CA TYR B 98 16.76 -41.19 -38.85
C TYR B 98 17.65 -39.98 -38.65
N LYS B 99 17.65 -39.04 -39.59
CA LYS B 99 18.54 -37.89 -39.52
C LYS B 99 18.10 -36.96 -38.38
N ASN B 100 19.07 -36.51 -37.59
CA ASN B 100 18.79 -35.63 -36.47
C ASN B 100 19.55 -34.31 -36.62
N LEU B 101 19.55 -33.76 -37.83
CA LEU B 101 20.05 -32.41 -38.05
C LEU B 101 18.97 -31.36 -37.89
N SER B 102 17.73 -31.78 -37.67
CA SER B 102 16.62 -30.86 -37.47
C SER B 102 15.61 -31.51 -36.53
N ALA B 103 14.80 -30.67 -35.88
CA ALA B 103 13.77 -31.15 -34.98
C ALA B 103 12.62 -30.17 -34.96
N GLY B 104 11.39 -30.69 -34.94
CA GLY B 104 10.20 -29.87 -34.91
C GLY B 104 9.53 -29.91 -33.54
N MET B 105 8.98 -28.78 -33.13
CA MET B 105 8.24 -28.67 -31.88
C MET B 105 6.86 -28.10 -32.16
N LEU B 106 5.84 -28.91 -31.92
CA LEU B 106 4.44 -28.49 -32.03
C LEU B 106 4.06 -27.79 -30.72
N TRP B 107 3.73 -26.50 -30.83
CA TRP B 107 3.44 -25.63 -29.70
C TRP B 107 2.16 -24.84 -29.94
N PRO B 108 1.36 -24.63 -28.90
CA PRO B 108 0.02 -24.03 -29.09
C PRO B 108 0.00 -22.51 -29.17
N LYS B 109 0.11 -21.93 -30.36
CA LYS B 109 0.12 -20.47 -30.45
C LYS B 109 -1.18 -19.88 -29.92
N LYS B 110 -2.31 -20.41 -30.37
CA LYS B 110 -3.60 -19.77 -30.16
C LYS B 110 -4.56 -20.75 -29.51
N TYR B 111 -5.08 -20.37 -28.34
CA TYR B 111 -6.13 -21.10 -27.67
C TYR B 111 -7.47 -20.46 -28.00
N ARG B 112 -8.50 -21.30 -28.13
CA ARG B 112 -9.84 -20.85 -28.47
C ARG B 112 -10.83 -21.54 -27.55
N VAL B 113 -11.64 -20.75 -26.85
CA VAL B 113 -12.62 -21.30 -25.92
C VAL B 113 -13.99 -20.75 -26.28
N GLU B 114 -14.94 -21.64 -26.56
CA GLU B 114 -16.31 -21.28 -26.86
C GLU B 114 -17.24 -21.89 -25.82
N VAL B 115 -18.13 -21.08 -25.26
CA VAL B 115 -19.20 -21.55 -24.40
C VAL B 115 -20.51 -21.24 -25.08
N VAL B 116 -21.35 -22.25 -25.27
CA VAL B 116 -22.58 -22.11 -26.04
C VAL B 116 -23.76 -22.38 -25.13
N ASN B 117 -24.68 -21.41 -25.06
CA ASN B 117 -25.94 -21.57 -24.34
C ASN B 117 -27.00 -22.06 -25.33
N ILE B 118 -27.51 -23.26 -25.09
CA ILE B 118 -28.51 -23.85 -25.97
C ILE B 118 -29.84 -23.93 -25.23
N PRO B 119 -30.77 -23.03 -25.49
CA PRO B 119 -32.08 -23.11 -24.82
C PRO B 119 -32.83 -24.37 -25.23
N ILE B 120 -33.60 -24.91 -24.30
CA ILE B 120 -34.38 -26.12 -24.54
C ILE B 120 -35.86 -25.82 -24.33
N ASP B 121 -36.22 -25.39 -23.12
CA ASP B 121 -37.59 -25.10 -22.77
C ASP B 121 -37.91 -23.61 -22.73
N GLN B 122 -37.00 -22.79 -22.23
CA GLN B 122 -37.20 -21.35 -22.14
C GLN B 122 -36.00 -20.63 -22.75
N ALA B 123 -36.18 -19.33 -22.96
CA ALA B 123 -35.17 -18.50 -23.63
C ALA B 123 -34.08 -18.13 -22.64
N THR B 124 -33.23 -19.11 -22.34
CA THR B 124 -32.06 -18.85 -21.50
C THR B 124 -31.07 -17.97 -22.25
N LYS B 125 -30.55 -16.96 -21.56
CA LYS B 125 -29.71 -15.94 -22.18
C LYS B 125 -28.42 -15.77 -21.38
N ILE B 126 -27.33 -15.50 -22.10
CA ILE B 126 -26.06 -15.14 -21.47
C ILE B 126 -26.08 -13.64 -21.20
N ILE B 127 -25.97 -13.27 -19.93
CA ILE B 127 -26.02 -11.86 -19.55
C ILE B 127 -24.66 -11.20 -19.67
N THR B 128 -23.65 -11.78 -19.00
CA THR B 128 -22.31 -11.21 -19.04
C THR B 128 -21.29 -12.33 -18.92
N ALA B 129 -20.09 -12.05 -19.42
CA ALA B 129 -18.96 -12.96 -19.36
C ALA B 129 -17.81 -12.26 -18.65
N THR B 130 -17.30 -12.85 -17.58
CA THR B 130 -16.32 -12.16 -16.75
C THR B 130 -15.05 -11.77 -17.50
N PRO B 131 -14.42 -12.62 -18.32
CA PRO B 131 -13.22 -12.15 -19.04
C PRO B 131 -13.59 -11.20 -20.15
N ASN B 132 -13.39 -9.90 -19.93
CA ASN B 132 -13.76 -8.87 -20.87
C ASN B 132 -12.52 -8.12 -21.34
N ASN B 133 -12.59 -7.60 -22.56
CA ASN B 133 -11.50 -6.80 -23.10
C ASN B 133 -11.41 -5.48 -22.36
N ASN B 134 -10.21 -5.15 -21.87
CA ASN B 134 -9.98 -3.94 -21.11
C ASN B 134 -9.04 -3.02 -21.87
N ILE B 135 -9.23 -1.72 -21.70
CA ILE B 135 -8.36 -0.73 -22.35
C ILE B 135 -7.06 -0.65 -21.56
N LYS B 136 -6.04 -1.36 -22.02
CA LYS B 136 -4.75 -1.36 -21.35
C LYS B 136 -4.05 -0.03 -21.64
N GLU B 137 -3.52 0.60 -20.59
CA GLU B 137 -2.94 1.93 -20.69
C GLU B 137 -1.42 1.84 -20.51
N LYS B 138 -0.71 2.72 -21.22
CA LYS B 138 0.73 2.82 -21.10
C LYS B 138 1.11 4.11 -20.39
N GLN B 139 2.35 4.16 -19.93
CA GLN B 139 2.89 5.33 -19.24
C GLN B 139 3.90 6.00 -20.16
N VAL B 140 3.66 7.26 -20.49
CA VAL B 140 4.49 8.02 -21.41
C VAL B 140 5.13 9.18 -20.66
N SER B 141 6.45 9.24 -20.70
CA SER B 141 7.23 10.29 -20.06
C SER B 141 7.97 11.06 -21.14
N ASP B 142 7.69 12.36 -21.24
CA ASP B 142 8.30 13.22 -22.25
C ASP B 142 9.20 14.23 -21.55
N THR B 143 10.47 14.26 -21.93
CA THR B 143 11.46 15.14 -21.34
C THR B 143 12.08 16.01 -22.43
N ILE B 144 12.13 17.32 -22.17
CA ILE B 144 12.81 18.28 -23.02
C ILE B 144 13.93 18.90 -22.20
N SER B 145 15.16 18.78 -22.69
CA SER B 145 16.33 19.22 -21.94
C SER B 145 17.12 20.23 -22.75
N TYR B 146 17.40 21.38 -22.13
CA TYR B 146 18.28 22.40 -22.67
C TYR B 146 19.62 22.36 -21.94
N GLY B 147 20.64 22.95 -22.56
CA GLY B 147 21.93 23.03 -21.90
C GLY B 147 22.87 24.03 -22.57
N PHE B 148 23.66 24.73 -21.75
CA PHE B 148 24.63 25.71 -22.24
C PHE B 148 26.00 25.41 -21.65
N GLY B 149 27.05 25.78 -22.38
CA GLY B 149 28.40 25.51 -21.96
C GLY B 149 29.23 26.77 -21.87
N GLY B 150 30.32 26.69 -21.13
CA GLY B 150 31.20 27.82 -20.93
C GLY B 150 32.54 27.70 -21.62
N SER B 151 33.06 26.48 -21.72
CA SER B 151 34.36 26.20 -22.35
C SER B 151 35.42 27.06 -21.65
N VAL B 152 36.11 27.95 -22.37
CA VAL B 152 37.13 28.83 -21.79
C VAL B 152 38.22 28.03 -21.07
N SER B 162 33.96 27.42 -27.10
CA SER B 162 33.48 28.73 -26.71
C SER B 162 32.18 28.64 -25.92
N ILE B 163 31.06 28.60 -26.65
CA ILE B 163 29.74 28.42 -26.04
C ILE B 163 29.04 27.26 -26.74
N GLU B 164 28.74 26.21 -25.98
CA GLU B 164 28.13 25.00 -26.50
C GLU B 164 26.68 24.94 -26.05
N ALA B 165 25.78 24.62 -26.98
CA ALA B 165 24.35 24.53 -26.71
C ALA B 165 23.87 23.12 -27.05
N ASN B 166 23.03 22.56 -26.20
CA ASN B 166 22.50 21.23 -26.37
C ASN B 166 20.99 21.24 -26.15
N LEU B 167 20.28 20.42 -26.93
CA LEU B 167 18.83 20.30 -26.84
C LEU B 167 18.46 18.86 -27.13
N ALA B 168 17.80 18.20 -26.18
CA ALA B 168 17.46 16.79 -26.31
C ALA B 168 15.99 16.56 -26.01
N TYR B 169 15.35 15.74 -26.84
CA TYR B 169 13.98 15.30 -26.64
C TYR B 169 13.96 13.80 -26.39
N THR B 170 13.31 13.37 -25.31
CA THR B 170 13.26 11.96 -24.96
C THR B 170 11.82 11.57 -24.63
N LYS B 171 11.39 10.42 -25.15
CA LYS B 171 10.05 9.90 -24.89
C LYS B 171 10.16 8.44 -24.46
N THR B 172 9.74 8.14 -23.24
CA THR B 172 9.79 6.80 -22.66
C THR B 172 8.37 6.25 -22.57
N THR B 173 8.18 5.06 -23.14
CA THR B 173 6.89 4.38 -23.10
C THR B 173 7.05 3.08 -22.33
N THR B 174 6.29 2.94 -21.25
CA THR B 174 6.36 1.77 -20.37
C THR B 174 4.99 1.11 -20.32
N TYR B 175 4.98 -0.23 -20.45
CA TYR B 175 3.73 -0.97 -20.43
C TYR B 175 4.00 -2.40 -19.96
N ASP B 176 2.93 -3.10 -19.63
CA ASP B 176 3.00 -4.51 -19.24
C ASP B 176 2.61 -5.37 -20.44
N GLN B 177 3.52 -6.24 -20.85
CA GLN B 177 3.31 -7.09 -22.02
C GLN B 177 3.16 -8.54 -21.60
N PRO B 178 1.96 -9.10 -21.60
CA PRO B 178 1.81 -10.52 -21.27
C PRO B 178 2.33 -11.41 -22.40
N ASP B 179 2.75 -12.62 -22.01
CA ASP B 179 3.18 -13.60 -23.00
C ASP B 179 2.02 -14.01 -23.91
N TYR B 180 0.84 -14.19 -23.33
CA TYR B 180 -0.37 -14.52 -24.07
C TYR B 180 -1.41 -13.44 -23.80
N GLU B 181 -2.08 -12.99 -24.86
CA GLU B 181 -3.12 -11.97 -24.76
C GLU B 181 -4.48 -12.64 -24.94
N THR B 182 -5.34 -12.52 -23.93
CA THR B 182 -6.67 -13.10 -23.95
C THR B 182 -7.67 -12.01 -24.33
N SER B 183 -8.37 -12.21 -25.44
CA SER B 183 -9.33 -11.24 -25.95
C SER B 183 -10.66 -11.94 -26.17
N GLN B 184 -11.73 -11.34 -25.66
CA GLN B 184 -13.09 -11.85 -25.87
C GLN B 184 -13.55 -11.41 -27.25
N ILE B 185 -13.50 -12.32 -28.22
CA ILE B 185 -13.82 -11.97 -29.60
C ILE B 185 -15.31 -12.05 -29.90
N LYS B 186 -16.10 -12.70 -29.06
CA LYS B 186 -17.53 -12.76 -29.33
C LYS B 186 -18.29 -12.91 -28.02
N LYS B 187 -19.42 -12.22 -27.90
CA LYS B 187 -20.25 -12.32 -26.71
C LYS B 187 -21.68 -11.97 -27.12
N THR B 188 -22.52 -12.99 -27.26
CA THR B 188 -23.95 -12.82 -27.54
C THR B 188 -24.75 -13.46 -26.41
N THR B 189 -26.07 -13.48 -26.58
CA THR B 189 -26.95 -14.12 -25.61
C THR B 189 -26.89 -15.63 -25.65
N LYS B 190 -26.26 -16.21 -26.67
CA LYS B 190 -26.23 -17.66 -26.83
C LYS B 190 -24.83 -18.28 -26.82
N GLU B 191 -23.78 -17.50 -27.03
CA GLU B 191 -22.44 -18.06 -27.03
C GLU B 191 -21.41 -16.96 -26.81
N ALA B 192 -20.34 -17.31 -26.10
CA ALA B 192 -19.21 -16.42 -25.85
C ALA B 192 -17.93 -17.12 -26.30
N VAL B 193 -17.11 -16.41 -27.08
CA VAL B 193 -15.92 -16.96 -27.70
C VAL B 193 -14.73 -16.09 -27.30
N TRP B 194 -13.71 -16.72 -26.71
CA TRP B 194 -12.47 -16.07 -26.33
C TRP B 194 -11.30 -16.66 -27.11
N ASP B 195 -10.35 -15.80 -27.47
CA ASP B 195 -9.06 -16.20 -27.98
C ASP B 195 -7.97 -15.91 -26.97
N THR B 196 -6.86 -16.63 -27.08
CA THR B 196 -5.66 -16.40 -26.28
C THR B 196 -4.47 -16.65 -27.20
N SER B 197 -3.89 -15.58 -27.71
CA SER B 197 -2.87 -15.67 -28.73
C SER B 197 -1.49 -15.34 -28.17
N PHE B 198 -0.48 -16.03 -28.68
CA PHE B 198 0.90 -15.77 -28.28
C PHE B 198 1.34 -14.41 -28.82
N VAL B 199 1.94 -13.61 -27.95
CA VAL B 199 2.39 -12.27 -28.33
C VAL B 199 3.88 -12.31 -28.60
N GLU B 200 4.67 -12.62 -27.57
CA GLU B 200 6.12 -12.68 -27.71
C GLU B 200 6.71 -13.37 -26.49
N THR B 201 7.95 -13.81 -26.63
CA THR B 201 8.68 -14.41 -25.51
C THR B 201 9.22 -13.31 -24.60
N ARG B 202 9.83 -13.74 -23.49
CA ARG B 202 10.44 -12.79 -22.58
C ARG B 202 11.59 -12.04 -23.23
N ASP B 203 12.33 -12.69 -24.13
CA ASP B 203 13.48 -12.07 -24.78
C ASP B 203 13.04 -11.10 -25.88
N GLY B 204 11.79 -11.18 -26.33
CA GLY B 204 11.27 -10.23 -27.29
C GLY B 204 11.09 -10.74 -28.70
N TYR B 205 11.10 -12.05 -28.92
CA TYR B 205 10.86 -12.62 -30.23
C TYR B 205 9.41 -13.06 -30.38
N THR B 206 8.91 -12.93 -31.61
CA THR B 206 7.53 -13.18 -31.97
C THR B 206 7.49 -14.19 -33.10
N PRO B 207 6.37 -14.89 -33.29
CA PRO B 207 6.29 -15.85 -34.40
C PRO B 207 6.54 -15.24 -35.77
N ASN B 208 6.34 -13.93 -35.91
CA ASN B 208 6.56 -13.25 -37.18
C ASN B 208 7.96 -12.68 -37.30
N SER B 209 8.81 -12.85 -36.29
CA SER B 209 10.17 -12.36 -36.35
C SER B 209 11.00 -13.20 -37.32
N TRP B 210 11.98 -12.56 -37.95
CA TRP B 210 12.83 -13.24 -38.92
C TRP B 210 14.16 -12.51 -39.01
N ASN B 211 15.25 -13.22 -38.70
CA ASN B 211 16.65 -12.91 -38.86
C ASN B 211 17.17 -13.53 -40.15
N PRO B 212 17.73 -12.72 -41.06
CA PRO B 212 18.12 -13.27 -42.37
C PRO B 212 19.14 -14.38 -42.31
N VAL B 213 19.95 -14.45 -41.25
CA VAL B 213 20.91 -15.53 -41.10
C VAL B 213 20.48 -16.57 -40.07
N TYR B 214 19.66 -16.22 -39.08
CA TYR B 214 19.29 -17.12 -38.01
C TYR B 214 17.82 -17.55 -38.06
N GLY B 215 17.02 -16.95 -38.92
CA GLY B 215 15.60 -17.30 -38.95
C GLY B 215 14.88 -16.77 -37.73
N ASN B 216 13.94 -17.56 -37.22
CA ASN B 216 13.15 -17.20 -36.05
C ASN B 216 13.79 -17.79 -34.80
N GLN B 217 14.01 -16.95 -33.79
CA GLN B 217 14.73 -17.33 -32.59
C GLN B 217 13.83 -17.32 -31.35
N MET B 218 12.56 -17.69 -31.50
CA MET B 218 11.67 -17.73 -30.34
C MET B 218 12.19 -18.69 -29.28
N PHE B 219 12.69 -19.85 -29.70
CA PHE B 219 13.11 -20.89 -28.78
C PHE B 219 14.52 -21.39 -29.11
N MET B 220 15.38 -20.50 -29.60
CA MET B 220 16.78 -20.84 -29.85
C MET B 220 17.52 -20.74 -28.52
N ARG B 221 17.77 -21.90 -27.91
CA ARG B 221 18.50 -21.92 -26.65
C ARG B 221 19.94 -21.49 -26.84
N GLY B 222 20.54 -21.87 -27.96
CA GLY B 222 21.91 -21.48 -28.26
C GLY B 222 22.06 -21.12 -29.73
N ARG B 223 22.74 -20.00 -29.97
CA ARG B 223 22.97 -19.57 -31.35
C ARG B 223 23.94 -20.52 -32.06
N TYR B 224 25.04 -20.87 -31.39
CA TYR B 224 26.02 -21.83 -31.88
C TYR B 224 26.24 -22.86 -30.77
N SER B 225 25.46 -23.93 -30.78
CA SER B 225 25.51 -24.96 -29.76
C SER B 225 25.72 -26.31 -30.41
N ASN B 226 26.69 -27.07 -29.89
CA ASN B 226 26.96 -28.43 -30.39
C ASN B 226 26.14 -29.42 -29.58
N VAL B 227 24.82 -29.30 -29.70
CA VAL B 227 23.87 -30.14 -28.99
C VAL B 227 22.85 -30.67 -29.99
N SER B 228 22.01 -31.58 -29.51
CA SER B 228 20.94 -32.11 -30.33
C SER B 228 19.94 -31.00 -30.63
N PRO B 229 19.26 -31.07 -31.79
CA PRO B 229 18.30 -30.01 -32.13
C PRO B 229 17.21 -29.82 -31.10
N ILE B 230 16.74 -30.90 -30.47
CA ILE B 230 15.78 -30.77 -29.38
C ILE B 230 16.41 -30.05 -28.19
N ASP B 231 17.67 -30.38 -27.87
CA ASP B 231 18.34 -29.74 -26.76
C ASP B 231 18.58 -28.26 -27.00
N ASN B 232 18.51 -27.80 -28.25
CA ASN B 232 18.63 -26.39 -28.57
C ASN B 232 17.29 -25.68 -28.59
N ILE B 233 16.20 -26.39 -28.34
CA ILE B 233 14.86 -25.82 -28.30
C ILE B 233 14.51 -25.50 -26.86
N LYS B 234 14.12 -24.25 -26.60
CA LYS B 234 13.77 -23.85 -25.24
C LYS B 234 12.56 -24.63 -24.75
N LYS B 235 12.64 -25.09 -23.51
CA LYS B 235 11.57 -25.88 -22.92
C LYS B 235 11.62 -25.74 -21.40
N GLY B 236 10.52 -26.12 -20.76
CA GLY B 236 10.46 -26.05 -19.31
C GLY B 236 10.14 -24.65 -18.84
N GLY B 237 10.94 -24.13 -17.91
CA GLY B 237 10.73 -22.80 -17.39
C GLY B 237 11.24 -21.68 -18.25
N GLU B 238 12.01 -22.00 -19.29
CA GLU B 238 12.49 -20.98 -20.22
C GLU B 238 11.42 -20.50 -21.19
N VAL B 239 10.28 -21.20 -21.26
CA VAL B 239 9.17 -20.78 -22.12
C VAL B 239 7.98 -20.43 -21.24
N SER B 240 6.90 -19.96 -21.85
CA SER B 240 5.70 -19.63 -21.11
C SER B 240 5.08 -20.88 -20.52
N SER B 241 4.41 -20.71 -19.36
CA SER B 241 3.76 -21.83 -18.71
C SER B 241 2.63 -22.41 -19.55
N LEU B 242 2.08 -21.64 -20.50
CA LEU B 242 1.06 -22.16 -21.40
C LEU B 242 1.65 -22.98 -22.54
N ILE B 243 2.97 -23.00 -22.69
CA ILE B 243 3.63 -23.78 -23.72
C ILE B 243 4.21 -25.08 -23.16
N SER B 244 4.88 -24.99 -22.01
CA SER B 244 5.41 -26.21 -21.38
C SER B 244 4.29 -27.00 -20.71
N GLY B 245 3.31 -26.31 -20.14
CA GLY B 245 2.21 -26.96 -19.44
C GLY B 245 0.91 -26.94 -20.21
N GLY B 246 0.03 -26.00 -19.85
CA GLY B 246 -1.24 -25.88 -20.53
C GLY B 246 -1.92 -24.59 -20.14
N PHE B 247 -3.06 -24.34 -20.77
CA PHE B 247 -3.84 -23.14 -20.53
C PHE B 247 -4.93 -23.43 -19.51
N SER B 248 -5.05 -22.56 -18.50
CA SER B 248 -6.03 -22.72 -17.43
C SER B 248 -6.84 -21.43 -17.33
N PRO B 249 -7.81 -21.25 -18.23
CA PRO B 249 -8.62 -20.01 -18.21
C PRO B 249 -9.74 -20.12 -17.19
N LYS B 250 -9.78 -19.16 -16.26
CA LYS B 250 -10.90 -19.02 -15.33
C LYS B 250 -11.94 -18.12 -15.97
N MET B 251 -13.17 -18.60 -16.09
CA MET B 251 -14.21 -17.89 -16.82
C MET B 251 -15.49 -17.85 -16.00
N GLY B 252 -16.29 -16.82 -16.23
CA GLY B 252 -17.57 -16.70 -15.55
C GLY B 252 -18.66 -16.15 -16.45
N VAL B 253 -19.80 -16.84 -16.48
CA VAL B 253 -20.93 -16.44 -17.31
C VAL B 253 -22.17 -16.35 -16.45
N VAL B 254 -22.93 -15.28 -16.61
CA VAL B 254 -24.17 -15.08 -15.89
C VAL B 254 -25.33 -15.42 -16.82
N LEU B 255 -26.12 -16.42 -16.44
CA LEU B 255 -27.25 -16.86 -17.23
C LEU B 255 -28.55 -16.42 -16.55
N ALA B 256 -29.41 -15.76 -17.31
CA ALA B 256 -30.73 -15.36 -16.84
C ALA B 256 -31.78 -16.03 -17.70
N SER B 257 -32.75 -16.68 -17.05
CA SER B 257 -33.76 -17.43 -17.78
C SER B 257 -35.12 -17.21 -17.12
N PRO B 258 -36.21 -17.35 -17.87
CA PRO B 258 -37.54 -17.16 -17.29
C PRO B 258 -37.80 -18.11 -16.12
N ASN B 259 -38.83 -17.77 -15.34
CA ASN B 259 -39.09 -18.46 -14.08
C ASN B 259 -39.49 -19.92 -14.28
N GLY B 260 -39.97 -20.28 -15.46
CA GLY B 260 -40.46 -21.63 -15.67
C GLY B 260 -39.48 -22.57 -16.34
N THR B 261 -38.20 -22.20 -16.32
CA THR B 261 -37.19 -23.01 -17.00
C THR B 261 -36.98 -24.34 -16.29
N LYS B 262 -36.90 -25.41 -17.09
CA LYS B 262 -36.65 -26.75 -16.58
C LYS B 262 -35.23 -27.22 -16.88
N LYS B 263 -34.80 -27.18 -18.14
CA LYS B 263 -33.49 -27.68 -18.51
C LYS B 263 -32.87 -26.78 -19.58
N SER B 264 -31.55 -26.59 -19.48
CA SER B 264 -30.76 -25.88 -20.47
C SER B 264 -29.51 -26.69 -20.77
N GLN B 265 -28.82 -26.32 -21.85
CA GLN B 265 -27.60 -27.00 -22.26
C GLN B 265 -26.47 -25.98 -22.35
N PHE B 266 -25.27 -26.41 -21.96
CA PHE B 266 -24.09 -25.55 -21.94
C PHE B 266 -22.94 -26.33 -22.56
N VAL B 267 -22.52 -25.95 -23.75
CA VAL B 267 -21.44 -26.63 -24.47
C VAL B 267 -20.20 -25.75 -24.40
N VAL B 268 -19.17 -26.24 -23.71
CA VAL B 268 -17.89 -25.56 -23.63
C VAL B 268 -16.99 -26.18 -24.68
N ARG B 269 -16.58 -25.39 -25.67
CA ARG B 269 -15.78 -25.88 -26.78
C ARG B 269 -14.36 -25.33 -26.63
N VAL B 270 -13.39 -26.24 -26.59
CA VAL B 270 -11.97 -25.89 -26.45
C VAL B 270 -11.26 -26.22 -27.75
N SER B 271 -10.53 -25.24 -28.27
CA SER B 271 -9.77 -25.39 -29.50
C SER B 271 -8.40 -24.78 -29.31
N ARG B 272 -7.37 -25.52 -29.70
CA ARG B 272 -5.99 -25.01 -29.69
C ARG B 272 -5.41 -25.19 -31.09
N MET B 273 -4.72 -24.16 -31.57
CA MET B 273 -4.02 -24.21 -32.84
C MET B 273 -2.51 -24.18 -32.56
N SER B 274 -1.82 -25.22 -33.04
CA SER B 274 -0.42 -25.41 -32.75
C SER B 274 0.40 -25.23 -34.02
N ASP B 275 1.52 -24.53 -33.89
CA ASP B 275 2.47 -24.32 -34.96
C ASP B 275 3.69 -25.19 -34.73
N MET B 276 4.52 -25.29 -35.76
CA MET B 276 5.71 -26.14 -35.72
C MET B 276 6.94 -25.26 -35.77
N TYR B 277 7.64 -25.15 -34.65
CA TYR B 277 8.93 -24.47 -34.59
C TYR B 277 9.99 -25.46 -35.04
N ILE B 278 10.61 -25.20 -36.18
CA ILE B 278 11.60 -26.08 -36.78
C ILE B 278 12.98 -25.53 -36.44
N MET B 279 13.78 -26.35 -35.78
CA MET B 279 15.17 -26.05 -35.46
C MET B 279 16.03 -26.89 -36.40
N ARG B 280 16.59 -26.23 -37.41
CA ARG B 280 17.48 -26.89 -38.36
C ARG B 280 18.92 -26.51 -38.07
N TRP B 281 19.83 -27.39 -38.45
CA TRP B 281 21.27 -27.13 -38.33
C TRP B 281 21.84 -26.97 -39.73
N SER B 282 22.23 -25.75 -40.06
CA SER B 282 22.86 -25.46 -41.34
C SER B 282 24.33 -25.87 -41.27
N GLY B 283 25.11 -25.48 -42.28
CA GLY B 283 26.52 -25.81 -42.28
C GLY B 283 27.29 -25.18 -41.13
N THR B 284 26.89 -23.98 -40.73
CA THR B 284 27.60 -23.24 -39.69
C THR B 284 26.72 -22.82 -38.52
N GLU B 285 25.47 -22.41 -38.78
CA GLU B 285 24.64 -21.82 -37.75
C GLU B 285 23.31 -22.56 -37.64
N TRP B 286 22.67 -22.42 -36.49
CA TRP B 286 21.32 -22.91 -36.28
C TRP B 286 20.31 -22.04 -37.02
N GLY B 287 19.11 -22.57 -37.20
CA GLY B 287 18.06 -21.82 -37.86
C GLY B 287 16.68 -22.19 -37.38
N GLY B 288 15.84 -21.18 -37.15
CA GLY B 288 14.49 -21.43 -36.69
C GLY B 288 13.43 -20.96 -37.68
N GLU B 289 12.47 -21.82 -37.97
CA GLU B 289 11.39 -21.50 -38.90
C GLU B 289 10.06 -21.87 -38.27
N ASN B 290 9.13 -20.92 -38.22
CA ASN B 290 7.81 -21.18 -37.63
C ASN B 290 6.84 -21.52 -38.75
N GLU B 291 6.44 -22.79 -38.83
CA GLU B 291 5.43 -23.23 -39.78
C GLU B 291 4.06 -23.07 -39.14
N ILE B 292 3.20 -22.28 -39.78
CA ILE B 292 1.91 -21.89 -39.21
C ILE B 292 0.96 -23.08 -39.22
N ASN B 293 -0.17 -22.94 -38.52
CA ASN B 293 -1.06 -24.06 -38.27
C ASN B 293 -1.61 -24.66 -39.56
N GLN B 294 -2.00 -23.82 -40.51
CA GLN B 294 -2.60 -24.33 -41.73
C GLN B 294 -1.60 -25.02 -42.65
N ASN B 295 -0.30 -24.90 -42.38
CA ASN B 295 0.71 -25.57 -43.17
C ASN B 295 1.22 -26.85 -42.54
N VAL B 296 0.98 -27.07 -41.26
CA VAL B 296 1.42 -28.29 -40.59
C VAL B 296 0.67 -29.48 -41.17
N PRO B 297 1.34 -30.58 -41.48
CA PRO B 297 0.63 -31.77 -42.00
C PRO B 297 -0.39 -32.28 -40.99
N LYS B 298 -1.47 -32.84 -41.52
CA LYS B 298 -2.59 -33.26 -40.68
C LYS B 298 -2.22 -34.43 -39.77
N GLU B 299 -1.11 -35.11 -40.05
CA GLU B 299 -0.73 -36.27 -39.27
C GLU B 299 -0.34 -35.91 -37.84
N TYR B 300 0.00 -34.65 -37.58
CA TYR B 300 0.44 -34.22 -36.26
C TYR B 300 -0.68 -33.64 -35.42
N ASN B 301 -1.88 -33.50 -35.98
CA ASN B 301 -3.05 -32.96 -35.27
C ASN B 301 -2.74 -31.59 -34.66
N ALA B 302 -2.40 -30.65 -35.54
CA ALA B 302 -2.03 -29.31 -35.11
C ALA B 302 -3.22 -28.47 -34.67
N LEU B 303 -4.45 -28.91 -34.94
CA LEU B 303 -5.66 -28.16 -34.58
C LEU B 303 -6.55 -29.09 -33.76
N MET B 304 -6.58 -28.88 -32.44
CA MET B 304 -7.51 -29.60 -31.58
C MET B 304 -8.78 -28.78 -31.45
N TYR B 305 -9.93 -29.43 -31.62
CA TYR B 305 -11.23 -28.77 -31.56
C TYR B 305 -12.22 -29.78 -30.99
N GLU B 306 -12.48 -29.68 -29.68
CA GLU B 306 -13.29 -30.65 -28.98
C GLU B 306 -14.24 -29.94 -28.04
N ASP B 307 -15.22 -30.68 -27.50
CA ASP B 307 -16.30 -30.06 -26.75
C ASP B 307 -16.67 -30.90 -25.54
N VAL B 308 -17.16 -30.22 -24.50
CA VAL B 308 -17.76 -30.86 -23.34
C VAL B 308 -19.15 -30.29 -23.16
N LYS B 309 -20.15 -31.16 -23.09
CA LYS B 309 -21.55 -30.77 -22.99
C LYS B 309 -22.06 -31.00 -21.58
N PHE B 310 -22.78 -30.01 -21.05
CA PHE B 310 -23.39 -30.09 -19.73
C PHE B 310 -24.88 -29.82 -19.84
N GLU B 311 -25.66 -30.53 -19.04
CA GLU B 311 -27.09 -30.26 -18.88
C GLU B 311 -27.30 -29.59 -17.53
N ILE B 312 -27.96 -28.44 -17.57
CA ILE B 312 -28.25 -27.64 -16.37
C ILE B 312 -29.73 -27.78 -16.08
N ASP B 313 -30.04 -28.47 -14.98
CA ASP B 313 -31.42 -28.63 -14.52
C ASP B 313 -31.72 -27.49 -13.57
N TRP B 314 -32.55 -26.54 -14.03
CA TRP B 314 -32.88 -25.38 -13.21
C TRP B 314 -33.91 -25.74 -12.13
N GLU B 315 -34.73 -26.76 -12.37
CA GLU B 315 -35.66 -27.21 -11.33
C GLU B 315 -34.92 -28.02 -10.27
N GLN B 316 -34.24 -29.08 -10.67
CA GLN B 316 -33.39 -29.82 -9.75
C GLN B 316 -32.13 -29.05 -9.38
N ARG B 317 -31.79 -27.99 -10.12
CA ARG B 317 -30.64 -27.14 -9.83
C ARG B 317 -29.35 -27.96 -9.78
N THR B 318 -29.08 -28.69 -10.85
CA THR B 318 -27.91 -29.55 -10.94
C THR B 318 -27.22 -29.34 -12.29
N VAL B 319 -25.96 -29.75 -12.35
CA VAL B 319 -25.18 -29.73 -13.58
C VAL B 319 -24.62 -31.12 -13.80
N ARG B 320 -24.95 -31.72 -14.95
CA ARG B 320 -24.54 -33.09 -15.24
C ARG B 320 -23.88 -33.15 -16.61
N THR B 321 -22.70 -33.76 -16.68
CA THR B 321 -21.99 -33.89 -17.95
C THR B 321 -22.76 -34.84 -18.86
N ILE B 322 -23.23 -34.33 -19.99
CA ILE B 322 -24.01 -35.12 -20.93
C ILE B 322 -23.22 -35.37 -22.20
N ASP C 7 -25.83 1.95 4.58
CA ASP C 7 -26.37 1.45 5.83
C ASP C 7 -27.85 1.11 5.69
N ASN C 8 -28.19 -0.14 6.01
CA ASN C 8 -29.56 -0.63 5.93
C ASN C 8 -29.92 -1.29 7.26
N PRO C 9 -30.32 -0.49 8.24
CA PRO C 9 -30.67 -1.07 9.55
C PRO C 9 -31.91 -1.94 9.46
N VAL C 10 -32.07 -2.81 10.46
CA VAL C 10 -33.18 -3.73 10.48
C VAL C 10 -34.52 -3.01 10.68
N LEU C 11 -34.50 -1.79 11.20
CA LEU C 11 -35.70 -1.03 11.56
C LEU C 11 -36.51 -1.93 12.50
N GLY C 12 -37.80 -2.16 12.24
CA GLY C 12 -38.63 -2.97 13.11
C GLY C 12 -38.97 -4.33 12.51
N THR C 13 -39.77 -5.06 13.27
CA THR C 13 -40.25 -6.38 12.87
C THR C 13 -41.72 -6.51 13.20
N GLU C 14 -42.45 -7.25 12.36
CA GLU C 14 -43.87 -7.50 12.55
C GLU C 14 -44.07 -9.01 12.72
N VAL C 15 -44.71 -9.40 13.81
CA VAL C 15 -44.92 -10.80 14.14
C VAL C 15 -46.41 -11.11 14.07
N THR C 16 -46.76 -12.13 13.28
CA THR C 16 -48.13 -12.59 13.16
C THR C 16 -48.18 -14.07 13.50
N PHE C 17 -49.39 -14.54 13.83
CA PHE C 17 -49.59 -15.91 14.27
C PHE C 17 -50.63 -16.60 13.38
N GLU C 18 -50.25 -17.74 12.82
CA GLU C 18 -51.18 -18.61 12.13
C GLU C 18 -51.65 -19.68 13.10
N LYS C 19 -52.96 -19.75 13.33
CA LYS C 19 -53.55 -20.62 14.33
C LYS C 19 -54.36 -21.73 13.67
N ASP C 20 -54.57 -22.80 14.43
CA ASP C 20 -55.36 -23.93 13.97
C ASP C 20 -56.84 -23.68 14.23
N GLU C 21 -57.67 -24.56 13.68
CA GLU C 21 -59.12 -24.48 13.89
C GLU C 21 -59.46 -24.75 15.35
N ASN C 22 -59.85 -23.71 16.09
CA ASN C 22 -60.13 -23.82 17.52
C ASN C 22 -58.94 -24.41 18.27
N GLY C 23 -57.74 -23.96 17.90
CA GLY C 23 -56.52 -24.46 18.49
C GLY C 23 -55.57 -23.33 18.83
N ARG C 24 -54.43 -23.71 19.39
CA ARG C 24 -53.42 -22.74 19.81
C ARG C 24 -52.65 -22.26 18.59
N ILE C 25 -51.58 -21.49 18.83
CA ILE C 25 -50.77 -20.96 17.74
C ILE C 25 -49.93 -22.09 17.16
N VAL C 26 -50.12 -22.38 15.87
CA VAL C 26 -49.37 -23.45 15.21
C VAL C 26 -48.24 -22.93 14.34
N LYS C 27 -48.17 -21.61 14.09
CA LYS C 27 -47.04 -21.07 13.35
C LYS C 27 -46.87 -19.60 13.73
N ILE C 28 -45.62 -19.16 13.86
CA ILE C 28 -45.29 -17.77 14.14
C ILE C 28 -44.47 -17.25 12.97
N ILE C 29 -45.00 -16.26 12.26
CA ILE C 29 -44.35 -15.69 11.09
C ILE C 29 -43.87 -14.29 11.46
N SER C 30 -42.55 -14.11 11.47
CA SER C 30 -41.93 -12.82 11.71
C SER C 30 -41.44 -12.27 10.38
N LYS C 31 -41.59 -10.96 10.18
CA LYS C 31 -41.11 -10.28 8.98
C LYS C 31 -40.43 -8.99 9.40
N ASN C 32 -39.14 -8.88 9.10
CA ASN C 32 -38.40 -7.66 9.40
C ASN C 32 -38.58 -6.66 8.27
N GLN C 33 -38.91 -5.42 8.64
CA GLN C 33 -39.21 -4.37 7.68
C GLN C 33 -37.95 -3.52 7.49
N TYR C 34 -37.36 -3.59 6.31
CA TYR C 34 -36.16 -2.85 5.99
C TYR C 34 -36.50 -1.61 5.17
N ARG C 35 -35.71 -0.56 5.36
CA ARG C 35 -35.93 0.68 4.62
C ARG C 35 -35.63 0.51 3.13
N ILE C 36 -34.51 -0.13 2.82
CA ILE C 36 -34.08 -0.37 1.45
C ILE C 36 -34.42 -1.79 1.06
N THR C 37 -35.09 -1.95 -0.08
CA THR C 37 -35.35 -3.26 -0.67
C THR C 37 -34.85 -3.26 -2.09
N ILE C 38 -34.07 -4.27 -2.45
CA ILE C 38 -33.49 -4.39 -3.79
C ILE C 38 -34.32 -5.40 -4.56
N TYR C 39 -34.87 -4.97 -5.69
CA TYR C 39 -35.61 -5.85 -6.59
C TYR C 39 -34.86 -5.93 -7.91
N ASN C 40 -34.23 -7.07 -8.17
CA ASN C 40 -33.30 -7.19 -9.29
C ASN C 40 -33.96 -7.92 -10.45
N SER C 41 -33.83 -7.35 -11.64
CA SER C 41 -34.24 -7.99 -12.88
C SER C 41 -33.13 -7.79 -13.90
N VAL C 42 -33.05 -8.70 -14.87
CA VAL C 42 -31.97 -8.63 -15.85
C VAL C 42 -32.43 -9.31 -17.14
N ASP C 43 -32.08 -8.69 -18.27
CA ASP C 43 -32.39 -9.24 -19.57
C ASP C 43 -31.26 -8.89 -20.54
N ALA C 44 -31.30 -9.49 -21.72
CA ALA C 44 -30.27 -9.26 -22.72
C ALA C 44 -30.87 -9.43 -24.11
N GLY C 45 -30.18 -8.84 -25.09
CA GLY C 45 -30.62 -8.88 -26.47
C GLY C 45 -29.48 -8.78 -27.46
N ASP C 46 -29.52 -9.59 -28.51
CA ASP C 46 -28.52 -9.56 -29.56
C ASP C 46 -28.96 -8.67 -30.71
N THR C 47 -28.08 -8.51 -31.69
CA THR C 47 -28.29 -7.67 -32.84
C THR C 47 -27.80 -8.41 -34.09
N PRO C 48 -28.23 -7.98 -35.27
CA PRO C 48 -27.78 -8.68 -36.50
C PRO C 48 -26.27 -8.79 -36.67
N ASN C 49 -25.51 -7.76 -36.29
CA ASN C 49 -24.05 -7.84 -36.30
C ASN C 49 -23.49 -8.31 -34.96
N ASP C 50 -24.28 -9.06 -34.20
CA ASP C 50 -23.80 -9.78 -33.01
C ASP C 50 -23.21 -8.84 -31.95
N ALA C 51 -23.88 -7.73 -31.70
CA ALA C 51 -23.53 -6.81 -30.62
C ALA C 51 -24.58 -6.97 -29.53
N SER C 52 -24.18 -7.57 -28.41
CA SER C 52 -25.12 -7.91 -27.34
C SER C 52 -25.23 -6.77 -26.35
N VAL C 53 -26.43 -6.58 -25.81
CA VAL C 53 -26.70 -5.57 -24.79
C VAL C 53 -27.45 -6.24 -23.65
N SER C 54 -26.92 -6.15 -22.44
CA SER C 54 -27.55 -6.72 -21.26
C SER C 54 -27.84 -5.61 -20.26
N LEU C 55 -29.09 -5.53 -19.83
CA LEU C 55 -29.56 -4.55 -18.86
C LEU C 55 -29.90 -5.27 -17.56
N ASP C 56 -29.29 -4.84 -16.46
CA ASP C 56 -29.55 -5.38 -15.13
C ASP C 56 -30.01 -4.22 -14.25
N VAL C 57 -31.31 -4.19 -13.95
CA VAL C 57 -31.91 -3.08 -13.22
C VAL C 57 -32.23 -3.54 -11.81
N ASP C 58 -31.72 -2.82 -10.83
CA ASP C 58 -32.08 -3.02 -9.42
C ASP C 58 -32.98 -1.87 -9.01
N PHE C 59 -34.26 -2.18 -8.80
CA PHE C 59 -35.22 -1.21 -8.30
C PHE C 59 -35.03 -1.06 -6.79
N ILE C 60 -34.98 0.19 -6.34
CA ILE C 60 -34.69 0.51 -4.95
C ILE C 60 -36.01 0.92 -4.31
N ASP C 61 -36.70 -0.06 -3.72
CA ASP C 61 -37.90 0.22 -2.95
C ASP C 61 -37.46 0.83 -1.63
N ASP C 62 -37.52 2.15 -1.54
CA ASP C 62 -37.09 2.89 -0.37
C ASP C 62 -38.30 3.58 0.25
N LYS C 63 -38.65 3.17 1.46
CA LYS C 63 -39.79 3.78 2.14
C LYS C 63 -39.54 5.25 2.45
N ASN C 64 -38.29 5.63 2.63
CA ASN C 64 -37.92 7.02 2.90
C ASN C 64 -37.59 7.77 1.61
N SER C 65 -38.50 7.69 0.63
CA SER C 65 -38.32 8.37 -0.64
C SER C 65 -39.67 8.74 -1.20
N GLY C 66 -39.68 9.79 -2.03
CA GLY C 66 -40.90 10.24 -2.66
C GLY C 66 -41.05 9.80 -4.09
N GLU C 67 -40.00 9.17 -4.64
CA GLU C 67 -40.01 8.74 -6.03
C GLU C 67 -39.32 7.39 -6.15
N MET C 68 -39.75 6.61 -7.14
CA MET C 68 -39.12 5.33 -7.41
C MET C 68 -37.76 5.53 -8.07
N GLY C 69 -36.82 4.67 -7.71
CA GLY C 69 -35.49 4.73 -8.27
C GLY C 69 -35.02 3.37 -8.74
N ALA C 70 -34.14 3.40 -9.75
CA ALA C 70 -33.64 2.17 -10.34
C ALA C 70 -32.20 2.38 -10.79
N VAL C 71 -31.29 1.56 -10.27
CA VAL C 71 -29.91 1.57 -10.71
C VAL C 71 -29.75 0.50 -11.79
N ALA C 72 -29.43 0.94 -13.01
CA ALA C 72 -29.34 0.04 -14.16
C ALA C 72 -27.90 -0.08 -14.60
N SER C 73 -27.39 -1.31 -14.64
CA SER C 73 -26.06 -1.60 -15.14
C SER C 73 -26.21 -2.16 -16.55
N ILE C 74 -25.54 -1.51 -17.50
CA ILE C 74 -25.56 -1.91 -18.90
C ILE C 74 -24.21 -2.53 -19.24
N ASN C 75 -24.24 -3.78 -19.68
CA ASN C 75 -23.05 -4.48 -20.14
C ASN C 75 -23.25 -4.79 -21.62
N THR C 76 -22.45 -4.16 -22.47
CA THR C 76 -22.58 -4.33 -23.91
C THR C 76 -21.30 -4.92 -24.48
N PHE C 77 -21.46 -5.75 -25.49
CA PHE C 77 -20.34 -6.24 -26.29
C PHE C 77 -20.59 -5.81 -27.73
N ILE C 78 -19.73 -4.92 -28.23
CA ILE C 78 -19.75 -4.50 -29.62
C ILE C 78 -18.56 -5.15 -30.31
N PRO C 79 -18.76 -6.14 -31.17
CA PRO C 79 -17.63 -6.79 -31.83
C PRO C 79 -16.85 -5.79 -32.68
N SER C 80 -15.54 -5.99 -32.74
CA SER C 80 -14.69 -5.06 -33.49
C SER C 80 -15.01 -5.08 -34.97
N GLY C 81 -15.53 -6.19 -35.48
CA GLY C 81 -15.73 -6.31 -36.91
C GLY C 81 -14.43 -6.21 -37.69
N LEU C 82 -13.36 -6.78 -37.13
CA LEU C 82 -12.03 -6.71 -37.75
C LEU C 82 -12.03 -7.59 -39.00
N ARG C 83 -12.18 -6.96 -40.15
CA ARG C 83 -12.35 -7.70 -41.40
C ARG C 83 -11.11 -7.54 -42.27
N TYR C 84 -10.76 -8.59 -43.00
CA TYR C 84 -9.61 -8.58 -43.89
C TYR C 84 -10.08 -8.80 -45.32
N VAL C 85 -9.70 -7.89 -46.21
CA VAL C 85 -10.14 -7.92 -47.61
C VAL C 85 -8.91 -7.96 -48.51
N GLU C 86 -8.92 -8.90 -49.46
CA GLU C 86 -7.81 -9.09 -50.39
C GLU C 86 -7.83 -8.02 -51.47
N GLY C 87 -6.64 -7.53 -51.81
CA GLY C 87 -6.48 -6.64 -52.94
C GLY C 87 -7.30 -5.36 -52.88
N TYR C 88 -7.29 -4.68 -51.74
CA TYR C 88 -8.14 -3.52 -51.52
C TYR C 88 -7.41 -2.27 -52.02
N LYS C 89 -7.90 -1.72 -53.14
CA LYS C 89 -7.43 -0.46 -53.70
C LYS C 89 -5.92 -0.46 -53.91
N TYR C 90 -5.45 -1.45 -54.68
CA TYR C 90 -4.05 -1.44 -55.08
C TYR C 90 -3.75 -0.24 -55.97
N LYS C 91 -4.63 0.06 -56.93
CA LYS C 91 -4.53 1.25 -57.75
C LYS C 91 -5.91 1.87 -57.87
N GLY C 92 -6.01 3.16 -57.58
CA GLY C 92 -7.28 3.85 -57.66
C GLY C 92 -8.31 3.22 -56.73
N VAL C 93 -9.47 2.91 -57.27
CA VAL C 93 -10.56 2.30 -56.52
C VAL C 93 -10.79 0.85 -56.96
N THR C 94 -9.84 0.28 -57.69
CA THR C 94 -9.97 -1.10 -58.15
C THR C 94 -9.72 -2.06 -57.01
N ASN C 95 -10.62 -3.03 -56.83
CA ASN C 95 -10.57 -3.97 -55.72
C ASN C 95 -10.65 -5.41 -56.24
N PRO C 96 -9.60 -5.90 -56.88
CA PRO C 96 -9.61 -7.30 -57.33
C PRO C 96 -9.17 -8.24 -56.22
N ILE C 97 -9.83 -9.40 -56.15
CA ILE C 97 -9.42 -10.44 -55.20
C ILE C 97 -8.25 -11.27 -55.70
N TYR C 98 -7.87 -11.11 -56.96
CA TYR C 98 -6.77 -11.90 -57.52
C TYR C 98 -5.41 -11.40 -57.04
N LYS C 99 -5.15 -10.11 -57.23
CA LYS C 99 -3.85 -9.56 -56.87
C LYS C 99 -3.73 -9.44 -55.35
N ASN C 100 -2.59 -9.88 -54.82
CA ASN C 100 -2.36 -9.83 -53.38
C ASN C 100 -1.13 -8.99 -53.06
N LEU C 101 -0.98 -7.86 -53.74
CA LEU C 101 0.03 -6.88 -53.39
C LEU C 101 -0.47 -5.86 -52.38
N SER C 102 -1.75 -5.89 -52.05
CA SER C 102 -2.34 -4.98 -51.09
C SER C 102 -3.45 -5.70 -50.33
N ALA C 103 -3.70 -5.26 -49.11
CA ALA C 103 -4.75 -5.86 -48.30
C ALA C 103 -5.32 -4.81 -47.36
N GLY C 104 -6.64 -4.83 -47.19
CA GLY C 104 -7.33 -3.87 -46.35
C GLY C 104 -7.81 -4.52 -45.07
N MET C 105 -7.75 -3.76 -43.97
CA MET C 105 -8.24 -4.19 -42.68
C MET C 105 -9.28 -3.20 -42.18
N LEU C 106 -10.52 -3.67 -42.05
CA LEU C 106 -11.59 -2.88 -41.46
C LEU C 106 -11.52 -3.02 -39.95
N TRP C 107 -11.22 -1.91 -39.27
CA TRP C 107 -10.98 -1.89 -37.84
C TRP C 107 -11.77 -0.76 -37.17
N PRO C 108 -12.24 -0.99 -35.94
CA PRO C 108 -13.16 -0.04 -35.28
C PRO C 108 -12.50 1.16 -34.64
N LYS C 109 -12.32 2.27 -35.36
CA LYS C 109 -11.73 3.46 -34.77
C LYS C 109 -12.49 3.91 -33.53
N LYS C 110 -13.80 4.06 -33.65
CA LYS C 110 -14.59 4.80 -32.67
C LYS C 110 -15.87 4.05 -32.35
N TYR C 111 -16.09 3.80 -31.07
CA TYR C 111 -17.32 3.21 -30.57
C TYR C 111 -18.23 4.31 -30.04
N ARG C 112 -19.53 4.13 -30.24
CA ARG C 112 -20.54 5.08 -29.81
C ARG C 112 -21.65 4.30 -29.10
N VAL C 113 -22.00 4.72 -27.89
CA VAL C 113 -23.04 4.06 -27.12
C VAL C 113 -24.07 5.10 -26.70
N GLU C 114 -25.33 4.88 -27.07
CA GLU C 114 -26.44 5.71 -26.63
C GLU C 114 -27.36 4.88 -25.76
N VAL C 115 -27.75 5.44 -24.61
CA VAL C 115 -28.83 4.89 -23.80
C VAL C 115 -29.94 5.93 -23.77
N VAL C 116 -31.13 5.54 -24.21
CA VAL C 116 -32.25 6.47 -24.39
C VAL C 116 -33.36 6.09 -23.42
N ASN C 117 -33.80 7.06 -22.63
CA ASN C 117 -34.94 6.89 -21.74
C ASN C 117 -36.19 7.44 -22.42
N ILE C 118 -37.19 6.58 -22.61
CA ILE C 118 -38.43 6.99 -23.26
C ILE C 118 -39.57 6.89 -22.26
N PRO C 119 -39.97 8.00 -21.63
CA PRO C 119 -41.11 7.95 -20.71
C PRO C 119 -42.38 7.55 -21.42
N ILE C 120 -43.22 6.80 -20.71
CA ILE C 120 -44.49 6.33 -21.28
C ILE C 120 -45.64 6.86 -20.42
N ASP C 121 -45.66 6.50 -19.14
CA ASP C 121 -46.71 6.91 -18.23
C ASP C 121 -46.33 8.07 -17.33
N GLN C 122 -45.08 8.12 -16.87
CA GLN C 122 -44.61 9.17 -16.00
C GLN C 122 -43.28 9.70 -16.51
N ALA C 123 -42.90 10.88 -16.02
CA ALA C 123 -41.70 11.56 -16.48
C ALA C 123 -40.48 10.91 -15.84
N THR C 124 -40.12 9.75 -16.37
CA THR C 124 -38.89 9.08 -15.93
C THR C 124 -37.68 9.87 -16.39
N LYS C 125 -36.71 10.05 -15.48
CA LYS C 125 -35.57 10.89 -15.72
C LYS C 125 -34.28 10.15 -15.43
N ILE C 126 -33.25 10.44 -16.21
CA ILE C 126 -31.90 9.92 -15.96
C ILE C 126 -31.22 10.86 -14.97
N ILE C 127 -30.84 10.33 -13.82
CA ILE C 127 -30.22 11.15 -12.78
C ILE C 127 -28.73 11.28 -13.00
N THR C 128 -28.02 10.17 -13.12
CA THR C 128 -26.57 10.21 -13.32
C THR C 128 -26.15 9.00 -14.13
N ALA C 129 -24.99 9.14 -14.79
CA ALA C 129 -24.38 8.09 -15.59
C ALA C 129 -22.99 7.84 -15.04
N THR C 130 -22.70 6.59 -14.68
CA THR C 130 -21.45 6.28 -13.99
C THR C 130 -20.21 6.62 -14.80
N PRO C 131 -20.10 6.29 -16.11
CA PRO C 131 -18.88 6.68 -16.83
C PRO C 131 -18.87 8.18 -17.11
N ASN C 132 -18.08 8.93 -16.33
CA ASN C 132 -18.05 10.37 -16.43
C ASN C 132 -16.65 10.84 -16.80
N ASN C 133 -16.59 11.97 -17.50
CA ASN C 133 -15.30 12.55 -17.87
C ASN C 133 -14.58 13.06 -16.62
N ASN C 134 -13.34 12.62 -16.44
CA ASN C 134 -12.54 13.00 -15.29
C ASN C 134 -11.36 13.85 -15.75
N ILE C 135 -10.98 14.81 -14.93
CA ILE C 135 -9.85 15.68 -15.25
C ILE C 135 -8.58 14.88 -15.14
N LYS C 136 -8.00 14.51 -16.28
CA LYS C 136 -6.79 13.70 -16.31
C LYS C 136 -5.60 14.58 -15.97
N GLU C 137 -4.81 14.16 -14.99
CA GLU C 137 -3.69 14.93 -14.49
C GLU C 137 -2.39 14.25 -14.88
N LYS C 138 -1.36 15.06 -15.14
CA LYS C 138 -0.03 14.57 -15.44
C LYS C 138 0.94 14.96 -14.32
N GLN C 139 2.13 14.38 -14.38
CA GLN C 139 3.19 14.66 -13.42
C GLN C 139 4.29 15.43 -14.13
N VAL C 140 4.58 16.64 -13.64
CA VAL C 140 5.57 17.53 -14.25
C VAL C 140 6.73 17.67 -13.28
N SER C 141 7.93 17.40 -13.77
CA SER C 141 9.15 17.50 -12.98
C SER C 141 10.09 18.49 -13.68
N ASP C 142 10.32 19.64 -13.06
CA ASP C 142 11.17 20.68 -13.61
C ASP C 142 12.50 20.68 -12.86
N THR C 143 13.59 20.48 -13.59
CA THR C 143 14.92 20.38 -13.01
C THR C 143 15.81 21.48 -13.58
N ILE C 144 16.44 22.23 -12.68
CA ILE C 144 17.40 23.27 -13.03
C ILE C 144 18.74 22.87 -12.43
N SER C 145 19.76 22.77 -13.28
CA SER C 145 21.08 22.31 -12.83
C SER C 145 22.14 23.31 -13.24
N TYR C 146 22.97 23.71 -12.28
CA TYR C 146 24.16 24.52 -12.52
C TYR C 146 25.39 23.63 -12.48
N GLY C 147 26.51 24.16 -12.98
CA GLY C 147 27.75 23.44 -12.89
C GLY C 147 28.98 24.27 -13.18
N PHE C 148 30.04 24.07 -12.38
CA PHE C 148 31.30 24.77 -12.56
C PHE C 148 32.43 23.76 -12.67
N GLY C 149 33.47 24.12 -13.41
CA GLY C 149 34.60 23.23 -13.63
C GLY C 149 35.90 23.87 -13.23
N GLY C 150 36.90 23.02 -13.01
CA GLY C 150 38.21 23.48 -12.58
C GLY C 150 39.28 23.35 -13.64
N SER C 151 39.20 22.30 -14.45
CA SER C 151 40.15 22.01 -15.53
C SER C 151 41.55 21.96 -14.92
N VAL C 152 42.48 22.80 -15.35
CA VAL C 152 43.84 22.85 -14.79
C VAL C 152 44.53 21.50 -14.90
N SER C 162 39.91 25.73 -18.74
CA SER C 162 40.17 26.67 -17.65
C SER C 162 39.04 26.61 -16.62
N ILE C 163 37.97 27.36 -16.89
CA ILE C 163 36.78 27.37 -16.03
C ILE C 163 35.56 27.02 -16.87
N GLU C 164 34.88 25.94 -16.51
CA GLU C 164 33.73 25.44 -17.24
C GLU C 164 32.45 25.90 -16.55
N ALA C 165 31.49 26.38 -17.33
CA ALA C 165 30.19 26.79 -16.84
C ALA C 165 29.11 26.04 -17.60
N ASN C 166 28.19 25.43 -16.86
CA ASN C 166 27.10 24.66 -17.45
C ASN C 166 25.79 25.02 -16.78
N LEU C 167 24.72 25.06 -17.57
CA LEU C 167 23.38 25.37 -17.08
C LEU C 167 22.38 24.58 -17.91
N ALA C 168 21.55 23.77 -17.24
CA ALA C 168 20.64 22.86 -17.93
C ALA C 168 19.24 22.96 -17.33
N TYR C 169 18.23 22.96 -18.20
CA TYR C 169 16.83 22.92 -17.81
C TYR C 169 16.19 21.68 -18.41
N THR C 170 15.51 20.89 -17.58
CA THR C 170 14.79 19.71 -18.06
C THR C 170 13.36 19.75 -17.54
N LYS C 171 12.43 19.26 -18.37
CA LYS C 171 11.01 19.21 -18.01
C LYS C 171 10.47 17.83 -18.37
N THR C 172 10.18 17.03 -17.36
CA THR C 172 9.67 15.67 -17.53
C THR C 172 8.16 15.70 -17.37
N THR C 173 7.44 15.24 -18.40
CA THR C 173 5.98 15.15 -18.36
C THR C 173 5.59 13.68 -18.46
N THR C 174 4.99 13.15 -17.39
CA THR C 174 4.60 11.74 -17.31
C THR C 174 3.10 11.64 -17.19
N TYR C 175 2.50 10.78 -18.00
CA TYR C 175 1.05 10.59 -17.97
C TYR C 175 0.71 9.19 -18.45
N ASP C 176 -0.51 8.75 -18.14
CA ASP C 176 -1.01 7.46 -18.57
C ASP C 176 -1.87 7.65 -19.82
N GLN C 177 -1.47 7.03 -20.91
CA GLN C 177 -2.17 7.17 -22.19
C GLN C 177 -2.88 5.88 -22.54
N PRO C 178 -4.21 5.80 -22.40
CA PRO C 178 -4.92 4.60 -22.80
C PRO C 178 -4.97 4.45 -24.31
N ASP C 179 -5.11 3.20 -24.76
CA ASP C 179 -5.26 2.94 -26.19
C ASP C 179 -6.57 3.54 -26.70
N TYR C 180 -7.63 3.43 -25.92
CA TYR C 180 -8.94 4.00 -26.27
C TYR C 180 -9.38 4.92 -25.14
N GLU C 181 -9.85 6.12 -25.50
CA GLU C 181 -10.31 7.10 -24.53
C GLU C 181 -11.83 7.17 -24.59
N THR C 182 -12.48 6.92 -23.47
CA THR C 182 -13.93 6.96 -23.36
C THR C 182 -14.36 8.29 -22.78
N SER C 183 -15.17 9.02 -23.54
CA SER C 183 -15.64 10.34 -23.13
C SER C 183 -17.15 10.38 -23.21
N GLN C 184 -17.80 10.86 -22.15
CA GLN C 184 -19.25 11.01 -22.12
C GLN C 184 -19.59 12.31 -22.84
N ILE C 185 -20.01 12.20 -24.10
CA ILE C 185 -20.26 13.40 -24.91
C ILE C 185 -21.65 13.98 -24.69
N LYS C 186 -22.56 13.25 -24.08
CA LYS C 186 -23.89 13.80 -23.84
C LYS C 186 -24.51 13.12 -22.63
N LYS C 187 -25.21 13.91 -21.80
CA LYS C 187 -25.90 13.36 -20.64
C LYS C 187 -27.07 14.29 -20.31
N THR C 188 -28.28 13.85 -20.60
CA THR C 188 -29.50 14.56 -20.27
C THR C 188 -30.42 13.63 -19.46
N THR C 189 -31.63 14.11 -19.17
CA THR C 189 -32.61 13.31 -18.45
C THR C 189 -33.26 12.24 -19.32
N LYS C 190 -33.03 12.28 -20.64
CA LYS C 190 -33.67 11.33 -21.54
C LYS C 190 -32.71 10.49 -22.36
N GLU C 191 -31.43 10.87 -22.46
CA GLU C 191 -30.48 10.05 -23.20
C GLU C 191 -29.06 10.44 -22.79
N ALA C 192 -28.19 9.45 -22.77
CA ALA C 192 -26.77 9.63 -22.47
C ALA C 192 -25.95 8.95 -23.57
N VAL C 193 -24.99 9.69 -24.11
CA VAL C 193 -24.18 9.22 -25.24
C VAL C 193 -22.72 9.26 -24.81
N TRP C 194 -22.05 8.12 -24.92
CA TRP C 194 -20.62 7.99 -24.69
C TRP C 194 -19.90 7.70 -26.00
N ASP C 195 -18.72 8.30 -26.16
CA ASP C 195 -17.85 8.03 -27.29
C ASP C 195 -16.53 7.42 -26.79
N THR C 196 -15.96 6.54 -27.60
CA THR C 196 -14.69 5.90 -27.27
C THR C 196 -13.86 5.86 -28.55
N SER C 197 -12.94 6.81 -28.68
CA SER C 197 -12.15 6.96 -29.89
C SER C 197 -10.75 6.38 -29.69
N PHE C 198 -10.20 5.84 -30.78
CA PHE C 198 -8.83 5.36 -30.77
C PHE C 198 -7.87 6.54 -30.63
N VAL C 199 -6.94 6.43 -29.68
CA VAL C 199 -6.01 7.52 -29.41
C VAL C 199 -4.71 7.27 -30.17
N GLU C 200 -4.03 6.18 -29.84
CA GLU C 200 -2.77 5.82 -30.50
C GLU C 200 -2.43 4.38 -30.15
N THR C 201 -1.55 3.80 -30.96
CA THR C 201 -1.08 2.44 -30.71
C THR C 201 -0.11 2.41 -29.54
N ARG C 202 0.26 1.20 -29.14
CA ARG C 202 1.22 1.05 -28.06
C ARG C 202 2.61 1.52 -28.49
N ASP C 203 2.89 1.49 -29.79
CA ASP C 203 4.15 1.98 -30.34
C ASP C 203 4.21 3.49 -30.36
N GLY C 204 3.06 4.17 -30.34
CA GLY C 204 3.01 5.60 -30.44
C GLY C 204 2.47 6.15 -31.74
N TYR C 205 1.91 5.29 -32.59
CA TYR C 205 1.36 5.69 -33.87
C TYR C 205 -0.13 5.97 -33.75
N THR C 206 -0.59 6.95 -34.52
CA THR C 206 -1.95 7.45 -34.47
C THR C 206 -2.56 7.37 -35.86
N PRO C 207 -3.89 7.33 -35.96
CA PRO C 207 -4.52 7.28 -37.30
C PRO C 207 -4.14 8.44 -38.19
N ASN C 208 -3.75 9.57 -37.61
CA ASN C 208 -3.36 10.75 -38.37
C ASN C 208 -1.87 10.81 -38.66
N SER C 209 -1.11 9.80 -38.25
CA SER C 209 0.32 9.77 -38.51
C SER C 209 0.59 9.52 -39.99
N TRP C 210 1.70 10.05 -40.48
CA TRP C 210 2.06 9.89 -41.88
C TRP C 210 3.56 10.09 -42.04
N ASN C 211 4.24 9.09 -42.58
CA ASN C 211 5.64 9.14 -42.98
C ASN C 211 5.75 9.52 -44.44
N PRO C 212 6.74 10.32 -44.82
CA PRO C 212 6.86 10.74 -46.22
C PRO C 212 6.94 9.58 -47.20
N VAL C 213 7.55 8.46 -46.80
CA VAL C 213 7.67 7.31 -47.69
C VAL C 213 7.04 6.05 -47.12
N TYR C 214 6.91 5.92 -45.80
CA TYR C 214 6.45 4.70 -45.16
C TYR C 214 4.95 4.70 -44.90
N GLY C 215 4.24 5.77 -45.25
CA GLY C 215 2.81 5.82 -45.02
C GLY C 215 2.45 5.83 -43.54
N ASN C 216 1.34 5.20 -43.21
CA ASN C 216 0.87 5.09 -41.83
C ASN C 216 1.25 3.72 -41.28
N GLN C 217 1.86 3.73 -40.10
CA GLN C 217 2.45 2.51 -39.53
C GLN C 217 1.76 2.09 -38.23
N MET C 218 0.45 2.27 -38.13
CA MET C 218 -0.26 1.80 -36.95
C MET C 218 -0.13 0.30 -36.78
N PHE C 219 -0.25 -0.45 -37.88
CA PHE C 219 -0.24 -1.91 -37.83
C PHE C 219 0.73 -2.50 -38.83
N MET C 220 1.85 -1.80 -39.07
CA MET C 220 2.87 -2.28 -39.99
C MET C 220 3.82 -3.20 -39.22
N ARG C 221 3.54 -4.49 -39.30
CA ARG C 221 4.31 -5.47 -38.53
C ARG C 221 5.77 -5.49 -38.94
N GLY C 222 6.03 -5.50 -40.24
CA GLY C 222 7.39 -5.53 -40.74
C GLY C 222 7.63 -4.43 -41.74
N ARG C 223 8.77 -3.76 -41.59
CA ARG C 223 9.08 -2.63 -42.46
C ARG C 223 9.40 -3.10 -43.87
N TYR C 224 10.24 -4.14 -43.99
CA TYR C 224 10.52 -4.81 -45.26
C TYR C 224 10.42 -6.31 -45.00
N SER C 225 9.23 -6.86 -45.18
CA SER C 225 8.97 -8.28 -44.93
C SER C 225 8.45 -8.93 -46.20
N ASN C 226 9.02 -10.08 -46.55
CA ASN C 226 8.58 -10.85 -47.72
C ASN C 226 7.46 -11.80 -47.31
N VAL C 227 6.36 -11.19 -46.87
CA VAL C 227 5.20 -11.93 -46.39
C VAL C 227 3.95 -11.37 -47.09
N SER C 228 2.84 -12.07 -46.88
CA SER C 228 1.56 -11.60 -47.41
C SER C 228 1.18 -10.28 -46.74
N PRO C 229 0.44 -9.42 -47.45
CA PRO C 229 0.08 -8.12 -46.86
C PRO C 229 -0.69 -8.24 -45.55
N ILE C 230 -1.56 -9.24 -45.43
CA ILE C 230 -2.24 -9.47 -44.16
C ILE C 230 -1.24 -9.92 -43.09
N ASP C 231 -0.27 -10.76 -43.48
CA ASP C 231 0.75 -11.20 -42.53
C ASP C 231 1.61 -10.05 -42.05
N ASN C 232 1.65 -8.94 -42.78
CA ASN C 232 2.36 -7.74 -42.35
C ASN C 232 1.48 -6.80 -41.54
N ILE C 233 0.23 -7.16 -41.29
CA ILE C 233 -0.70 -6.33 -40.52
C ILE C 233 -0.78 -6.89 -39.11
N LYS C 234 -0.56 -6.02 -38.12
CA LYS C 234 -0.61 -6.45 -36.73
C LYS C 234 -1.98 -6.98 -36.37
N LYS C 235 -2.00 -8.09 -35.64
CA LYS C 235 -3.25 -8.71 -35.21
C LYS C 235 -2.98 -9.53 -33.96
N GLY C 236 -4.06 -9.84 -33.23
CA GLY C 236 -3.92 -10.64 -32.04
C GLY C 236 -3.53 -9.77 -30.85
N GLY C 237 -2.45 -10.16 -30.18
CA GLY C 237 -1.98 -9.42 -29.03
C GLY C 237 -1.17 -8.19 -29.33
N GLU C 238 -0.78 -8.00 -30.59
CA GLU C 238 -0.03 -6.81 -30.98
C GLU C 238 -0.91 -5.58 -31.14
N VAL C 239 -2.23 -5.74 -31.14
CA VAL C 239 -3.16 -4.62 -31.29
C VAL C 239 -3.97 -4.47 -30.02
N SER C 240 -4.79 -3.44 -29.96
CA SER C 240 -5.67 -3.25 -28.81
C SER C 240 -6.70 -4.37 -28.73
N SER C 241 -7.08 -4.70 -27.50
CA SER C 241 -8.09 -5.74 -27.30
C SER C 241 -9.45 -5.35 -27.87
N LEU C 242 -9.69 -4.05 -28.08
CA LEU C 242 -10.91 -3.60 -28.72
C LEU C 242 -10.85 -3.70 -30.23
N ILE C 243 -9.69 -4.02 -30.79
CA ILE C 243 -9.53 -4.20 -32.23
C ILE C 243 -9.51 -5.67 -32.61
N SER C 244 -8.77 -6.49 -31.86
CA SER C 244 -8.76 -7.92 -32.11
C SER C 244 -10.05 -8.57 -31.63
N GLY C 245 -10.60 -8.08 -30.52
CA GLY C 245 -11.81 -8.65 -29.95
C GLY C 245 -13.02 -7.76 -30.10
N GLY C 246 -13.36 -7.03 -29.04
CA GLY C 246 -14.50 -6.14 -29.08
C GLY C 246 -14.50 -5.23 -27.87
N PHE C 247 -15.45 -4.30 -27.86
CA PHE C 247 -15.58 -3.32 -26.79
C PHE C 247 -16.63 -3.80 -25.80
N SER C 248 -16.26 -3.80 -24.51
CA SER C 248 -17.14 -4.24 -23.43
C SER C 248 -17.19 -3.16 -22.36
N PRO C 249 -17.95 -2.09 -22.59
CA PRO C 249 -18.03 -1.01 -21.60
C PRO C 249 -19.07 -1.32 -20.53
N LYS C 250 -18.64 -1.22 -19.27
CA LYS C 250 -19.56 -1.32 -18.13
C LYS C 250 -20.13 0.06 -17.86
N MET C 251 -21.46 0.16 -17.81
CA MET C 251 -22.13 1.45 -17.72
C MET C 251 -23.18 1.40 -16.62
N GLY C 252 -23.47 2.56 -16.04
CA GLY C 252 -24.47 2.63 -14.99
C GLY C 252 -25.29 3.90 -15.05
N VAL C 253 -26.62 3.75 -15.06
CA VAL C 253 -27.53 4.88 -15.13
C VAL C 253 -28.50 4.80 -13.95
N VAL C 254 -28.70 5.92 -13.28
CA VAL C 254 -29.65 6.01 -12.17
C VAL C 254 -30.91 6.68 -12.70
N LEU C 255 -32.03 5.96 -12.64
CA LEU C 255 -33.31 6.46 -13.13
C LEU C 255 -34.21 6.78 -11.94
N ALA C 256 -34.79 7.98 -11.97
CA ALA C 256 -35.76 8.40 -10.96
C ALA C 256 -37.08 8.73 -11.65
N SER C 257 -38.16 8.14 -11.17
CA SER C 257 -39.46 8.31 -11.79
C SER C 257 -40.50 8.52 -10.70
N PRO C 258 -41.61 9.20 -11.01
CA PRO C 258 -42.67 9.40 -10.01
C PRO C 258 -43.18 8.09 -9.43
N ASN C 259 -43.88 8.20 -8.30
CA ASN C 259 -44.29 7.03 -7.54
C ASN C 259 -45.28 6.16 -8.30
N GLY C 260 -46.06 6.74 -9.20
CA GLY C 260 -47.09 5.98 -9.89
C GLY C 260 -46.66 5.43 -11.24
N THR C 261 -45.36 5.33 -11.45
CA THR C 261 -44.84 4.84 -12.73
C THR C 261 -45.19 3.37 -12.93
N LYS C 262 -45.63 3.05 -14.14
CA LYS C 262 -45.95 1.67 -14.51
C LYS C 262 -44.93 1.07 -15.46
N LYS C 263 -44.68 1.73 -16.59
CA LYS C 263 -43.78 1.20 -17.60
C LYS C 263 -42.93 2.32 -18.20
N SER C 264 -41.67 2.00 -18.47
CA SER C 264 -40.76 2.89 -19.17
C SER C 264 -40.01 2.10 -20.24
N GLN C 265 -39.30 2.81 -21.10
CA GLN C 265 -38.54 2.19 -22.18
C GLN C 265 -37.09 2.64 -22.10
N PHE C 266 -36.18 1.71 -22.38
CA PHE C 266 -34.74 1.95 -22.32
C PHE C 266 -34.12 1.41 -23.60
N VAL C 267 -33.66 2.31 -24.47
CA VAL C 267 -33.09 1.93 -25.75
C VAL C 267 -31.58 2.13 -25.67
N VAL C 268 -30.82 1.05 -25.81
CA VAL C 268 -29.37 1.10 -25.82
C VAL C 268 -28.94 0.98 -27.27
N ARG C 269 -28.33 2.03 -27.80
CA ARG C 269 -27.90 2.07 -29.19
C ARG C 269 -26.39 1.92 -29.24
N VAL C 270 -25.92 0.91 -29.98
CA VAL C 270 -24.50 0.62 -30.15
C VAL C 270 -24.10 1.02 -31.57
N SER C 271 -22.98 1.72 -31.67
CA SER C 271 -22.49 2.20 -32.96
C SER C 271 -20.99 2.05 -33.01
N ARG C 272 -20.49 1.50 -34.12
CA ARG C 272 -19.06 1.39 -34.36
C ARG C 272 -18.74 1.95 -35.73
N MET C 273 -17.73 2.82 -35.79
CA MET C 273 -17.23 3.38 -37.03
C MET C 273 -15.87 2.76 -37.32
N SER C 274 -15.75 2.13 -38.48
CA SER C 274 -14.55 1.40 -38.85
C SER C 274 -13.83 2.08 -40.00
N ASP C 275 -12.50 2.14 -39.89
CA ASP C 275 -11.64 2.60 -40.96
C ASP C 275 -11.04 1.40 -41.68
N MET C 276 -10.40 1.69 -42.81
CA MET C 276 -9.70 0.66 -43.57
C MET C 276 -8.22 1.00 -43.57
N TYR C 277 -7.44 0.21 -42.84
CA TYR C 277 -5.98 0.29 -42.88
C TYR C 277 -5.51 -0.52 -44.08
N ILE C 278 -4.97 0.17 -45.07
CA ILE C 278 -4.55 -0.44 -46.33
C ILE C 278 -3.05 -0.65 -46.27
N MET C 279 -2.62 -1.90 -46.42
CA MET C 279 -1.22 -2.27 -46.50
C MET C 279 -0.92 -2.59 -47.96
N ARG C 280 -0.21 -1.68 -48.62
CA ARG C 280 0.21 -1.85 -49.99
C ARG C 280 1.69 -2.19 -50.05
N TRP C 281 2.09 -2.88 -51.11
CA TRP C 281 3.48 -3.21 -51.36
C TRP C 281 3.95 -2.44 -52.58
N SER C 282 4.79 -1.43 -52.34
CA SER C 282 5.40 -0.66 -53.43
C SER C 282 6.54 -1.48 -54.04
N GLY C 283 7.30 -0.84 -54.92
CA GLY C 283 8.41 -1.54 -55.56
C GLY C 283 9.47 -2.00 -54.57
N THR C 284 9.72 -1.21 -53.54
CA THR C 284 10.77 -1.51 -52.57
C THR C 284 10.28 -1.59 -51.14
N GLU C 285 9.31 -0.77 -50.75
CA GLU C 285 8.92 -0.65 -49.35
C GLU C 285 7.42 -0.88 -49.20
N TRP C 286 7.03 -1.25 -47.98
CA TRP C 286 5.62 -1.36 -47.63
C TRP C 286 5.04 0.04 -47.39
N GLY C 287 3.72 0.11 -47.40
CA GLY C 287 3.05 1.37 -47.16
C GLY C 287 1.69 1.21 -46.51
N GLY C 288 1.38 2.08 -45.56
CA GLY C 288 0.09 2.03 -44.89
C GLY C 288 -0.71 3.30 -45.09
N GLU C 289 -2.00 3.15 -45.39
CA GLU C 289 -2.88 4.29 -45.60
C GLU C 289 -4.17 4.06 -44.82
N ASN C 290 -4.58 5.07 -44.05
CA ASN C 290 -5.81 4.96 -43.27
C ASN C 290 -6.95 5.63 -44.01
N GLU C 291 -7.87 4.84 -44.54
CA GLU C 291 -9.06 5.35 -45.20
C GLU C 291 -10.15 5.52 -44.15
N ILE C 292 -10.59 6.77 -43.95
CA ILE C 292 -11.52 7.13 -42.88
C ILE C 292 -12.91 6.58 -43.17
N ASN C 293 -13.78 6.65 -42.16
CA ASN C 293 -15.07 5.95 -42.22
C ASN C 293 -15.93 6.44 -43.38
N GLN C 294 -16.01 7.75 -43.60
CA GLN C 294 -16.88 8.27 -44.63
C GLN C 294 -16.35 8.00 -46.04
N ASN C 295 -15.11 7.52 -46.18
CA ASN C 295 -14.55 7.20 -47.49
C ASN C 295 -14.61 5.72 -47.82
N VAL C 296 -14.81 4.86 -46.83
CA VAL C 296 -14.89 3.41 -47.08
C VAL C 296 -16.13 3.11 -47.91
N PRO C 297 -16.04 2.27 -48.93
CA PRO C 297 -17.24 1.91 -49.70
C PRO C 297 -18.30 1.27 -48.84
N LYS C 298 -19.56 1.52 -49.20
CA LYS C 298 -20.68 1.05 -48.38
C LYS C 298 -20.80 -0.47 -48.40
N GLU C 299 -20.13 -1.14 -49.34
CA GLU C 299 -20.24 -2.59 -49.44
C GLU C 299 -19.64 -3.31 -48.23
N TYR C 300 -18.75 -2.65 -47.49
CA TYR C 300 -18.07 -3.27 -46.36
C TYR C 300 -18.72 -2.94 -45.02
N ASN C 301 -19.73 -2.07 -45.00
CA ASN C 301 -20.46 -1.71 -43.79
C ASN C 301 -19.51 -1.19 -42.71
N ALA C 302 -18.87 -0.06 -43.03
CA ALA C 302 -17.91 0.54 -42.11
C ALA C 302 -18.58 1.24 -40.93
N LEU C 303 -19.89 1.44 -40.97
CA LEU C 303 -20.63 2.11 -39.88
C LEU C 303 -21.76 1.18 -39.46
N MET C 304 -21.63 0.58 -38.28
CA MET C 304 -22.66 -0.29 -37.73
C MET C 304 -23.45 0.49 -36.68
N TYR C 305 -24.77 0.50 -36.84
CA TYR C 305 -25.67 1.30 -36.00
C TYR C 305 -26.87 0.41 -35.63
N GLU C 306 -26.81 -0.22 -34.46
CA GLU C 306 -27.89 -1.10 -34.02
C GLU C 306 -28.42 -0.62 -32.68
N ASP C 307 -29.57 -1.15 -32.28
CA ASP C 307 -30.21 -0.75 -31.04
C ASP C 307 -30.94 -1.94 -30.43
N VAL C 308 -30.95 -1.98 -29.10
CA VAL C 308 -31.69 -2.97 -28.32
C VAL C 308 -32.65 -2.24 -27.40
N LYS C 309 -33.92 -2.62 -27.46
CA LYS C 309 -34.97 -1.96 -26.70
C LYS C 309 -35.41 -2.84 -25.54
N PHE C 310 -35.52 -2.25 -24.35
CA PHE C 310 -36.01 -2.92 -23.17
C PHE C 310 -37.21 -2.19 -22.62
N GLU C 311 -38.17 -2.94 -22.09
CA GLU C 311 -39.29 -2.40 -21.36
C GLU C 311 -39.06 -2.64 -19.87
N ILE C 312 -39.12 -1.58 -19.08
CA ILE C 312 -38.90 -1.63 -17.64
C ILE C 312 -40.26 -1.45 -16.97
N ASP C 313 -40.77 -2.53 -16.38
CA ASP C 313 -42.03 -2.51 -15.64
C ASP C 313 -41.70 -2.18 -14.19
N TRP C 314 -42.02 -0.95 -13.78
CA TRP C 314 -41.75 -0.53 -12.41
C TRP C 314 -42.72 -1.15 -11.43
N GLU C 315 -43.94 -1.47 -11.87
CA GLU C 315 -44.89 -2.15 -11.01
C GLU C 315 -44.48 -3.61 -10.81
N GLN C 316 -44.39 -4.37 -11.90
CA GLN C 316 -43.89 -5.73 -11.83
C GLN C 316 -42.39 -5.78 -11.55
N ARG C 317 -41.68 -4.68 -11.72
CA ARG C 317 -40.25 -4.58 -11.42
C ARG C 317 -39.45 -5.58 -12.26
N THR C 318 -39.66 -5.54 -13.57
CA THR C 318 -39.03 -6.47 -14.49
C THR C 318 -38.42 -5.70 -15.66
N VAL C 319 -37.47 -6.35 -16.33
CA VAL C 319 -36.87 -5.82 -17.55
C VAL C 319 -37.03 -6.88 -18.63
N ARG C 320 -37.70 -6.51 -19.72
CA ARG C 320 -37.98 -7.47 -20.79
C ARG C 320 -37.56 -6.89 -22.13
N THR C 321 -36.79 -7.65 -22.89
CA THR C 321 -36.34 -7.19 -24.20
C THR C 321 -37.52 -7.08 -25.14
N ILE C 322 -37.84 -5.86 -25.57
CA ILE C 322 -38.97 -5.62 -26.45
C ILE C 322 -38.49 -5.31 -27.86
N ASP D 7 -21.81 6.82 13.51
CA ASP D 7 -22.43 5.73 14.26
C ASP D 7 -23.92 5.98 14.46
N ASN D 8 -24.74 4.97 14.13
CA ASN D 8 -26.18 5.04 14.25
C ASN D 8 -26.65 3.83 15.05
N PRO D 9 -26.62 3.89 16.37
CA PRO D 9 -27.03 2.75 17.19
C PRO D 9 -28.54 2.53 17.11
N VAL D 10 -28.94 1.35 17.57
CA VAL D 10 -30.36 0.96 17.55
C VAL D 10 -31.19 1.86 18.46
N LEU D 11 -30.62 2.34 19.56
CA LEU D 11 -31.34 3.09 20.60
C LEU D 11 -32.46 2.18 21.10
N GLY D 12 -33.70 2.65 21.21
CA GLY D 12 -34.77 1.89 21.79
C GLY D 12 -35.68 1.22 20.77
N THR D 13 -36.61 0.43 21.30
CA THR D 13 -37.60 -0.29 20.50
C THR D 13 -38.97 -0.07 21.11
N GLU D 14 -39.96 0.18 20.27
CA GLU D 14 -41.34 0.35 20.70
C GLU D 14 -42.16 -0.82 20.16
N VAL D 15 -42.85 -1.52 21.06
CA VAL D 15 -43.61 -2.72 20.71
C VAL D 15 -45.08 -2.42 20.97
N THR D 16 -45.90 -2.60 19.93
CA THR D 16 -47.34 -2.43 20.02
C THR D 16 -48.02 -3.73 19.61
N PHE D 17 -49.25 -3.91 20.07
CA PHE D 17 -50.02 -5.12 19.82
C PHE D 17 -51.32 -4.78 19.12
N GLU D 18 -51.54 -5.39 17.96
CA GLU D 18 -52.81 -5.31 17.25
C GLU D 18 -53.62 -6.56 17.63
N LYS D 19 -54.80 -6.34 18.19
CA LYS D 19 -55.63 -7.40 18.73
C LYS D 19 -56.91 -7.55 17.91
N ASP D 20 -57.48 -8.74 17.97
CA ASP D 20 -58.74 -9.03 17.28
C ASP D 20 -59.92 -8.55 18.13
N GLU D 21 -61.10 -8.60 17.52
CA GLU D 21 -62.33 -8.23 18.22
C GLU D 21 -62.62 -9.23 19.33
N ASN D 22 -62.45 -8.79 20.58
CA ASN D 22 -62.63 -9.66 21.74
C ASN D 22 -61.76 -10.91 21.64
N GLY D 23 -60.51 -10.71 21.17
CA GLY D 23 -59.59 -11.81 20.98
C GLY D 23 -58.21 -11.47 21.54
N ARG D 24 -57.31 -12.44 21.41
CA ARG D 24 -55.95 -12.28 21.91
C ARG D 24 -55.16 -11.40 20.93
N ILE D 25 -53.85 -11.29 21.18
CA ILE D 25 -53.00 -10.49 20.30
C ILE D 25 -52.79 -11.25 18.99
N VAL D 26 -53.23 -10.65 17.89
CA VAL D 26 -53.09 -11.27 16.57
C VAL D 26 -51.91 -10.72 15.78
N LYS D 27 -51.30 -9.63 16.23
CA LYS D 27 -50.11 -9.12 15.54
C LYS D 27 -49.28 -8.31 16.52
N ILE D 28 -47.96 -8.45 16.41
CA ILE D 28 -47.02 -7.69 17.23
C ILE D 28 -46.16 -6.85 16.30
N ILE D 29 -46.21 -5.53 16.47
CA ILE D 29 -45.46 -4.59 15.63
C ILE D 29 -44.35 -3.98 16.48
N SER D 30 -43.11 -4.32 16.16
CA SER D 30 -41.94 -3.72 16.80
C SER D 30 -41.34 -2.71 15.85
N LYS D 31 -40.92 -1.56 16.38
CA LYS D 31 -40.28 -0.51 15.60
C LYS D 31 -39.07 -0.01 16.37
N ASN D 32 -37.90 -0.09 15.75
CA ASN D 32 -36.69 0.43 16.36
C ASN D 32 -36.55 1.91 16.05
N GLN D 33 -36.32 2.72 17.08
CA GLN D 33 -36.22 4.17 16.95
C GLN D 33 -34.74 4.54 16.85
N TYR D 34 -34.33 4.98 15.67
CA TYR D 34 -32.95 5.38 15.43
C TYR D 34 -32.80 6.89 15.54
N ARG D 35 -31.61 7.31 15.97
CA ARG D 35 -31.32 8.74 16.09
C ARG D 35 -31.32 9.42 14.73
N ILE D 36 -30.69 8.79 13.74
CA ILE D 36 -30.49 9.36 12.42
C ILE D 36 -31.41 8.64 11.43
N THR D 37 -32.22 9.41 10.71
CA THR D 37 -33.05 8.87 9.64
C THR D 37 -32.69 9.59 8.34
N ILE D 38 -32.50 8.84 7.26
CA ILE D 38 -32.14 9.40 5.97
C ILE D 38 -33.37 9.33 5.08
N TYR D 39 -33.83 10.50 4.62
CA TYR D 39 -34.93 10.60 3.68
C TYR D 39 -34.36 11.07 2.35
N ASN D 40 -34.30 10.17 1.37
CA ASN D 40 -33.64 10.46 0.11
C ASN D 40 -34.66 10.87 -0.94
N SER D 41 -34.38 12.00 -1.60
CA SER D 41 -35.15 12.44 -2.76
C SER D 41 -34.16 12.85 -3.85
N VAL D 42 -34.59 12.75 -5.10
CA VAL D 42 -33.71 13.07 -6.21
C VAL D 42 -34.54 13.53 -7.40
N ASP D 43 -34.04 14.54 -8.09
CA ASP D 43 -34.67 15.02 -9.31
C ASP D 43 -33.59 15.50 -10.26
N ALA D 44 -33.98 15.79 -11.50
CA ALA D 44 -33.04 16.24 -12.51
C ALA D 44 -33.76 17.14 -13.50
N GLY D 45 -32.96 17.95 -14.19
CA GLY D 45 -33.49 18.88 -15.17
C GLY D 45 -32.48 19.24 -16.24
N ASP D 46 -32.93 19.27 -17.50
CA ASP D 46 -32.08 19.66 -18.61
C ASP D 46 -32.21 21.17 -18.87
N THR D 47 -31.48 21.63 -19.87
CA THR D 47 -31.45 23.03 -20.28
C THR D 47 -31.52 23.08 -21.79
N PRO D 48 -31.86 24.24 -22.37
CA PRO D 48 -31.93 24.33 -23.83
C PRO D 48 -30.66 23.89 -24.55
N ASN D 49 -29.48 24.12 -23.97
CA ASN D 49 -28.23 23.67 -24.56
C ASN D 49 -27.78 22.32 -23.99
N ASP D 50 -28.73 21.51 -23.50
CA ASP D 50 -28.47 20.12 -23.12
C ASP D 50 -27.41 20.02 -22.02
N ALA D 51 -27.57 20.83 -20.97
CA ALA D 51 -26.74 20.74 -19.77
C ALA D 51 -27.64 20.26 -18.62
N SER D 52 -27.39 19.04 -18.15
CA SER D 52 -28.25 18.42 -17.16
C SER D 52 -27.75 18.69 -15.75
N VAL D 53 -28.68 18.91 -14.83
CA VAL D 53 -28.36 19.09 -13.41
C VAL D 53 -29.26 18.16 -12.62
N SER D 54 -28.67 17.28 -11.81
CA SER D 54 -29.42 16.37 -10.96
C SER D 54 -29.09 16.66 -9.50
N LEU D 55 -30.13 16.87 -8.70
CA LEU D 55 -30.01 17.15 -7.29
C LEU D 55 -30.52 15.95 -6.51
N ASP D 56 -29.66 15.38 -5.65
CA ASP D 56 -30.01 14.26 -4.79
C ASP D 56 -29.85 14.73 -3.35
N VAL D 57 -30.97 15.00 -2.67
CA VAL D 57 -30.96 15.55 -1.33
C VAL D 57 -31.32 14.44 -0.34
N ASP D 58 -30.43 14.21 0.63
CA ASP D 58 -30.69 13.33 1.75
C ASP D 58 -31.00 14.21 2.96
N PHE D 59 -32.26 14.22 3.38
CA PHE D 59 -32.66 14.92 4.58
C PHE D 59 -32.30 14.07 5.78
N ILE D 60 -31.62 14.67 6.75
CA ILE D 60 -31.13 13.97 7.93
C ILE D 60 -32.07 14.33 9.07
N ASP D 61 -33.09 13.50 9.27
CA ASP D 61 -33.99 13.63 10.41
C ASP D 61 -33.21 13.17 11.63
N ASP D 62 -32.72 14.13 12.42
CA ASP D 62 -31.92 13.88 13.59
C ASP D 62 -32.72 14.27 14.84
N LYS D 63 -33.02 13.28 15.67
CA LYS D 63 -33.64 13.58 16.96
C LYS D 63 -32.70 14.37 17.85
N ASN D 64 -31.39 14.15 17.72
CA ASN D 64 -30.38 14.88 18.47
C ASN D 64 -29.86 16.08 17.70
N SER D 65 -30.77 16.95 17.25
CA SER D 65 -30.40 18.14 16.52
C SER D 65 -31.44 19.23 16.75
N GLY D 66 -30.98 20.48 16.70
CA GLY D 66 -31.86 21.61 16.90
C GLY D 66 -32.38 22.22 15.60
N GLU D 67 -31.88 21.75 14.47
CA GLU D 67 -32.26 22.30 13.18
C GLU D 67 -32.24 21.21 12.13
N MET D 68 -33.08 21.39 11.11
CA MET D 68 -33.13 20.45 10.00
C MET D 68 -31.88 20.55 9.14
N GLY D 69 -31.42 19.41 8.64
CA GLY D 69 -30.24 19.38 7.79
C GLY D 69 -30.47 18.51 6.57
N ALA D 70 -29.76 18.85 5.50
CA ALA D 70 -29.91 18.15 4.23
C ALA D 70 -28.58 18.16 3.49
N VAL D 71 -28.09 16.98 3.14
CA VAL D 71 -26.89 16.85 2.32
C VAL D 71 -27.32 16.68 0.87
N ALA D 72 -26.99 17.64 0.02
CA ALA D 72 -27.43 17.65 -1.37
C ALA D 72 -26.23 17.41 -2.27
N SER D 73 -26.32 16.38 -3.10
CA SER D 73 -25.30 16.07 -4.09
C SER D 73 -25.79 16.55 -5.45
N ILE D 74 -24.99 17.39 -6.09
CA ILE D 74 -25.28 17.90 -7.42
C ILE D 74 -24.38 17.18 -8.41
N ASN D 75 -25.01 16.46 -9.35
CA ASN D 75 -24.32 15.84 -10.46
C ASN D 75 -24.70 16.60 -11.72
N THR D 76 -23.71 17.23 -12.34
CA THR D 76 -23.95 18.11 -13.48
C THR D 76 -23.22 17.58 -14.70
N PHE D 77 -23.84 17.77 -15.86
CA PHE D 77 -23.18 17.58 -17.15
C PHE D 77 -23.35 18.86 -17.95
N ILE D 78 -22.26 19.58 -18.15
CA ILE D 78 -22.23 20.75 -19.02
C ILE D 78 -21.51 20.35 -20.30
N PRO D 79 -22.21 20.28 -21.44
CA PRO D 79 -21.56 19.84 -22.67
C PRO D 79 -20.44 20.78 -23.07
N SER D 80 -19.41 20.23 -23.71
CA SER D 80 -18.26 21.04 -24.10
C SER D 80 -18.62 22.05 -25.18
N GLY D 81 -19.64 21.76 -25.98
CA GLY D 81 -19.99 22.63 -27.08
C GLY D 81 -18.87 22.74 -28.10
N LEU D 82 -18.15 21.65 -28.34
CA LEU D 82 -17.02 21.65 -29.26
C LEU D 82 -17.56 21.77 -30.68
N ARG D 83 -17.50 22.98 -31.23
CA ARG D 83 -18.11 23.27 -32.52
C ARG D 83 -17.04 23.58 -33.55
N TYR D 84 -17.22 23.08 -34.77
CA TYR D 84 -16.27 23.30 -35.85
C TYR D 84 -16.91 24.17 -36.92
N VAL D 85 -16.23 25.25 -37.29
CA VAL D 85 -16.72 26.21 -38.27
C VAL D 85 -15.71 26.29 -39.41
N GLU D 86 -16.20 26.17 -40.65
CA GLU D 86 -15.37 26.21 -41.83
C GLU D 86 -15.00 27.65 -42.20
N GLY D 87 -13.75 27.84 -42.59
CA GLY D 87 -13.29 29.10 -43.13
C GLY D 87 -13.49 30.29 -42.22
N TYR D 88 -13.13 30.14 -40.95
CA TYR D 88 -13.42 31.14 -39.94
C TYR D 88 -12.30 32.17 -39.92
N LYS D 89 -12.60 33.38 -40.37
CA LYS D 89 -11.68 34.52 -40.34
C LYS D 89 -10.33 34.17 -40.98
N TYR D 90 -10.40 33.81 -42.26
CA TYR D 90 -9.16 33.62 -43.02
C TYR D 90 -8.41 34.94 -43.15
N LYS D 91 -9.12 36.02 -43.46
CA LYS D 91 -8.55 37.36 -43.52
C LYS D 91 -9.48 38.32 -42.81
N GLY D 92 -8.94 39.07 -41.84
CA GLY D 92 -9.76 40.03 -41.11
C GLY D 92 -10.92 39.35 -40.41
N VAL D 93 -12.11 39.91 -40.61
CA VAL D 93 -13.33 39.38 -40.02
C VAL D 93 -14.23 38.73 -41.08
N THR D 94 -13.68 38.45 -42.26
CA THR D 94 -14.44 37.81 -43.32
C THR D 94 -14.67 36.33 -42.98
N ASN D 95 -15.90 35.87 -43.14
CA ASN D 95 -16.31 34.52 -42.74
C ASN D 95 -16.98 33.79 -43.90
N PRO D 96 -16.21 33.37 -44.92
CA PRO D 96 -16.79 32.50 -45.94
C PRO D 96 -16.87 31.05 -45.46
N ILE D 97 -17.96 30.38 -45.83
CA ILE D 97 -18.02 28.92 -45.69
C ILE D 97 -17.37 28.22 -46.87
N TYR D 98 -17.05 28.94 -47.94
CA TYR D 98 -16.49 28.32 -49.13
C TYR D 98 -15.03 27.96 -48.95
N LYS D 99 -14.19 28.95 -48.65
CA LYS D 99 -12.75 28.71 -48.55
C LYS D 99 -12.45 27.86 -47.32
N ASN D 100 -11.58 26.86 -47.50
CA ASN D 100 -11.22 25.95 -46.42
C ASN D 100 -9.73 25.99 -46.16
N LEU D 101 -9.14 27.18 -46.16
CA LEU D 101 -7.76 27.35 -45.73
C LEU D 101 -7.64 27.62 -44.24
N SER D 102 -8.76 27.76 -43.54
CA SER D 102 -8.75 27.99 -42.11
C SER D 102 -9.98 27.32 -41.49
N ALA D 103 -9.88 27.01 -40.21
CA ALA D 103 -10.99 26.41 -39.49
C ALA D 103 -10.98 26.89 -38.05
N GLY D 104 -12.18 27.09 -37.50
CA GLY D 104 -12.33 27.51 -36.12
C GLY D 104 -12.95 26.43 -35.28
N MET D 105 -12.51 26.33 -34.02
CA MET D 105 -13.03 25.35 -33.07
C MET D 105 -13.44 26.08 -31.80
N LEU D 106 -14.75 26.09 -31.53
CA LEU D 106 -15.28 26.62 -30.28
C LEU D 106 -15.14 25.54 -29.22
N TRP D 107 -14.35 25.82 -28.19
CA TRP D 107 -13.99 24.87 -27.16
C TRP D 107 -14.15 25.49 -25.77
N PRO D 108 -14.53 24.69 -24.78
CA PRO D 108 -14.88 25.23 -23.45
C PRO D 108 -13.68 25.54 -22.56
N LYS D 109 -13.13 26.75 -22.65
CA LYS D 109 -11.98 27.09 -21.82
C LYS D 109 -12.34 27.05 -20.33
N LYS D 110 -13.47 27.64 -19.97
CA LYS D 110 -13.78 27.89 -18.57
C LYS D 110 -15.20 27.46 -18.27
N TYR D 111 -15.37 26.66 -17.23
CA TYR D 111 -16.67 26.29 -16.71
C TYR D 111 -16.94 27.06 -15.42
N ARG D 112 -18.20 27.43 -15.22
CA ARG D 112 -18.65 28.12 -14.03
C ARG D 112 -19.92 27.46 -13.53
N VAL D 113 -19.97 27.13 -12.25
CA VAL D 113 -21.14 26.50 -11.65
C VAL D 113 -21.54 27.29 -10.43
N GLU D 114 -22.79 27.75 -10.40
CA GLU D 114 -23.36 28.45 -9.26
C GLU D 114 -24.47 27.61 -8.67
N VAL D 115 -24.50 27.49 -7.34
CA VAL D 115 -25.64 26.96 -6.62
C VAL D 115 -26.13 28.07 -5.69
N VAL D 116 -27.41 28.41 -5.80
CA VAL D 116 -27.98 29.53 -5.07
C VAL D 116 -29.05 28.99 -4.12
N ASN D 117 -28.90 29.28 -2.84
CA ASN D 117 -29.89 28.93 -1.84
C ASN D 117 -30.82 30.13 -1.65
N ILE D 118 -32.10 29.94 -1.98
CA ILE D 118 -33.08 31.01 -1.87
C ILE D 118 -34.06 30.68 -0.75
N PRO D 119 -33.92 31.28 0.43
CA PRO D 119 -34.88 31.04 1.51
C PRO D 119 -36.27 31.51 1.13
N ILE D 120 -37.28 30.78 1.61
CA ILE D 120 -38.67 31.12 1.34
C ILE D 120 -39.39 31.37 2.66
N ASP D 121 -39.42 30.38 3.53
CA ASP D 121 -40.11 30.47 4.81
C ASP D 121 -39.16 30.65 5.98
N GLN D 122 -37.99 30.01 5.96
CA GLN D 122 -37.02 30.12 7.04
C GLN D 122 -35.65 30.39 6.46
N ALA D 123 -34.74 30.82 7.34
CA ALA D 123 -33.39 31.22 6.94
C ALA D 123 -32.55 29.99 6.68
N THR D 124 -32.79 29.37 5.52
CA THR D 124 -31.97 28.24 5.09
C THR D 124 -30.57 28.75 4.72
N LYS D 125 -29.56 28.00 5.16
CA LYS D 125 -28.18 28.43 5.03
C LYS D 125 -27.33 27.31 4.43
N ILE D 126 -26.31 27.69 3.67
CA ILE D 126 -25.32 26.76 3.14
C ILE D 126 -24.20 26.63 4.16
N ILE D 127 -23.99 25.42 4.67
CA ILE D 127 -22.99 25.18 5.70
C ILE D 127 -21.63 24.89 5.10
N THR D 128 -21.55 23.87 4.24
CA THR D 128 -20.28 23.45 3.68
C THR D 128 -20.50 23.05 2.22
N ALA D 129 -19.48 23.29 1.39
CA ALA D 129 -19.47 22.88 -0.01
C ALA D 129 -18.30 21.94 -0.20
N THR D 130 -18.58 20.72 -0.67
CA THR D 130 -17.56 19.69 -0.72
C THR D 130 -16.37 20.05 -1.60
N PRO D 131 -16.52 20.58 -2.83
CA PRO D 131 -15.32 20.94 -3.60
C PRO D 131 -14.67 22.19 -3.03
N ASN D 132 -13.58 22.01 -2.30
CA ASN D 132 -12.89 23.10 -1.63
C ASN D 132 -11.48 23.26 -2.18
N ASN D 133 -10.98 24.48 -2.16
CA ASN D 133 -9.61 24.74 -2.59
C ASN D 133 -8.63 24.12 -1.60
N ASN D 134 -7.69 23.34 -2.12
CA ASN D 134 -6.71 22.66 -1.30
C ASN D 134 -5.32 23.20 -1.60
N ILE D 135 -4.47 23.26 -0.57
CA ILE D 135 -3.10 23.72 -0.74
C ILE D 135 -2.30 22.59 -1.39
N LYS D 136 -2.15 22.64 -2.71
CA LYS D 136 -1.42 21.61 -3.43
C LYS D 136 0.07 21.77 -3.18
N GLU D 137 0.74 20.66 -2.87
CA GLU D 137 2.14 20.67 -2.50
C GLU D 137 2.98 20.09 -3.62
N LYS D 138 4.21 20.57 -3.74
CA LYS D 138 5.18 20.08 -4.69
C LYS D 138 6.35 19.44 -3.96
N GLN D 139 7.09 18.60 -4.69
CA GLN D 139 8.24 17.90 -4.15
C GLN D 139 9.50 18.52 -4.72
N VAL D 140 10.34 19.06 -3.85
CA VAL D 140 11.57 19.76 -4.24
C VAL D 140 12.76 18.95 -3.75
N SER D 141 13.64 18.60 -4.68
CA SER D 141 14.87 17.87 -4.37
C SER D 141 16.05 18.75 -4.77
N ASP D 142 16.91 19.06 -3.81
CA ASP D 142 18.09 19.89 -4.03
C ASP D 142 19.33 19.03 -3.85
N THR D 143 20.17 18.98 -4.88
CA THR D 143 21.39 18.19 -4.85
C THR D 143 22.59 19.10 -5.03
N ILE D 144 23.57 18.95 -4.15
CA ILE D 144 24.84 19.66 -4.21
C ILE D 144 25.93 18.62 -4.41
N SER D 145 26.68 18.74 -5.50
CA SER D 145 27.67 17.74 -5.85
C SER D 145 29.04 18.38 -6.01
N TYR D 146 30.03 17.83 -5.32
CA TYR D 146 31.43 18.19 -5.49
C TYR D 146 32.15 17.08 -6.24
N GLY D 147 33.32 17.41 -6.79
CA GLY D 147 34.12 16.41 -7.47
C GLY D 147 35.55 16.83 -7.72
N PHE D 148 36.48 15.88 -7.64
CA PHE D 148 37.89 16.15 -7.87
C PHE D 148 38.44 15.15 -8.88
N GLY D 149 39.49 15.56 -9.59
CA GLY D 149 40.08 14.74 -10.63
C GLY D 149 41.56 14.52 -10.39
N GLY D 150 42.09 13.48 -11.04
CA GLY D 150 43.49 13.11 -10.88
C GLY D 150 44.33 13.37 -12.10
N SER D 151 43.75 13.21 -13.29
CA SER D 151 44.43 13.40 -14.58
C SER D 151 45.67 12.52 -14.59
N VAL D 152 46.88 13.07 -14.73
CA VAL D 152 48.12 12.30 -14.72
C VAL D 152 48.11 11.23 -15.81
N SER D 162 45.69 18.16 -14.85
CA SER D 162 46.35 18.04 -13.56
C SER D 162 45.36 17.67 -12.46
N ILE D 163 44.72 18.68 -11.89
CA ILE D 163 43.68 18.48 -10.88
C ILE D 163 42.44 19.25 -11.30
N GLU D 164 41.34 18.53 -11.52
CA GLU D 164 40.09 19.12 -11.98
C GLU D 164 39.09 19.12 -10.84
N ALA D 165 38.39 20.24 -10.67
CA ALA D 165 37.39 20.41 -9.62
C ALA D 165 36.05 20.75 -10.26
N ASN D 166 34.99 20.13 -9.76
CA ASN D 166 33.64 20.34 -10.27
C ASN D 166 32.68 20.58 -9.12
N LEU D 167 31.72 21.47 -9.34
CA LEU D 167 30.69 21.79 -8.36
C LEU D 167 29.38 22.03 -9.11
N ALA D 168 28.35 21.27 -8.77
CA ALA D 168 27.07 21.35 -9.45
C ALA D 168 25.94 21.51 -8.44
N TYR D 169 24.99 22.38 -8.76
CA TYR D 169 23.80 22.61 -7.97
C TYR D 169 22.59 22.26 -8.84
N THR D 170 21.73 21.37 -8.34
CA THR D 170 20.56 20.94 -9.10
C THR D 170 19.31 21.04 -8.23
N LYS D 171 18.22 21.54 -8.82
CA LYS D 171 16.94 21.68 -8.12
C LYS D 171 15.85 21.08 -9.00
N THR D 172 15.23 20.01 -8.53
CA THR D 172 14.17 19.32 -9.25
C THR D 172 12.84 19.55 -8.53
N THR D 173 11.85 20.05 -9.25
CA THR D 173 10.53 20.31 -8.70
C THR D 173 9.51 19.45 -9.43
N THR D 174 8.83 18.58 -8.69
CA THR D 174 7.86 17.64 -9.23
C THR D 174 6.49 17.94 -8.66
N TYR D 175 5.48 18.01 -9.54
CA TYR D 175 4.13 18.32 -9.12
C TYR D 175 3.15 17.71 -10.12
N ASP D 176 1.88 17.64 -9.70
CA ASP D 176 0.81 17.12 -10.54
C ASP D 176 0.02 18.29 -11.11
N GLN D 177 -0.04 18.37 -12.44
CA GLN D 177 -0.72 19.46 -13.11
C GLN D 177 -1.94 18.95 -13.86
N PRO D 178 -3.15 19.15 -13.35
CA PRO D 178 -4.35 18.72 -14.09
C PRO D 178 -4.59 19.59 -15.31
N ASP D 179 -5.29 19.02 -16.29
CA ASP D 179 -5.66 19.78 -17.48
C ASP D 179 -6.59 20.93 -17.13
N TYR D 180 -7.55 20.69 -16.24
CA TYR D 180 -8.46 21.72 -15.74
C TYR D 180 -8.28 21.84 -14.25
N GLU D 181 -8.27 23.07 -13.74
CA GLU D 181 -8.14 23.34 -12.32
C GLU D 181 -9.47 23.88 -11.81
N THR D 182 -10.07 23.18 -10.86
CA THR D 182 -11.36 23.57 -10.28
C THR D 182 -11.09 24.32 -8.98
N SER D 183 -11.54 25.57 -8.92
CA SER D 183 -11.34 26.43 -7.76
C SER D 183 -12.68 26.98 -7.31
N GLN D 184 -12.95 26.87 -6.02
CA GLN D 184 -14.16 27.45 -5.43
C GLN D 184 -13.92 28.92 -5.18
N ILE D 185 -14.51 29.78 -6.02
CA ILE D 185 -14.27 31.21 -5.90
C ILE D 185 -15.25 31.89 -4.96
N LYS D 186 -16.38 31.27 -4.65
CA LYS D 186 -17.33 31.91 -3.74
C LYS D 186 -18.03 30.86 -2.91
N LYS D 187 -18.21 31.15 -1.62
CA LYS D 187 -18.95 30.24 -0.74
C LYS D 187 -19.52 31.08 0.40
N THR D 188 -20.81 31.39 0.33
CA THR D 188 -21.53 32.08 1.38
C THR D 188 -22.67 31.20 1.86
N THR D 189 -23.50 31.75 2.75
CA THR D 189 -24.66 31.03 3.25
C THR D 189 -25.77 30.90 2.22
N LYS D 190 -25.69 31.65 1.12
CA LYS D 190 -26.76 31.66 0.12
C LYS D 190 -26.31 31.33 -1.29
N GLU D 191 -25.00 31.25 -1.56
CA GLU D 191 -24.53 31.05 -2.92
C GLU D 191 -23.11 30.52 -2.89
N ALA D 192 -22.87 29.46 -3.68
CA ALA D 192 -21.54 28.89 -3.83
C ALA D 192 -21.21 28.80 -5.32
N VAL D 193 -20.07 29.36 -5.70
CA VAL D 193 -19.64 29.46 -7.09
C VAL D 193 -18.29 28.80 -7.24
N TRP D 194 -18.21 27.80 -8.13
CA TRP D 194 -16.97 27.14 -8.50
C TRP D 194 -16.60 27.49 -9.93
N ASP D 195 -15.30 27.65 -10.16
CA ASP D 195 -14.77 27.89 -11.49
C ASP D 195 -13.76 26.80 -11.84
N THR D 196 -13.73 26.43 -13.12
CA THR D 196 -12.85 25.37 -13.62
C THR D 196 -12.23 25.87 -14.92
N SER D 197 -10.96 26.25 -14.87
CA SER D 197 -10.30 26.88 -16.00
C SER D 197 -9.27 25.94 -16.63
N PHE D 198 -9.13 26.04 -17.95
CA PHE D 198 -8.11 25.29 -18.67
C PHE D 198 -6.72 25.75 -18.23
N VAL D 199 -5.85 24.79 -17.93
CA VAL D 199 -4.49 25.11 -17.50
C VAL D 199 -3.54 24.91 -18.67
N GLU D 200 -3.43 23.67 -19.14
CA GLU D 200 -2.54 23.36 -20.25
C GLU D 200 -2.84 21.95 -20.76
N THR D 201 -2.42 21.69 -21.99
CA THR D 201 -2.54 20.37 -22.57
C THR D 201 -1.44 19.46 -22.03
N ARG D 202 -1.47 18.20 -22.46
CA ARG D 202 -0.43 17.26 -22.07
C ARG D 202 0.94 17.66 -22.60
N ASP D 203 0.97 18.36 -23.75
CA ASP D 203 2.23 18.76 -24.35
C ASP D 203 2.80 20.04 -23.74
N GLY D 204 2.08 20.67 -22.82
CA GLY D 204 2.56 21.86 -22.17
C GLY D 204 2.14 23.18 -22.78
N TYR D 205 1.16 23.18 -23.68
CA TYR D 205 0.70 24.39 -24.34
C TYR D 205 -0.50 24.98 -23.60
N THR D 206 -0.55 26.29 -23.57
CA THR D 206 -1.54 27.07 -22.83
C THR D 206 -2.21 28.04 -23.79
N PRO D 207 -3.42 28.50 -23.48
CA PRO D 207 -4.08 29.49 -24.34
C PRO D 207 -3.28 30.77 -24.52
N ASN D 208 -2.37 31.08 -23.59
CA ASN D 208 -1.54 32.26 -23.67
C ASN D 208 -0.22 32.00 -24.37
N SER D 209 0.03 30.76 -24.81
CA SER D 209 1.26 30.46 -25.52
C SER D 209 1.23 31.06 -26.92
N TRP D 210 2.41 31.40 -27.43
CA TRP D 210 2.52 32.02 -28.74
C TRP D 210 3.92 31.81 -29.29
N ASN D 211 4.02 31.16 -30.44
CA ASN D 211 5.25 31.04 -31.20
C ASN D 211 5.35 32.16 -32.22
N PRO D 212 6.55 32.72 -32.42
CA PRO D 212 6.67 33.86 -33.34
C PRO D 212 6.18 33.57 -34.74
N VAL D 213 6.33 32.33 -35.21
CA VAL D 213 5.91 31.98 -36.57
C VAL D 213 4.85 30.88 -36.61
N TYR D 214 4.75 30.04 -35.58
CA TYR D 214 3.78 28.94 -35.58
C TYR D 214 2.53 29.24 -34.78
N GLY D 215 2.47 30.38 -34.09
CA GLY D 215 1.28 30.72 -33.33
C GLY D 215 1.11 29.85 -32.11
N ASN D 216 -0.15 29.65 -31.71
CA ASN D 216 -0.49 28.88 -30.53
C ASN D 216 -0.82 27.45 -30.93
N GLN D 217 -0.13 26.49 -30.33
CA GLN D 217 -0.18 25.10 -30.77
C GLN D 217 -0.88 24.20 -29.76
N MET D 218 -1.95 24.69 -29.12
CA MET D 218 -2.67 23.85 -28.17
C MET D 218 -3.22 22.60 -28.83
N PHE D 219 -3.79 22.74 -30.02
CA PHE D 219 -4.44 21.64 -30.72
C PHE D 219 -3.91 21.51 -32.14
N MET D 220 -2.62 21.76 -32.34
CA MET D 220 -2.00 21.67 -33.66
C MET D 220 -1.53 20.23 -33.87
N ARG D 221 -2.38 19.44 -34.53
CA ARG D 221 -2.09 18.02 -34.73
C ARG D 221 -0.85 17.83 -35.59
N GLY D 222 -0.74 18.57 -36.68
CA GLY D 222 0.39 18.44 -37.58
C GLY D 222 1.05 19.79 -37.80
N ARG D 223 2.38 19.80 -37.66
CA ARG D 223 3.12 21.05 -37.77
C ARG D 223 3.20 21.51 -39.22
N TYR D 224 3.50 20.58 -40.13
CA TYR D 224 3.40 20.80 -41.58
C TYR D 224 2.63 19.60 -42.13
N SER D 225 1.30 19.72 -42.21
CA SER D 225 0.43 18.63 -42.62
C SER D 225 -0.40 19.05 -43.82
N ASN D 226 -0.43 18.19 -44.84
CA ASN D 226 -1.25 18.42 -46.03
C ASN D 226 -2.62 17.76 -45.82
N VAL D 227 -3.34 18.29 -44.84
CA VAL D 227 -4.68 17.80 -44.48
C VAL D 227 -5.61 19.01 -44.37
N SER D 228 -6.90 18.70 -44.22
CA SER D 228 -7.88 19.75 -44.01
C SER D 228 -7.62 20.43 -42.67
N PRO D 229 -7.96 21.73 -42.56
CA PRO D 229 -7.70 22.44 -41.29
C PRO D 229 -8.38 21.79 -40.09
N ILE D 230 -9.58 21.25 -40.26
CA ILE D 230 -10.22 20.50 -39.18
C ILE D 230 -9.42 19.24 -38.86
N ASP D 231 -8.93 18.55 -39.89
CA ASP D 231 -8.13 17.35 -39.67
C ASP D 231 -6.82 17.65 -38.96
N ASN D 232 -6.39 18.91 -38.95
CA ASN D 232 -5.19 19.33 -38.23
C ASN D 232 -5.49 19.80 -36.82
N ILE D 233 -6.76 19.76 -36.39
CA ILE D 233 -7.15 20.17 -35.06
C ILE D 233 -7.30 18.93 -34.20
N LYS D 234 -6.62 18.91 -33.06
CA LYS D 234 -6.69 17.76 -32.16
C LYS D 234 -8.11 17.58 -31.65
N LYS D 235 -8.57 16.34 -31.64
CA LYS D 235 -9.92 16.01 -31.19
C LYS D 235 -9.95 14.57 -30.70
N GLY D 236 -10.99 14.24 -29.96
CA GLY D 236 -11.14 12.89 -29.46
C GLY D 236 -10.29 12.67 -28.22
N GLY D 237 -9.50 11.59 -28.24
CA GLY D 237 -8.65 11.27 -27.10
C GLY D 237 -7.38 12.08 -27.01
N GLU D 238 -7.02 12.83 -28.05
CA GLU D 238 -5.84 13.67 -28.02
C GLU D 238 -6.04 14.94 -27.20
N VAL D 239 -7.28 15.27 -26.83
CA VAL D 239 -7.56 16.45 -26.03
C VAL D 239 -8.14 16.00 -24.69
N SER D 240 -8.37 16.95 -23.80
CA SER D 240 -8.96 16.63 -22.51
C SER D 240 -10.39 16.12 -22.67
N SER D 241 -10.81 15.26 -21.74
CA SER D 241 -12.17 14.72 -21.79
C SER D 241 -13.22 15.80 -21.60
N LEU D 242 -12.86 16.94 -21.01
CA LEU D 242 -13.78 18.05 -20.86
C LEU D 242 -13.92 18.88 -22.13
N ILE D 243 -13.08 18.64 -23.12
CA ILE D 243 -13.15 19.35 -24.40
C ILE D 243 -13.83 18.51 -25.48
N SER D 244 -13.49 17.23 -25.56
CA SER D 244 -14.16 16.35 -26.52
C SER D 244 -15.55 15.96 -26.03
N GLY D 245 -15.71 15.81 -24.71
CA GLY D 245 -16.96 15.39 -24.13
C GLY D 245 -17.68 16.50 -23.41
N GLY D 246 -17.55 16.53 -22.08
CA GLY D 246 -18.19 17.56 -21.29
C GLY D 246 -17.67 17.51 -19.86
N PHE D 247 -18.12 18.48 -19.07
CA PHE D 247 -17.72 18.60 -17.68
C PHE D 247 -18.75 17.93 -16.79
N SER D 248 -18.27 17.08 -15.86
CA SER D 248 -19.13 16.32 -14.95
C SER D 248 -18.67 16.58 -13.52
N PRO D 249 -19.00 17.74 -12.96
CA PRO D 249 -18.57 18.06 -11.59
C PRO D 249 -19.49 17.42 -10.56
N LYS D 250 -18.90 16.64 -9.66
CA LYS D 250 -19.62 16.10 -8.51
C LYS D 250 -19.49 17.08 -7.35
N MET D 251 -20.63 17.52 -6.82
CA MET D 251 -20.64 18.60 -5.84
C MET D 251 -21.51 18.21 -4.65
N GLY D 252 -21.19 18.77 -3.49
CA GLY D 252 -21.98 18.51 -2.31
C GLY D 252 -22.15 19.74 -1.43
N VAL D 253 -23.39 20.04 -1.06
CA VAL D 253 -23.70 21.20 -0.24
C VAL D 253 -24.50 20.73 0.98
N VAL D 254 -24.12 21.21 2.15
CA VAL D 254 -24.83 20.90 3.39
C VAL D 254 -25.71 22.09 3.74
N LEU D 255 -27.02 21.88 3.78
CA LEU D 255 -27.98 22.93 4.07
C LEU D 255 -28.53 22.73 5.47
N ALA D 256 -28.48 23.78 6.28
CA ALA D 256 -29.05 23.77 7.62
C ALA D 256 -30.13 24.85 7.70
N SER D 257 -31.31 24.47 8.15
CA SER D 257 -32.44 25.37 8.19
C SER D 257 -33.18 25.16 9.51
N PRO D 258 -33.91 26.19 9.99
CA PRO D 258 -34.66 26.03 11.24
C PRO D 258 -35.63 24.86 11.19
N ASN D 259 -36.11 24.48 12.37
CA ASN D 259 -36.92 23.26 12.50
C ASN D 259 -38.25 23.38 11.79
N GLY D 260 -38.81 24.58 11.69
CA GLY D 260 -40.13 24.75 11.10
C GLY D 260 -40.11 25.05 9.63
N THR D 261 -38.99 24.75 8.96
CA THR D 261 -38.87 25.03 7.54
C THR D 261 -39.84 24.18 6.72
N LYS D 262 -40.49 24.83 5.75
CA LYS D 262 -41.43 24.15 4.86
C LYS D 262 -40.85 23.98 3.46
N LYS D 263 -40.43 25.06 2.81
CA LYS D 263 -39.95 25.00 1.45
C LYS D 263 -38.74 25.91 1.26
N SER D 264 -37.82 25.47 0.41
CA SER D 264 -36.67 26.25 0.01
C SER D 264 -36.46 26.09 -1.49
N GLN D 265 -35.63 26.96 -2.06
CA GLN D 265 -35.33 26.91 -3.49
C GLN D 265 -33.83 26.77 -3.69
N PHE D 266 -33.46 26.00 -4.73
CA PHE D 266 -32.07 25.70 -5.03
C PHE D 266 -31.87 25.89 -6.53
N VAL D 267 -31.17 26.95 -6.92
CA VAL D 267 -30.94 27.27 -8.32
C VAL D 267 -29.50 26.91 -8.66
N VAL D 268 -29.32 25.92 -9.51
CA VAL D 268 -28.00 25.53 -10.00
C VAL D 268 -27.81 26.19 -11.36
N ARG D 269 -26.87 27.12 -11.43
CA ARG D 269 -26.59 27.86 -12.65
C ARG D 269 -25.32 27.34 -13.28
N VAL D 270 -25.41 26.88 -14.53
CA VAL D 270 -24.28 26.36 -15.28
C VAL D 270 -23.87 27.41 -16.31
N SER D 271 -22.58 27.73 -16.32
CA SER D 271 -22.01 28.69 -17.25
C SER D 271 -20.83 28.04 -17.95
N ARG D 272 -20.75 28.25 -19.26
CA ARG D 272 -19.75 27.62 -20.11
C ARG D 272 -19.16 28.70 -21.01
N MET D 273 -17.89 29.02 -20.79
CA MET D 273 -17.18 30.04 -21.57
C MET D 273 -16.28 29.34 -22.57
N SER D 274 -16.51 29.61 -23.85
CA SER D 274 -15.79 28.94 -24.93
C SER D 274 -14.97 29.95 -25.73
N ASP D 275 -13.77 29.54 -26.09
CA ASP D 275 -12.89 30.30 -26.96
C ASP D 275 -12.86 29.65 -28.34
N MET D 276 -12.27 30.36 -29.29
CA MET D 276 -12.21 29.92 -30.67
C MET D 276 -10.75 29.70 -31.06
N TYR D 277 -10.36 28.44 -31.22
CA TYR D 277 -9.01 28.09 -31.64
C TYR D 277 -9.01 28.04 -33.17
N ILE D 278 -8.11 28.81 -33.79
CA ILE D 278 -8.08 29.00 -35.23
C ILE D 278 -6.87 28.29 -35.79
N MET D 279 -7.11 27.39 -36.73
CA MET D 279 -6.07 26.72 -37.51
C MET D 279 -6.11 27.34 -38.90
N ARG D 280 -5.15 28.21 -39.18
CA ARG D 280 -5.00 28.80 -40.51
C ARG D 280 -3.84 28.17 -41.24
N TRP D 281 -3.91 28.19 -42.57
CA TRP D 281 -2.84 27.69 -43.42
C TRP D 281 -2.20 28.88 -44.13
N SER D 282 -0.97 29.19 -43.73
CA SER D 282 -0.20 30.24 -44.39
C SER D 282 0.41 29.68 -45.68
N GLY D 283 1.32 30.43 -46.29
CA GLY D 283 1.95 29.97 -47.51
C GLY D 283 2.77 28.71 -47.32
N THR D 284 3.41 28.57 -46.17
CA THR D 284 4.29 27.44 -45.90
C THR D 284 3.92 26.66 -44.65
N GLU D 285 3.49 27.34 -43.59
CA GLU D 285 3.29 26.70 -42.30
C GLU D 285 1.88 26.90 -41.79
N TRP D 286 1.45 26.01 -40.89
CA TRP D 286 0.19 26.17 -40.20
C TRP D 286 0.32 27.22 -39.10
N GLY D 287 -0.82 27.70 -38.62
CA GLY D 287 -0.83 28.70 -37.57
C GLY D 287 -2.02 28.59 -36.65
N GLY D 288 -1.78 28.70 -35.35
CA GLY D 288 -2.85 28.62 -34.38
C GLY D 288 -3.05 29.90 -33.61
N GLU D 289 -4.29 30.37 -33.52
CA GLU D 289 -4.60 31.61 -32.83
C GLU D 289 -5.82 31.41 -31.94
N ASN D 290 -5.71 31.75 -30.66
CA ASN D 290 -6.81 31.59 -29.73
C ASN D 290 -7.54 32.92 -29.57
N GLU D 291 -8.77 32.99 -30.08
CA GLU D 291 -9.63 34.15 -29.89
C GLU D 291 -10.42 33.95 -28.60
N ILE D 292 -10.28 34.88 -27.67
CA ILE D 292 -10.86 34.77 -26.34
C ILE D 292 -12.38 34.92 -26.40
N ASN D 293 -13.05 34.62 -25.29
CA ASN D 293 -14.51 34.53 -25.28
C ASN D 293 -15.15 35.87 -25.64
N GLN D 294 -14.64 36.97 -25.09
CA GLN D 294 -15.27 38.26 -25.31
C GLN D 294 -15.09 38.77 -26.73
N ASN D 295 -14.21 38.17 -27.52
CA ASN D 295 -14.01 38.59 -28.91
C ASN D 295 -14.77 37.73 -29.90
N VAL D 296 -15.27 36.57 -29.50
CA VAL D 296 -16.03 35.71 -30.40
C VAL D 296 -17.35 36.38 -30.75
N PRO D 297 -17.76 36.41 -32.02
CA PRO D 297 -19.05 36.99 -32.37
C PRO D 297 -20.20 36.27 -31.69
N LYS D 298 -21.26 37.03 -31.41
CA LYS D 298 -22.38 36.50 -30.64
C LYS D 298 -23.14 35.41 -31.38
N GLU D 299 -22.93 35.29 -32.70
CA GLU D 299 -23.68 34.32 -33.48
C GLU D 299 -23.29 32.88 -33.16
N TYR D 300 -22.14 32.67 -32.54
CA TYR D 300 -21.66 31.33 -32.21
C TYR D 300 -22.01 30.91 -30.78
N ASN D 301 -22.58 31.81 -29.98
CA ASN D 301 -22.98 31.51 -28.61
C ASN D 301 -21.81 30.96 -27.79
N ALA D 302 -20.77 31.79 -27.67
CA ALA D 302 -19.56 31.39 -26.97
C ALA D 302 -19.72 31.44 -25.45
N LEU D 303 -20.80 32.03 -24.94
CA LEU D 303 -21.03 32.13 -23.50
C LEU D 303 -22.41 31.56 -23.21
N MET D 304 -22.44 30.32 -22.71
CA MET D 304 -23.70 29.69 -22.30
C MET D 304 -23.94 29.98 -20.82
N TYR D 305 -25.15 30.42 -20.50
CA TYR D 305 -25.51 30.78 -19.12
C TYR D 305 -26.94 30.33 -18.90
N GLU D 306 -27.11 29.15 -18.31
CA GLU D 306 -28.43 28.56 -18.13
C GLU D 306 -28.58 28.11 -16.68
N ASP D 307 -29.81 27.83 -16.27
CA ASP D 307 -30.07 27.53 -14.86
C ASP D 307 -31.15 26.47 -14.75
N VAL D 308 -31.05 25.66 -13.70
CA VAL D 308 -32.06 24.68 -13.33
C VAL D 308 -32.51 24.99 -11.91
N LYS D 309 -33.81 25.14 -11.71
CA LYS D 309 -34.37 25.50 -10.42
C LYS D 309 -35.06 24.30 -9.79
N PHE D 310 -34.79 24.07 -8.52
CA PHE D 310 -35.41 22.99 -7.76
C PHE D 310 -36.11 23.55 -6.54
N GLU D 311 -37.23 22.95 -6.18
CA GLU D 311 -37.92 23.24 -4.94
C GLU D 311 -37.70 22.08 -3.98
N ILE D 312 -37.17 22.41 -2.80
CA ILE D 312 -36.88 21.44 -1.75
C ILE D 312 -37.95 21.60 -0.69
N ASP D 313 -38.87 20.66 -0.64
CA ASP D 313 -39.94 20.65 0.36
C ASP D 313 -39.43 19.90 1.58
N TRP D 314 -39.12 20.65 2.64
CA TRP D 314 -38.55 20.06 3.84
C TRP D 314 -39.61 19.31 4.65
N GLU D 315 -40.87 19.71 4.56
CA GLU D 315 -41.94 19.01 5.26
C GLU D 315 -42.20 17.65 4.61
N GLN D 316 -42.53 17.65 3.32
CA GLN D 316 -42.67 16.40 2.59
C GLN D 316 -41.34 15.78 2.25
N ARG D 317 -40.23 16.50 2.43
CA ARG D 317 -38.89 15.98 2.21
C ARG D 317 -38.71 15.47 0.78
N THR D 318 -39.00 16.34 -0.19
CA THR D 318 -38.92 16.00 -1.59
C THR D 318 -38.17 17.09 -2.35
N VAL D 319 -37.69 16.74 -3.54
CA VAL D 319 -37.03 17.68 -4.43
C VAL D 319 -37.72 17.60 -5.78
N ARG D 320 -38.25 18.73 -6.26
CA ARG D 320 -38.99 18.76 -7.51
C ARG D 320 -38.47 19.87 -8.40
N THR D 321 -38.20 19.54 -9.66
CA THR D 321 -37.71 20.53 -10.62
C THR D 321 -38.82 21.54 -10.91
N ILE D 322 -38.54 22.82 -10.64
CA ILE D 322 -39.53 23.86 -10.85
C ILE D 322 -39.07 24.84 -11.93
N ASP E 7 -15.17 3.48 21.37
CA ASP E 7 -16.07 2.39 21.73
C ASP E 7 -17.27 2.92 22.50
N ASN E 8 -18.47 2.60 22.01
CA ASN E 8 -19.73 3.02 22.63
C ASN E 8 -20.61 1.79 22.81
N PRO E 9 -20.39 1.03 23.90
CA PRO E 9 -21.22 -0.15 24.14
C PRO E 9 -22.65 0.23 24.48
N VAL E 10 -23.54 -0.74 24.30
CA VAL E 10 -24.96 -0.50 24.53
C VAL E 10 -25.26 -0.24 26.00
N LEU E 11 -24.36 -0.64 26.90
CA LEU E 11 -24.58 -0.55 28.35
C LEU E 11 -25.89 -1.28 28.65
N GLY E 12 -26.85 -0.66 29.34
CA GLY E 12 -28.09 -1.30 29.69
C GLY E 12 -29.28 -0.84 28.86
N THR E 13 -30.42 -1.45 29.16
CA THR E 13 -31.69 -1.11 28.52
C THR E 13 -32.74 -0.90 29.59
N GLU E 14 -33.64 0.05 29.35
CA GLU E 14 -34.65 0.47 30.30
C GLU E 14 -36.02 0.23 29.66
N VAL E 15 -36.84 -0.60 30.30
CA VAL E 15 -38.10 -1.05 29.72
C VAL E 15 -39.25 -0.56 30.59
N THR E 16 -40.20 0.13 29.97
CA THR E 16 -41.43 0.58 30.62
C THR E 16 -42.62 0.09 29.81
N PHE E 17 -43.79 0.12 30.45
CA PHE E 17 -45.02 -0.35 29.82
C PHE E 17 -46.09 0.73 29.88
N GLU E 18 -46.64 1.07 28.72
CA GLU E 18 -47.82 1.91 28.63
C GLU E 18 -49.05 1.01 28.58
N LYS E 19 -49.97 1.22 29.51
CA LYS E 19 -51.12 0.35 29.69
C LYS E 19 -52.42 1.10 29.41
N ASP E 20 -53.43 0.35 29.00
CA ASP E 20 -54.74 0.91 28.72
C ASP E 20 -55.54 1.07 30.01
N GLU E 21 -56.64 1.82 29.92
CA GLU E 21 -57.52 2.03 31.07
C GLU E 21 -58.12 0.72 31.53
N ASN E 22 -57.69 0.24 32.71
CA ASN E 22 -58.15 -1.04 33.26
C ASN E 22 -57.95 -2.17 32.25
N GLY E 23 -56.79 -2.15 31.58
CA GLY E 23 -56.49 -3.12 30.55
C GLY E 23 -55.07 -3.63 30.68
N ARG E 24 -54.71 -4.53 29.77
CA ARG E 24 -53.39 -5.14 29.77
C ARG E 24 -52.38 -4.17 29.17
N ILE E 25 -51.15 -4.63 28.93
CA ILE E 25 -50.12 -3.78 28.38
C ILE E 25 -50.42 -3.54 26.90
N VAL E 26 -50.54 -2.27 26.51
CA VAL E 26 -50.82 -1.91 25.13
C VAL E 26 -49.58 -1.44 24.39
N LYS E 27 -48.52 -1.05 25.10
CA LYS E 27 -47.29 -0.64 24.43
C LYS E 27 -46.11 -0.91 25.34
N ILE E 28 -44.99 -1.31 24.74
CA ILE E 28 -43.74 -1.54 25.47
C ILE E 28 -42.70 -0.58 24.94
N ILE E 29 -42.18 0.27 25.83
CA ILE E 29 -41.19 1.29 25.47
C ILE E 29 -39.83 0.83 25.99
N SER E 30 -38.93 0.52 25.08
CA SER E 30 -37.56 0.18 25.42
C SER E 30 -36.66 1.36 25.05
N LYS E 31 -35.68 1.64 25.90
CA LYS E 31 -34.72 2.71 25.66
C LYS E 31 -33.34 2.22 26.08
N ASN E 32 -32.43 2.11 25.12
CA ASN E 32 -31.07 1.69 25.44
C ASN E 32 -30.25 2.89 25.91
N GLN E 33 -29.59 2.74 27.04
CA GLN E 33 -28.86 3.83 27.68
C GLN E 33 -27.39 3.74 27.27
N TYR E 34 -26.95 4.69 26.45
CA TYR E 34 -25.58 4.71 25.97
C TYR E 34 -24.75 5.70 26.77
N ARG E 35 -23.46 5.39 26.89
CA ARG E 35 -22.55 6.26 27.61
C ARG E 35 -22.34 7.58 26.88
N ILE E 36 -22.07 7.51 25.57
CA ILE E 36 -21.83 8.68 24.74
C ILE E 36 -23.11 9.02 23.99
N THR E 37 -23.52 10.28 24.05
CA THR E 37 -24.62 10.79 23.25
C THR E 37 -24.13 12.00 22.48
N ILE E 38 -24.33 11.99 21.17
CA ILE E 38 -23.91 13.07 20.29
C ILE E 38 -25.12 13.96 20.04
N TYR E 39 -25.02 15.22 20.48
CA TYR E 39 -26.07 16.21 20.24
C TYR E 39 -25.53 17.24 19.27
N ASN E 40 -26.05 17.24 18.04
CA ASN E 40 -25.44 17.98 16.95
C ASN E 40 -26.20 19.27 16.67
N SER E 41 -25.45 20.36 16.50
CA SER E 41 -25.99 21.63 16.05
C SER E 41 -25.03 22.24 15.05
N VAL E 42 -25.55 23.08 14.16
CA VAL E 42 -24.72 23.71 13.15
C VAL E 42 -25.36 25.03 12.72
N ASP E 43 -24.52 26.03 12.49
CA ASP E 43 -24.98 27.32 11.98
C ASP E 43 -23.88 27.93 11.13
N ALA E 44 -24.22 29.02 10.45
CA ALA E 44 -23.28 29.71 9.59
C ALA E 44 -23.60 31.19 9.53
N GLY E 45 -22.61 31.97 9.14
CA GLY E 45 -22.75 33.41 9.04
C GLY E 45 -21.84 34.03 8.00
N ASP E 46 -22.37 34.98 7.24
CA ASP E 46 -21.60 35.68 6.23
C ASP E 46 -21.04 36.99 6.77
N THR E 47 -20.27 37.68 5.94
CA THR E 47 -19.62 38.93 6.29
C THR E 47 -19.79 39.90 5.13
N PRO E 48 -19.55 41.19 5.35
CA PRO E 48 -19.70 42.16 4.25
C PRO E 48 -18.90 41.83 3.00
N ASN E 49 -17.68 41.29 3.15
CA ASN E 49 -16.88 40.88 1.99
C ASN E 49 -16.98 39.38 1.72
N ASP E 50 -18.13 38.78 2.01
CA ASP E 50 -18.47 37.42 1.57
C ASP E 50 -17.47 36.39 2.06
N ALA E 51 -17.08 36.50 3.34
CA ALA E 51 -16.26 35.48 4.00
C ALA E 51 -17.16 34.73 4.97
N SER E 52 -17.50 33.48 4.62
CA SER E 52 -18.48 32.72 5.39
C SER E 52 -17.78 31.90 6.47
N VAL E 53 -18.44 31.78 7.62
CA VAL E 53 -17.93 30.98 8.74
C VAL E 53 -19.06 30.08 9.20
N SER E 54 -18.82 28.77 9.21
CA SER E 54 -19.81 27.79 9.65
C SER E 54 -19.26 27.02 10.84
N LEU E 55 -20.03 26.97 11.91
CA LEU E 55 -19.69 26.27 13.14
C LEU E 55 -20.61 25.07 13.30
N ASP E 56 -20.00 23.88 13.43
CA ASP E 56 -20.74 22.64 13.62
C ASP E 56 -20.28 22.01 14.93
N VAL E 57 -21.11 22.12 15.96
CA VAL E 57 -20.75 21.70 17.32
C VAL E 57 -21.48 20.42 17.64
N ASP E 58 -20.73 19.40 18.02
CA ASP E 58 -21.27 18.15 18.56
C ASP E 58 -21.01 18.15 20.06
N PHE E 59 -22.08 18.25 20.83
CA PHE E 59 -21.99 18.15 22.29
C PHE E 59 -21.94 16.69 22.68
N ILE E 60 -20.99 16.35 23.55
CA ILE E 60 -20.74 14.98 23.96
C ILE E 60 -21.37 14.82 25.34
N ASP E 61 -22.62 14.38 25.37
CA ASP E 61 -23.28 14.04 26.63
C ASP E 61 -22.71 12.69 27.08
N ASP E 62 -21.73 12.75 27.97
CA ASP E 62 -21.04 11.56 28.47
C ASP E 62 -21.32 11.42 29.95
N LYS E 63 -22.03 10.34 30.31
CA LYS E 63 -22.33 10.10 31.72
C LYS E 63 -21.08 9.82 32.53
N ASN E 64 -20.06 9.27 31.89
CA ASN E 64 -18.78 9.00 32.55
C ASN E 64 -17.81 10.18 32.40
N SER E 65 -18.29 11.38 32.74
CA SER E 65 -17.50 12.58 32.64
C SER E 65 -17.91 13.56 33.73
N GLY E 66 -16.97 14.41 34.15
CA GLY E 66 -17.24 15.39 35.16
C GLY E 66 -17.50 16.78 34.60
N GLU E 67 -17.39 16.92 33.27
CA GLU E 67 -17.55 18.22 32.63
C GLU E 67 -18.17 18.03 31.25
N MET E 68 -18.93 19.03 30.82
CA MET E 68 -19.47 19.05 29.47
C MET E 68 -18.36 19.24 28.45
N GLY E 69 -18.51 18.58 27.31
CA GLY E 69 -17.55 18.71 26.22
C GLY E 69 -18.25 18.92 24.90
N ALA E 70 -17.56 19.64 24.00
CA ALA E 70 -18.12 19.95 22.70
C ALA E 70 -17.01 19.97 21.67
N VAL E 71 -17.15 19.16 20.63
CA VAL E 71 -16.22 19.17 19.50
C VAL E 71 -16.81 20.06 18.42
N ALA E 72 -16.14 21.15 18.10
CA ALA E 72 -16.63 22.14 17.14
C ALA E 72 -15.77 22.11 15.90
N SER E 73 -16.39 21.88 14.76
CA SER E 73 -15.71 21.94 13.46
C SER E 73 -16.04 23.28 12.82
N ILE E 74 -15.01 24.04 12.50
CA ILE E 74 -15.14 25.35 11.87
C ILE E 74 -14.74 25.21 10.41
N ASN E 75 -15.68 25.53 9.53
CA ASN E 75 -15.42 25.58 8.09
C ASN E 75 -15.60 27.02 7.62
N THR E 76 -14.51 27.63 7.18
CA THR E 76 -14.54 29.01 6.76
C THR E 76 -14.13 29.12 5.30
N PHE E 77 -14.77 30.05 4.60
CA PHE E 77 -14.36 30.43 3.26
C PHE E 77 -14.01 31.91 3.28
N ILE E 78 -12.73 32.21 3.10
CA ILE E 78 -12.23 33.58 3.00
C ILE E 78 -11.89 33.83 1.53
N PRO E 79 -12.68 34.63 0.82
CA PRO E 79 -12.39 34.87 -0.60
C PRO E 79 -11.05 35.54 -0.77
N SER E 80 -10.38 35.20 -1.89
CA SER E 80 -9.04 35.72 -2.13
C SER E 80 -9.05 37.23 -2.32
N GLY E 81 -10.16 37.78 -2.79
CA GLY E 81 -10.19 39.20 -3.12
C GLY E 81 -9.22 39.56 -4.22
N LEU E 82 -9.06 38.68 -5.20
CA LEU E 82 -8.12 38.89 -6.29
C LEU E 82 -8.64 40.00 -7.18
N ARG E 83 -8.10 41.20 -7.01
CA ARG E 83 -8.62 42.38 -7.68
C ARG E 83 -7.63 42.87 -8.72
N TYR E 84 -8.14 43.33 -9.86
CA TYR E 84 -7.32 43.84 -10.94
C TYR E 84 -7.60 45.33 -11.13
N VAL E 85 -6.56 46.14 -11.09
CA VAL E 85 -6.67 47.59 -11.20
C VAL E 85 -5.82 48.06 -12.38
N GLU E 86 -6.43 48.88 -13.24
CA GLU E 86 -5.77 49.42 -14.41
C GLU E 86 -4.79 50.53 -14.03
N GLY E 87 -3.64 50.53 -14.68
CA GLY E 87 -2.69 51.64 -14.57
C GLY E 87 -2.25 51.95 -13.15
N TYR E 88 -1.87 50.92 -12.40
CA TYR E 88 -1.51 51.08 -11.00
C TYR E 88 -0.04 51.47 -10.89
N LYS E 89 0.21 52.71 -10.49
CA LYS E 89 1.55 53.20 -10.17
C LYS E 89 2.53 52.98 -11.33
N TYR E 90 2.16 53.48 -12.50
CA TYR E 90 3.08 53.47 -13.62
C TYR E 90 4.31 54.33 -13.33
N LYS E 91 4.10 55.53 -12.78
CA LYS E 91 5.17 56.39 -12.35
C LYS E 91 4.81 56.97 -10.99
N GLY E 92 5.72 56.84 -10.03
CA GLY E 92 5.47 57.37 -8.69
C GLY E 92 4.24 56.74 -8.07
N VAL E 93 3.34 57.59 -7.58
CA VAL E 93 2.09 57.15 -6.97
C VAL E 93 0.89 57.48 -7.84
N THR E 94 1.12 57.81 -9.11
CA THR E 94 0.04 58.16 -10.01
C THR E 94 -0.69 56.90 -10.47
N ASN E 95 -2.02 56.92 -10.39
CA ASN E 95 -2.85 55.76 -10.70
C ASN E 95 -3.94 56.14 -11.70
N PRO E 96 -3.58 56.38 -12.95
CA PRO E 96 -4.60 56.69 -13.96
C PRO E 96 -5.19 55.43 -14.55
N ILE E 97 -6.52 55.45 -14.76
CA ILE E 97 -7.18 54.34 -15.44
C ILE E 97 -7.03 54.40 -16.95
N TYR E 98 -6.52 55.50 -17.48
CA TYR E 98 -6.38 55.64 -18.93
C TYR E 98 -5.21 54.82 -19.46
N LYS E 99 -4.00 55.06 -18.93
CA LYS E 99 -2.82 54.37 -19.42
C LYS E 99 -2.84 52.90 -19.00
N ASN E 100 -2.54 52.02 -19.94
CA ASN E 100 -2.52 50.59 -19.67
C ASN E 100 -1.15 49.99 -19.95
N LEU E 101 -0.09 50.71 -19.56
CA LEU E 101 1.25 50.16 -19.57
C LEU E 101 1.60 49.44 -18.28
N SER E 102 0.73 49.52 -17.28
CA SER E 102 0.94 48.84 -16.01
C SER E 102 -0.40 48.41 -15.46
N ALA E 103 -0.38 47.36 -14.65
CA ALA E 103 -1.60 46.88 -14.01
C ALA E 103 -1.26 46.23 -12.67
N GLY E 104 -2.11 46.45 -11.68
CA GLY E 104 -1.90 45.91 -10.35
C GLY E 104 -2.89 44.81 -10.05
N MET E 105 -2.44 43.81 -9.29
CA MET E 105 -3.30 42.73 -8.84
C MET E 105 -3.18 42.59 -7.33
N LEU E 106 -4.30 42.79 -6.64
CA LEU E 106 -4.39 42.60 -5.20
C LEU E 106 -4.66 41.12 -4.93
N TRP E 107 -3.72 40.48 -4.23
CA TRP E 107 -3.74 39.04 -3.98
C TRP E 107 -3.48 38.73 -2.51
N PRO E 108 -4.11 37.67 -1.99
CA PRO E 108 -4.06 37.39 -0.54
C PRO E 108 -2.80 36.69 -0.06
N LYS E 109 -1.75 37.44 0.27
CA LYS E 109 -0.50 36.80 0.70
C LYS E 109 -0.70 35.96 1.96
N LYS E 110 -1.41 36.51 2.94
CA LYS E 110 -1.43 35.93 4.28
C LYS E 110 -2.85 35.92 4.82
N TYR E 111 -3.31 34.74 5.22
CA TYR E 111 -4.62 34.55 5.82
C TYR E 111 -4.48 34.44 7.33
N ARG E 112 -5.45 35.01 8.05
CA ARG E 112 -5.49 35.00 9.50
C ARG E 112 -6.83 34.42 9.95
N VAL E 113 -6.79 33.51 10.92
CA VAL E 113 -8.02 32.96 11.49
C VAL E 113 -7.91 33.00 13.02
N GLU E 114 -8.84 33.70 13.66
CA GLU E 114 -8.94 33.71 15.12
C GLU E 114 -10.26 33.10 15.53
N VAL E 115 -10.21 32.16 16.48
CA VAL E 115 -11.40 31.65 17.15
C VAL E 115 -11.27 31.99 18.62
N VAL E 116 -12.28 32.70 19.15
CA VAL E 116 -12.20 33.24 20.51
C VAL E 116 -13.29 32.61 21.35
N ASN E 117 -12.90 32.09 22.51
CA ASN E 117 -13.83 31.55 23.49
C ASN E 117 -14.13 32.64 24.51
N ILE E 118 -15.40 33.03 24.62
CA ILE E 118 -15.81 34.06 25.56
C ILE E 118 -16.74 33.45 26.60
N PRO E 119 -16.23 33.07 27.77
CA PRO E 119 -17.11 32.54 28.82
C PRO E 119 -18.14 33.57 29.26
N ILE E 120 -19.33 33.09 29.58
CA ILE E 120 -20.41 33.96 30.02
C ILE E 120 -20.82 33.58 31.44
N ASP E 121 -21.25 32.34 31.63
CA ASP E 121 -21.72 31.86 32.93
C ASP E 121 -20.70 30.98 33.64
N GLN E 122 -19.96 30.16 32.90
CA GLN E 122 -18.97 29.26 33.49
C GLN E 122 -17.67 29.35 32.71
N ALA E 123 -16.61 28.82 33.31
CA ALA E 123 -15.26 28.92 32.75
C ALA E 123 -15.11 27.92 31.60
N THR E 124 -15.65 28.31 30.44
CA THR E 124 -15.47 27.52 29.24
C THR E 124 -14.03 27.65 28.75
N LYS E 125 -13.42 26.51 28.43
CA LYS E 125 -12.01 26.45 28.09
C LYS E 125 -11.81 25.72 26.77
N ILE E 126 -10.85 26.18 25.98
CA ILE E 126 -10.43 25.51 24.76
C ILE E 126 -9.40 24.45 25.15
N ILE E 127 -9.71 23.19 24.86
CA ILE E 127 -8.82 22.09 25.23
C ILE E 127 -7.75 21.89 24.18
N THR E 128 -8.15 21.70 22.92
CA THR E 128 -7.18 21.48 21.86
C THR E 128 -7.75 21.99 20.54
N ALA E 129 -6.84 22.28 19.62
CA ALA E 129 -7.17 22.76 18.28
C ALA E 129 -6.56 21.81 17.27
N THR E 130 -7.39 21.26 16.38
CA THR E 130 -6.91 20.21 15.48
C THR E 130 -5.77 20.65 14.57
N PRO E 131 -5.79 21.83 13.91
CA PRO E 131 -4.64 22.19 13.09
C PRO E 131 -3.45 22.59 13.95
N ASN E 132 -2.48 21.69 14.07
CA ASN E 132 -1.32 21.90 14.93
C ASN E 132 -0.05 21.86 14.09
N ASN E 133 0.96 22.58 14.55
CA ASN E 133 2.25 22.60 13.87
C ASN E 133 2.93 21.24 14.03
N ASN E 134 3.36 20.67 12.90
CA ASN E 134 4.05 19.40 12.88
C ASN E 134 5.50 19.59 12.47
N ILE E 135 6.39 18.77 13.03
CA ILE E 135 7.80 18.83 12.67
C ILE E 135 7.97 18.29 11.26
N LYS E 136 8.20 19.18 10.30
CA LYS E 136 8.36 18.79 8.91
C LYS E 136 9.73 18.14 8.73
N GLU E 137 9.74 16.94 8.16
CA GLU E 137 10.98 16.18 7.97
C GLU E 137 11.32 16.11 6.48
N LYS E 138 12.60 16.16 6.19
CA LYS E 138 13.10 16.02 4.83
C LYS E 138 13.87 14.71 4.69
N GLN E 139 14.18 14.35 3.46
CA GLN E 139 14.92 13.15 3.13
C GLN E 139 16.30 13.56 2.63
N VAL E 140 17.34 13.12 3.32
CA VAL E 140 18.72 13.49 3.02
C VAL E 140 19.45 12.25 2.54
N SER E 141 20.08 12.36 1.37
CA SER E 141 20.84 11.27 0.77
C SER E 141 22.28 11.75 0.56
N ASP E 142 23.20 11.19 1.33
CA ASP E 142 24.61 11.56 1.26
C ASP E 142 25.37 10.44 0.56
N THR E 143 26.09 10.79 -0.50
CA THR E 143 26.77 9.80 -1.33
C THR E 143 28.24 10.17 -1.51
N ILE E 144 29.10 9.21 -1.24
CA ILE E 144 30.53 9.27 -1.53
C ILE E 144 30.80 8.40 -2.75
N SER E 145 31.62 8.90 -3.68
CA SER E 145 32.02 8.08 -4.81
C SER E 145 33.52 8.19 -5.03
N TYR E 146 34.19 7.04 -5.09
CA TYR E 146 35.58 6.94 -5.46
C TYR E 146 35.67 6.46 -6.91
N GLY E 147 36.84 6.67 -7.52
CA GLY E 147 37.05 6.18 -8.86
C GLY E 147 38.50 6.12 -9.29
N PHE E 148 38.89 5.05 -9.97
CA PHE E 148 40.24 4.88 -10.48
C PHE E 148 40.19 4.55 -11.96
N GLY E 149 41.21 4.98 -12.69
CA GLY E 149 41.25 4.76 -14.12
C GLY E 149 42.50 4.05 -14.60
N GLY E 150 42.44 3.48 -15.80
CA GLY E 150 43.57 2.73 -16.34
C GLY E 150 44.26 3.43 -17.50
N SER E 151 43.48 4.14 -18.31
CA SER E 151 43.99 4.89 -19.48
C SER E 151 44.75 3.89 -20.36
N VAL E 152 46.04 4.10 -20.62
CA VAL E 152 46.85 3.20 -21.43
C VAL E 152 46.25 3.01 -22.82
N SER E 162 47.08 8.32 -17.82
CA SER E 162 47.81 7.27 -17.12
C SER E 162 46.95 6.63 -16.04
N ILE E 163 46.89 7.27 -14.87
CA ILE E 163 46.07 6.80 -13.76
C ILE E 163 45.14 7.93 -13.35
N GLU E 164 43.83 7.68 -13.40
CA GLU E 164 42.81 8.68 -13.10
C GLU E 164 42.29 8.44 -11.69
N ALA E 165 42.15 9.54 -10.93
CA ALA E 165 41.60 9.48 -9.58
C ALA E 165 40.44 10.45 -9.48
N ASN E 166 39.28 9.95 -9.04
CA ASN E 166 38.08 10.75 -8.92
C ASN E 166 37.48 10.57 -7.53
N LEU E 167 36.97 11.66 -6.98
CA LEU E 167 36.35 11.68 -5.65
C LEU E 167 35.20 12.68 -5.67
N ALA E 168 33.98 12.21 -5.38
CA ALA E 168 32.81 13.06 -5.48
C ALA E 168 31.94 12.96 -4.24
N TYR E 169 31.47 14.13 -3.78
CA TYR E 169 30.47 14.26 -2.72
C TYR E 169 29.15 14.62 -3.39
N THR E 170 28.06 14.00 -2.95
CA THR E 170 26.73 14.49 -3.33
C THR E 170 25.81 14.47 -2.12
N LYS E 171 24.91 15.46 -2.05
CA LYS E 171 23.94 15.57 -0.97
C LYS E 171 22.60 15.97 -1.56
N THR E 172 21.63 15.07 -1.50
CA THR E 172 20.29 15.27 -2.04
C THR E 172 19.34 15.56 -0.89
N THR E 173 18.64 16.69 -0.97
CA THR E 173 17.65 17.06 0.03
C THR E 173 16.28 17.14 -0.64
N THR E 174 15.39 16.23 -0.26
CA THR E 174 14.06 16.14 -0.86
C THR E 174 13.01 16.46 0.20
N TYR E 175 12.07 17.32 -0.15
CA TYR E 175 11.03 17.73 0.78
C TYR E 175 9.78 18.13 0.02
N ASP E 176 8.67 18.22 0.74
CA ASP E 176 7.39 18.63 0.18
C ASP E 176 7.16 20.10 0.52
N GLN E 177 6.99 20.92 -0.51
CA GLN E 177 6.81 22.36 -0.33
C GLN E 177 5.41 22.77 -0.76
N PRO E 178 4.48 23.00 0.15
CA PRO E 178 3.15 23.48 -0.25
C PRO E 178 3.21 24.96 -0.61
N ASP E 179 2.21 25.39 -1.40
CA ASP E 179 2.13 26.79 -1.80
C ASP E 179 1.91 27.69 -0.60
N TYR E 180 1.06 27.27 0.34
CA TYR E 180 0.76 28.05 1.54
C TYR E 180 1.10 27.21 2.76
N GLU E 181 1.79 27.83 3.72
CA GLU E 181 2.15 27.18 4.98
C GLU E 181 1.17 27.63 6.04
N THR E 182 0.47 26.68 6.65
CA THR E 182 -0.45 26.96 7.75
C THR E 182 0.29 26.70 9.07
N SER E 183 0.18 27.64 10.00
CA SER E 183 0.86 27.54 11.28
C SER E 183 -0.05 28.07 12.38
N GLN E 184 -0.16 27.32 13.47
CA GLN E 184 -0.93 27.72 14.63
C GLN E 184 -0.06 28.64 15.46
N ILE E 185 -0.24 29.96 15.30
CA ILE E 185 0.65 30.90 15.98
C ILE E 185 0.25 31.17 17.41
N LYS E 186 -0.98 30.83 17.81
CA LYS E 186 -1.36 31.02 19.21
C LYS E 186 -2.43 30.01 19.56
N LYS E 187 -2.38 29.50 20.80
CA LYS E 187 -3.39 28.55 21.27
C LYS E 187 -3.44 28.67 22.79
N THR E 188 -4.50 29.29 23.30
CA THR E 188 -4.75 29.39 24.73
C THR E 188 -6.11 28.75 25.04
N THR E 189 -6.52 28.87 26.29
CA THR E 189 -7.81 28.36 26.71
C THR E 189 -8.97 29.23 26.25
N LYS E 190 -8.69 30.44 25.76
CA LYS E 190 -9.75 31.36 25.35
C LYS E 190 -9.65 31.84 23.91
N GLU E 191 -8.57 31.53 23.20
CA GLU E 191 -8.44 31.99 21.81
C GLU E 191 -7.33 31.22 21.11
N ALA E 192 -7.59 30.84 19.86
CA ALA E 192 -6.63 30.15 19.02
C ALA E 192 -6.51 30.89 17.70
N VAL E 193 -5.27 31.16 17.29
CA VAL E 193 -4.97 31.98 16.13
C VAL E 193 -4.06 31.19 15.20
N TRP E 194 -4.50 31.03 13.95
CA TRP E 194 -3.74 30.36 12.89
C TRP E 194 -3.37 31.37 11.81
N ASP E 195 -2.17 31.20 11.27
CA ASP E 195 -1.69 31.95 10.12
C ASP E 195 -1.58 31.02 8.92
N THR E 196 -1.67 31.61 7.72
CA THR E 196 -1.47 30.86 6.47
C THR E 196 -0.78 31.80 5.50
N SER E 197 0.55 31.71 5.42
CA SER E 197 1.35 32.61 4.62
C SER E 197 1.78 31.95 3.31
N PHE E 198 1.86 32.77 2.26
CA PHE E 198 2.36 32.29 0.98
C PHE E 198 3.85 31.98 1.09
N VAL E 199 4.24 30.83 0.54
CA VAL E 199 5.65 30.41 0.61
C VAL E 199 6.32 30.70 -0.73
N GLU E 200 5.87 30.03 -1.77
CA GLU E 200 6.40 30.24 -3.12
C GLU E 200 5.48 29.59 -4.12
N THR E 201 5.63 30.00 -5.38
CA THR E 201 4.84 29.43 -6.47
C THR E 201 5.41 28.08 -6.89
N ARG E 202 4.71 27.42 -7.81
CA ARG E 202 5.21 26.15 -8.35
C ARG E 202 6.50 26.35 -9.13
N ASP E 203 6.72 27.54 -9.68
CA ASP E 203 7.96 27.88 -10.37
C ASP E 203 9.12 28.10 -9.41
N GLY E 204 8.84 28.48 -8.16
CA GLY E 204 9.88 28.72 -7.18
C GLY E 204 10.14 30.16 -6.84
N TYR E 205 9.21 31.06 -7.14
CA TYR E 205 9.38 32.49 -6.88
C TYR E 205 8.71 32.88 -5.57
N THR E 206 9.31 33.85 -4.90
CA THR E 206 8.98 34.29 -3.56
C THR E 206 8.50 35.72 -3.60
N PRO E 207 7.62 36.12 -2.67
CA PRO E 207 7.24 37.54 -2.61
C PRO E 207 8.43 38.47 -2.42
N ASN E 208 9.49 38.02 -1.79
CA ASN E 208 10.69 38.82 -1.63
C ASN E 208 11.75 38.51 -2.69
N SER E 209 11.46 37.65 -3.66
CA SER E 209 12.37 37.41 -4.76
C SER E 209 12.50 38.65 -5.63
N TRP E 210 13.69 38.83 -6.22
CA TRP E 210 13.96 40.02 -7.01
C TRP E 210 15.04 39.71 -8.02
N ASN E 211 14.78 40.02 -9.29
CA ASN E 211 15.73 39.96 -10.39
C ASN E 211 16.32 41.34 -10.65
N PRO E 212 17.60 41.42 -11.00
CA PRO E 212 18.21 42.74 -11.22
C PRO E 212 17.52 43.55 -12.29
N VAL E 213 16.97 42.92 -13.32
CA VAL E 213 16.34 43.63 -14.42
C VAL E 213 14.87 43.30 -14.60
N TYR E 214 14.41 42.11 -14.18
CA TYR E 214 13.07 41.66 -14.48
C TYR E 214 12.11 41.86 -13.32
N GLY E 215 12.56 42.43 -12.21
CA GLY E 215 11.69 42.61 -11.05
C GLY E 215 11.31 41.27 -10.44
N ASN E 216 10.11 41.21 -9.89
CA ASN E 216 9.59 40.01 -9.24
C ASN E 216 8.68 39.26 -10.21
N GLN E 217 8.91 37.95 -10.35
CA GLN E 217 8.30 37.16 -11.42
C GLN E 217 7.40 36.06 -10.88
N MET E 218 6.69 36.31 -9.77
CA MET E 218 5.79 35.28 -9.24
C MET E 218 4.67 34.97 -10.22
N PHE E 219 4.10 36.00 -10.85
CA PHE E 219 3.01 35.82 -11.80
C PHE E 219 3.32 36.49 -13.14
N MET E 220 4.59 36.51 -13.53
CA MET E 220 4.99 37.06 -14.82
C MET E 220 4.79 35.97 -15.86
N ARG E 221 3.63 36.00 -16.52
CA ARG E 221 3.27 34.96 -17.47
C ARG E 221 4.22 34.91 -18.65
N GLY E 222 4.59 36.07 -19.18
CA GLY E 222 5.45 36.14 -20.35
C GLY E 222 6.66 37.00 -20.09
N ARG E 223 7.82 36.48 -20.48
CA ARG E 223 9.06 37.22 -20.30
C ARG E 223 9.10 38.44 -21.22
N TYR E 224 8.79 38.24 -22.50
CA TYR E 224 8.53 39.32 -23.46
C TYR E 224 7.23 38.96 -24.17
N SER E 225 6.11 39.47 -23.67
CA SER E 225 4.80 39.18 -24.22
C SER E 225 4.15 40.50 -24.65
N ASN E 226 3.64 40.52 -25.89
CA ASN E 226 2.95 41.70 -26.43
C ASN E 226 1.46 41.59 -26.16
N VAL E 227 1.12 41.60 -24.87
CA VAL E 227 -0.25 41.49 -24.40
C VAL E 227 -0.52 42.58 -23.37
N SER E 228 -1.77 42.68 -22.97
CA SER E 228 -2.15 43.61 -21.92
C SER E 228 -1.49 43.21 -20.61
N PRO E 229 -1.19 44.17 -19.73
CA PRO E 229 -0.51 43.83 -18.47
C PRO E 229 -1.26 42.82 -17.63
N ILE E 230 -2.60 42.88 -17.61
CA ILE E 230 -3.36 41.85 -16.92
C ILE E 230 -3.19 40.50 -17.61
N ASP E 231 -3.18 40.50 -18.95
CA ASP E 231 -2.98 39.26 -19.68
C ASP E 231 -1.59 38.67 -19.46
N ASN E 232 -0.66 39.46 -18.95
CA ASN E 232 0.68 38.98 -18.61
C ASN E 232 0.77 38.53 -17.15
N ILE E 233 -0.32 38.62 -16.40
CA ILE E 233 -0.37 38.20 -15.00
C ILE E 233 -1.01 36.83 -14.93
N LYS E 234 -0.34 35.90 -14.25
CA LYS E 234 -0.88 34.55 -14.10
C LYS E 234 -2.20 34.58 -13.34
N LYS E 235 -3.15 33.79 -13.81
CA LYS E 235 -4.45 33.69 -13.18
C LYS E 235 -5.08 32.35 -13.53
N GLY E 236 -6.07 31.95 -12.74
CA GLY E 236 -6.75 30.68 -13.00
C GLY E 236 -5.98 29.53 -12.40
N GLY E 237 -5.69 28.52 -13.22
CA GLY E 237 -4.97 27.36 -12.75
C GLY E 237 -3.48 27.54 -12.64
N GLU E 238 -2.94 28.62 -13.19
CA GLU E 238 -1.50 28.90 -13.08
C GLU E 238 -1.11 29.42 -11.71
N VAL E 239 -2.07 29.81 -10.88
CA VAL E 239 -1.78 30.34 -9.55
C VAL E 239 -2.30 29.37 -8.50
N SER E 240 -2.05 29.67 -7.24
CA SER E 240 -2.57 28.84 -6.16
C SER E 240 -4.09 28.97 -6.09
N SER E 241 -4.73 27.87 -5.69
CA SER E 241 -6.18 27.88 -5.55
C SER E 241 -6.65 28.85 -4.48
N LEU E 242 -5.77 29.24 -3.55
CA LEU E 242 -6.11 30.25 -2.57
C LEU E 242 -5.98 31.67 -3.12
N ILE E 243 -5.43 31.83 -4.32
CA ILE E 243 -5.30 33.12 -4.95
C ILE E 243 -6.38 33.34 -6.01
N SER E 244 -6.62 32.32 -6.84
CA SER E 244 -7.71 32.41 -7.81
C SER E 244 -9.07 32.28 -7.15
N GLY E 245 -9.16 31.42 -6.12
CA GLY E 245 -10.42 31.18 -5.45
C GLY E 245 -10.47 31.76 -4.05
N GLY E 246 -10.24 30.92 -3.04
CA GLY E 246 -10.25 31.37 -1.67
C GLY E 246 -9.70 30.29 -0.75
N PHE E 247 -9.57 30.66 0.51
CA PHE E 247 -9.03 29.76 1.54
C PHE E 247 -10.18 29.07 2.27
N SER E 248 -10.09 27.75 2.38
CA SER E 248 -11.12 26.94 3.05
C SER E 248 -10.44 26.04 4.07
N PRO E 249 -10.05 26.59 5.23
CA PRO E 249 -9.39 25.78 6.26
C PRO E 249 -10.41 25.01 7.09
N LYS E 250 -10.20 23.70 7.21
CA LYS E 250 -10.98 22.87 8.12
C LYS E 250 -10.34 22.91 9.50
N MET E 251 -11.12 23.25 10.53
CA MET E 251 -10.58 23.46 11.85
C MET E 251 -11.41 22.74 12.88
N GLY E 252 -10.80 22.39 14.00
CA GLY E 252 -11.51 21.72 15.07
C GLY E 252 -11.04 22.13 16.45
N VAL E 253 -11.97 22.53 17.30
CA VAL E 253 -11.67 22.97 18.66
C VAL E 253 -12.47 22.12 19.64
N VAL E 254 -11.82 21.65 20.69
CA VAL E 254 -12.48 20.89 21.75
C VAL E 254 -12.69 21.82 22.94
N LEU E 255 -13.95 22.03 23.31
CA LEU E 255 -14.32 22.92 24.39
C LEU E 255 -14.77 22.10 25.60
N ALA E 256 -14.27 22.46 26.78
CA ALA E 256 -14.66 21.83 28.03
C ALA E 256 -15.26 22.88 28.95
N SER E 257 -16.40 22.57 29.55
CA SER E 257 -17.13 23.50 30.39
C SER E 257 -17.62 22.78 31.64
N PRO E 258 -17.85 23.52 32.73
CA PRO E 258 -18.41 22.90 33.93
C PRO E 258 -19.81 22.35 33.68
N ASN E 259 -20.29 21.56 34.64
CA ASN E 259 -21.58 20.90 34.49
C ASN E 259 -22.74 21.88 34.52
N GLY E 260 -22.52 23.10 35.01
CA GLY E 260 -23.60 24.07 35.12
C GLY E 260 -23.56 25.12 34.04
N THR E 261 -22.81 24.88 32.98
CA THR E 261 -22.65 25.85 31.92
C THR E 261 -23.95 26.02 31.13
N LYS E 262 -24.33 27.27 30.90
CA LYS E 262 -25.58 27.59 30.22
C LYS E 262 -25.32 28.11 28.80
N LYS E 263 -24.53 29.18 28.67
CA LYS E 263 -24.29 29.80 27.38
C LYS E 263 -22.83 30.23 27.27
N SER E 264 -22.27 30.05 26.08
CA SER E 264 -20.93 30.52 25.76
C SER E 264 -20.97 31.25 24.43
N GLN E 265 -19.89 31.97 24.13
CA GLN E 265 -19.76 32.71 22.89
C GLN E 265 -18.51 32.27 22.15
N PHE E 266 -18.64 32.12 20.83
CA PHE E 266 -17.56 31.67 19.97
C PHE E 266 -17.43 32.67 18.82
N VAL E 267 -16.36 33.45 18.82
CA VAL E 267 -16.14 34.48 17.81
C VAL E 267 -15.04 33.99 16.89
N VAL E 268 -15.35 33.84 15.61
CA VAL E 268 -14.38 33.45 14.60
C VAL E 268 -14.04 34.68 13.78
N ARG E 269 -12.82 35.18 13.93
CA ARG E 269 -12.36 36.33 13.15
C ARG E 269 -11.54 35.84 11.97
N VAL E 270 -11.89 36.31 10.78
CA VAL E 270 -11.18 35.99 9.55
C VAL E 270 -10.55 37.27 9.01
N SER E 271 -9.26 37.21 8.71
CA SER E 271 -8.51 38.34 8.21
C SER E 271 -7.59 37.88 7.08
N ARG E 272 -7.60 38.61 5.98
CA ARG E 272 -6.70 38.38 4.86
C ARG E 272 -5.89 39.65 4.63
N MET E 273 -4.58 39.48 4.46
CA MET E 273 -3.68 40.56 4.09
C MET E 273 -3.30 40.41 2.63
N SER E 274 -3.59 41.41 1.83
CA SER E 274 -3.39 41.35 0.39
C SER E 274 -2.27 42.31 -0.02
N ASP E 275 -1.41 41.82 -0.91
CA ASP E 275 -0.36 42.64 -1.50
C ASP E 275 -0.73 42.97 -2.94
N MET E 276 0.02 43.92 -3.50
CA MET E 276 -0.24 44.39 -4.86
C MET E 276 0.93 43.97 -5.74
N TYR E 277 0.70 43.00 -6.61
CA TYR E 277 1.67 42.61 -7.62
C TYR E 277 1.49 43.53 -8.82
N ILE E 278 2.47 44.38 -9.08
CA ILE E 278 2.42 45.37 -10.13
C ILE E 278 3.20 44.85 -11.32
N MET E 279 2.54 44.77 -12.48
CA MET E 279 3.16 44.39 -13.74
C MET E 279 3.27 45.66 -14.57
N ARG E 280 4.49 46.15 -14.73
CA ARG E 280 4.77 47.32 -15.53
C ARG E 280 5.46 46.91 -16.83
N TRP E 281 5.30 47.75 -17.85
CA TRP E 281 5.94 47.53 -19.14
C TRP E 281 7.00 48.61 -19.32
N SER E 282 8.26 48.22 -19.24
CA SER E 282 9.37 49.14 -19.47
C SER E 282 9.56 49.34 -20.98
N GLY E 283 10.66 49.98 -21.36
CA GLY E 283 10.93 50.20 -22.77
C GLY E 283 11.09 48.92 -23.55
N THR E 284 11.68 47.90 -22.94
CA THR E 284 11.98 46.66 -23.63
C THR E 284 11.40 45.42 -22.94
N GLU E 285 11.41 45.38 -21.61
CA GLU E 285 11.05 44.17 -20.87
C GLU E 285 9.92 44.47 -19.89
N TRP E 286 9.21 43.41 -19.50
CA TRP E 286 8.22 43.48 -18.44
C TRP E 286 8.92 43.58 -17.09
N GLY E 287 8.14 43.97 -16.07
CA GLY E 287 8.68 44.06 -14.73
C GLY E 287 7.64 43.84 -13.66
N GLY E 288 7.99 43.11 -12.61
CA GLY E 288 7.08 42.86 -11.52
C GLY E 288 7.57 43.38 -10.20
N GLU E 289 6.69 44.04 -9.44
CA GLU E 289 7.04 44.58 -8.14
C GLU E 289 5.96 44.21 -7.14
N ASN E 290 6.37 43.67 -5.99
CA ASN E 290 5.43 43.28 -4.94
C ASN E 290 5.36 44.39 -3.91
N GLU E 291 4.23 45.09 -3.86
CA GLU E 291 3.98 46.12 -2.86
C GLU E 291 3.30 45.46 -1.67
N ILE E 292 3.95 45.51 -0.51
CA ILE E 292 3.52 44.81 0.68
C ILE E 292 2.27 45.44 1.26
N ASN E 293 1.63 44.75 2.22
CA ASN E 293 0.30 45.14 2.66
C ASN E 293 0.28 46.53 3.27
N GLN E 294 1.27 46.87 4.09
CA GLN E 294 1.25 48.17 4.75
C GLN E 294 1.55 49.33 3.80
N ASN E 295 1.96 49.04 2.57
CA ASN E 295 2.23 50.08 1.58
C ASN E 295 1.09 50.28 0.60
N VAL E 296 0.17 49.32 0.50
CA VAL E 296 -0.97 49.46 -0.42
C VAL E 296 -1.87 50.58 0.07
N PRO E 297 -2.35 51.47 -0.81
CA PRO E 297 -3.25 52.53 -0.37
C PRO E 297 -4.53 51.97 0.24
N LYS E 298 -5.08 52.71 1.21
CA LYS E 298 -6.25 52.23 1.94
C LYS E 298 -7.47 52.13 1.06
N GLU E 299 -7.47 52.78 -0.11
CA GLU E 299 -8.64 52.77 -0.98
C GLU E 299 -8.94 51.40 -1.54
N TYR E 300 -7.97 50.48 -1.55
CA TYR E 300 -8.15 49.16 -2.13
C TYR E 300 -8.49 48.10 -1.11
N ASN E 301 -8.50 48.44 0.19
CA ASN E 301 -8.85 47.51 1.26
C ASN E 301 -7.97 46.25 1.20
N ALA E 302 -6.67 46.46 1.36
CA ALA E 302 -5.71 45.37 1.31
C ALA E 302 -5.72 44.50 2.56
N LEU E 303 -6.34 44.97 3.64
CA LEU E 303 -6.41 44.23 4.90
C LEU E 303 -7.89 44.05 5.25
N MET E 304 -8.43 42.88 4.98
CA MET E 304 -9.81 42.57 5.32
C MET E 304 -9.84 41.86 6.66
N TYR E 305 -10.67 42.35 7.58
CA TYR E 305 -10.68 41.88 8.96
C TYR E 305 -12.12 41.90 9.46
N GLU E 306 -12.77 40.74 9.48
CA GLU E 306 -14.15 40.62 9.92
C GLU E 306 -14.29 39.50 10.94
N ASP E 307 -15.49 39.40 11.52
CA ASP E 307 -15.75 38.43 12.55
C ASP E 307 -17.19 37.93 12.47
N VAL E 308 -17.38 36.66 12.80
CA VAL E 308 -18.70 36.06 12.92
C VAL E 308 -18.85 35.53 14.35
N LYS E 309 -19.93 35.91 15.01
CA LYS E 309 -20.17 35.54 16.40
C LYS E 309 -21.26 34.48 16.48
N PHE E 310 -21.04 33.47 17.33
CA PHE E 310 -22.00 32.42 17.57
C PHE E 310 -22.26 32.30 19.07
N GLU E 311 -23.50 31.99 19.42
CA GLU E 311 -23.89 31.67 20.78
C GLU E 311 -24.11 30.16 20.88
N ILE E 312 -23.43 29.54 21.84
CA ILE E 312 -23.52 28.10 22.07
C ILE E 312 -24.31 27.89 23.35
N ASP E 313 -25.51 27.34 23.22
CA ASP E 313 -26.38 27.03 24.36
C ASP E 313 -26.12 25.57 24.75
N TRP E 314 -25.47 25.38 25.89
CA TRP E 314 -25.12 24.04 26.34
C TRP E 314 -26.33 23.31 26.92
N GLU E 315 -27.31 24.04 27.45
CA GLU E 315 -28.55 23.40 27.89
C GLU E 315 -29.40 22.99 26.70
N GLN E 316 -29.77 23.96 25.86
CA GLN E 316 -30.49 23.64 24.63
C GLN E 316 -29.58 23.00 23.60
N ARG E 317 -28.26 23.10 23.76
CA ARG E 317 -27.28 22.46 22.90
C ARG E 317 -27.45 22.92 21.44
N THR E 318 -27.44 24.23 21.26
CA THR E 318 -27.65 24.83 19.94
C THR E 318 -26.55 25.83 19.65
N VAL E 319 -26.34 26.09 18.36
CA VAL E 319 -25.41 27.11 17.90
C VAL E 319 -26.20 28.10 17.06
N ARG E 320 -26.23 29.36 17.48
CA ARG E 320 -27.01 30.37 16.79
C ARG E 320 -26.15 31.58 16.48
N THR E 321 -26.15 32.02 15.22
CA THR E 321 -25.36 33.18 14.82
C THR E 321 -25.93 34.43 15.46
N ILE E 322 -25.12 35.09 16.28
CA ILE E 322 -25.55 36.31 16.95
C ILE E 322 -24.84 37.52 16.36
N ASP F 7 -10.03 -5.79 23.89
CA ASP F 7 -11.30 -6.50 23.90
C ASP F 7 -12.08 -6.22 25.18
N ASN F 8 -13.32 -5.76 25.01
CA ASN F 8 -14.21 -5.44 26.12
C ASN F 8 -15.54 -6.15 25.90
N PRO F 9 -15.62 -7.43 26.29
CA PRO F 9 -16.87 -8.18 26.11
C PRO F 9 -17.97 -7.67 27.02
N VAL F 10 -19.20 -8.08 26.68
CA VAL F 10 -20.37 -7.66 27.44
C VAL F 10 -20.35 -8.19 28.87
N LEU F 11 -19.72 -9.35 29.09
CA LEU F 11 -19.74 -10.06 30.38
C LEU F 11 -21.20 -10.30 30.73
N GLY F 12 -21.66 -9.98 31.94
CA GLY F 12 -22.99 -10.31 32.38
C GLY F 12 -23.96 -9.13 32.35
N THR F 13 -25.20 -9.44 32.69
CA THR F 13 -26.28 -8.46 32.74
C THR F 13 -27.03 -8.62 34.05
N GLU F 14 -27.44 -7.50 34.64
CA GLU F 14 -28.21 -7.48 35.87
C GLU F 14 -29.56 -6.82 35.60
N VAL F 15 -30.65 -7.51 35.93
CA VAL F 15 -31.99 -7.04 35.66
C VAL F 15 -32.69 -6.76 36.98
N THR F 16 -33.22 -5.55 37.13
CA THR F 16 -33.95 -5.14 38.31
C THR F 16 -35.35 -4.69 37.89
N PHE F 17 -36.33 -4.99 38.75
CA PHE F 17 -37.72 -4.65 38.48
C PHE F 17 -38.19 -3.60 39.46
N GLU F 18 -38.61 -2.45 38.94
CA GLU F 18 -39.26 -1.42 39.73
C GLU F 18 -40.76 -1.59 39.62
N LYS F 19 -41.44 -1.73 40.76
CA LYS F 19 -42.85 -2.08 40.81
C LYS F 19 -43.66 -0.92 41.37
N ASP F 20 -44.95 -0.93 41.04
CA ASP F 20 -45.88 0.06 41.52
C ASP F 20 -46.39 -0.32 42.92
N GLU F 21 -47.07 0.62 43.57
CA GLU F 21 -47.63 0.37 44.89
C GLU F 21 -48.72 -0.67 44.81
N ASN F 22 -48.45 -1.87 45.34
CA ASN F 22 -49.38 -3.00 45.28
C ASN F 22 -49.78 -3.30 43.83
N GLY F 23 -48.79 -3.23 42.93
CA GLY F 23 -49.02 -3.44 41.52
C GLY F 23 -47.98 -4.36 40.92
N ARG F 24 -48.13 -4.61 39.63
CA ARG F 24 -47.23 -5.50 38.90
C ARG F 24 -45.93 -4.77 38.60
N ILE F 25 -45.08 -5.37 37.78
CA ILE F 25 -43.82 -4.75 37.40
C ILE F 25 -44.11 -3.61 36.44
N VAL F 26 -43.76 -2.39 36.83
CA VAL F 26 -44.03 -1.22 36.01
C VAL F 26 -42.79 -0.74 35.25
N LYS F 27 -41.61 -1.22 35.61
CA LYS F 27 -40.41 -0.78 34.92
C LYS F 27 -39.33 -1.85 35.06
N ILE F 28 -38.57 -2.07 34.00
CA ILE F 28 -37.48 -3.05 33.99
C ILE F 28 -36.19 -2.33 33.63
N ILE F 29 -35.21 -2.37 34.53
CA ILE F 29 -33.92 -1.74 34.32
C ILE F 29 -32.88 -2.83 34.18
N SER F 30 -32.32 -2.99 32.98
CA SER F 30 -31.24 -3.92 32.72
C SER F 30 -29.94 -3.11 32.62
N LYS F 31 -28.87 -3.64 33.20
CA LYS F 31 -27.56 -3.01 33.16
C LYS F 31 -26.51 -4.05 32.84
N ASN F 32 -25.77 -3.83 31.75
CA ASN F 32 -24.67 -4.72 31.40
C ASN F 32 -23.41 -4.34 32.17
N GLN F 33 -22.80 -5.33 32.79
CA GLN F 33 -21.60 -5.12 33.60
C GLN F 33 -20.37 -5.39 32.73
N TYR F 34 -19.61 -4.34 32.45
CA TYR F 34 -18.42 -4.44 31.62
C TYR F 34 -17.17 -4.47 32.49
N ARG F 35 -16.15 -5.16 31.99
CA ARG F 35 -14.88 -5.23 32.71
C ARG F 35 -14.18 -3.88 32.74
N ILE F 36 -14.12 -3.20 31.60
CA ILE F 36 -13.41 -1.94 31.45
C ILE F 36 -14.43 -0.81 31.38
N THR F 37 -14.25 0.20 32.24
CA THR F 37 -15.06 1.40 32.20
C THR F 37 -14.14 2.59 32.02
N ILE F 38 -14.46 3.48 31.07
CA ILE F 38 -13.66 4.66 30.78
C ILE F 38 -14.36 5.86 31.41
N TYR F 39 -13.68 6.52 32.34
CA TYR F 39 -14.18 7.73 32.98
C TYR F 39 -13.30 8.88 32.52
N ASN F 40 -13.81 9.72 31.63
CA ASN F 40 -13.01 10.74 30.98
C ASN F 40 -13.22 12.09 31.64
N SER F 41 -12.12 12.77 31.95
CA SER F 41 -12.14 14.15 32.41
C SER F 41 -11.08 14.92 31.66
N VAL F 42 -11.27 16.22 31.54
CA VAL F 42 -10.32 17.05 30.77
C VAL F 42 -10.35 18.47 31.31
N ASP F 43 -9.16 19.06 31.41
CA ASP F 43 -9.04 20.45 31.84
C ASP F 43 -7.88 21.07 31.10
N ALA F 44 -7.75 22.40 31.24
CA ALA F 44 -6.70 23.13 30.55
C ALA F 44 -6.33 24.35 31.37
N GLY F 45 -5.12 24.85 31.12
CA GLY F 45 -4.63 26.02 31.81
C GLY F 45 -3.64 26.82 30.99
N ASP F 46 -3.76 28.14 31.05
CA ASP F 46 -2.84 29.03 30.36
C ASP F 46 -1.74 29.48 31.30
N THR F 47 -0.81 30.26 30.77
CA THR F 47 0.35 30.76 31.48
C THR F 47 0.54 32.23 31.13
N PRO F 48 1.34 32.95 31.92
CA PRO F 48 1.56 34.39 31.62
C PRO F 48 2.01 34.67 30.19
N ASN F 49 2.82 33.81 29.59
CA ASN F 49 3.27 33.99 28.22
C ASN F 49 2.51 33.11 27.23
N ASP F 50 1.24 32.81 27.52
CA ASP F 50 0.33 32.18 26.57
C ASP F 50 0.82 30.81 26.11
N ALA F 51 1.27 29.99 27.05
CA ALA F 51 1.63 28.60 26.78
C ALA F 51 0.59 27.73 27.46
N SER F 52 -0.27 27.10 26.65
CA SER F 52 -1.42 26.37 27.16
C SER F 52 -1.08 24.90 27.36
N VAL F 53 -1.62 24.32 28.43
CA VAL F 53 -1.44 22.90 28.71
C VAL F 53 -2.82 22.31 29.01
N SER F 54 -3.21 21.29 28.26
CA SER F 54 -4.48 20.61 28.45
C SER F 54 -4.23 19.15 28.81
N LEU F 55 -4.84 18.71 29.91
CA LEU F 55 -4.71 17.35 30.40
C LEU F 55 -6.06 16.65 30.24
N ASP F 56 -6.05 15.53 29.52
CA ASP F 56 -7.26 14.71 29.31
C ASP F 56 -6.97 13.33 29.90
N VAL F 57 -7.55 13.05 31.05
CA VAL F 57 -7.28 11.82 31.78
C VAL F 57 -8.49 10.90 31.64
N ASP F 58 -8.24 9.69 31.13
CA ASP F 58 -9.22 8.62 31.09
C ASP F 58 -8.86 7.62 32.19
N PHE F 59 -9.69 7.57 33.23
CA PHE F 59 -9.52 6.58 34.28
C PHE F 59 -10.12 5.26 33.82
N ILE F 60 -9.35 4.20 33.98
CA ILE F 60 -9.74 2.88 33.51
C ILE F 60 -10.19 2.09 34.74
N ASP F 61 -11.49 2.13 35.02
CA ASP F 61 -12.08 1.32 36.07
C ASP F 61 -12.08 -0.12 35.57
N ASP F 62 -11.14 -0.91 36.08
CA ASP F 62 -10.96 -2.29 35.65
C ASP F 62 -11.29 -3.22 36.82
N LYS F 63 -12.32 -4.05 36.63
CA LYS F 63 -12.65 -5.03 37.65
C LYS F 63 -11.56 -6.10 37.77
N ASN F 64 -10.92 -6.44 36.66
CA ASN F 64 -9.84 -7.41 36.65
C ASN F 64 -8.48 -6.74 36.80
N SER F 65 -8.33 -5.92 37.85
CA SER F 65 -7.08 -5.23 38.12
C SER F 65 -6.96 -4.97 39.61
N GLY F 66 -5.72 -4.90 40.08
CA GLY F 66 -5.46 -4.69 41.50
C GLY F 66 -5.14 -3.27 41.87
N GLU F 67 -5.04 -2.39 40.87
CA GLU F 67 -4.68 -1.00 41.10
C GLU F 67 -5.39 -0.10 40.10
N MET F 68 -5.61 1.14 40.51
CA MET F 68 -6.24 2.12 39.64
C MET F 68 -5.27 2.58 38.55
N GLY F 69 -5.80 2.78 37.36
CA GLY F 69 -4.99 3.23 36.24
C GLY F 69 -5.65 4.39 35.52
N ALA F 70 -4.80 5.25 34.95
CA ALA F 70 -5.29 6.45 34.26
C ALA F 70 -4.36 6.75 33.10
N VAL F 71 -4.93 6.82 31.90
CA VAL F 71 -4.18 7.23 30.71
C VAL F 71 -4.41 8.72 30.50
N ALA F 72 -3.35 9.51 30.61
CA ALA F 72 -3.45 10.96 30.54
C ALA F 72 -2.78 11.45 29.26
N SER F 73 -3.53 12.19 28.45
CA SER F 73 -3.01 12.80 27.24
C SER F 73 -2.75 14.28 27.51
N ILE F 74 -1.52 14.71 27.27
CA ILE F 74 -1.13 16.10 27.43
C ILE F 74 -1.02 16.72 26.05
N ASN F 75 -1.84 17.74 25.80
CA ASN F 75 -1.76 18.55 24.59
C ASN F 75 -1.27 19.93 24.99
N THR F 76 -0.09 20.29 24.51
CA THR F 76 0.56 21.53 24.92
C THR F 76 0.76 22.43 23.70
N PHE F 77 0.66 23.73 23.93
CA PHE F 77 1.07 24.74 22.97
C PHE F 77 2.06 25.67 23.67
N ILE F 78 3.32 25.59 23.25
CA ILE F 78 4.35 26.51 23.72
C ILE F 78 4.64 27.49 22.59
N PRO F 79 4.23 28.75 22.71
CA PRO F 79 4.45 29.71 21.62
C PRO F 79 5.93 29.89 21.35
N SER F 80 6.26 30.11 20.07
CA SER F 80 7.66 30.22 19.68
C SER F 80 8.32 31.45 20.30
N GLY F 81 7.55 32.49 20.59
CA GLY F 81 8.14 33.73 21.07
C GLY F 81 9.07 34.35 20.05
N LEU F 82 8.73 34.24 18.77
CA LEU F 82 9.56 34.77 17.69
C LEU F 82 9.49 36.29 17.74
N ARG F 83 10.53 36.91 18.30
CA ARG F 83 10.52 38.34 18.56
C ARG F 83 11.54 39.04 17.68
N TYR F 84 11.17 40.21 17.15
CA TYR F 84 12.05 40.99 16.29
C TYR F 84 12.42 42.27 17.01
N VAL F 85 13.73 42.54 17.11
CA VAL F 85 14.25 43.72 17.77
C VAL F 85 15.11 44.51 16.79
N GLU F 86 14.87 45.81 16.71
CA GLU F 86 15.60 46.68 15.80
C GLU F 86 16.99 47.01 16.32
N GLY F 87 17.97 47.02 15.42
CA GLY F 87 19.30 47.48 15.75
C GLY F 87 19.98 46.72 16.87
N TYR F 88 19.92 45.39 16.83
CA TYR F 88 20.40 44.57 17.94
C TYR F 88 21.90 44.35 17.79
N LYS F 89 22.67 45.02 18.65
CA LYS F 89 24.12 44.83 18.76
C LYS F 89 24.81 45.04 17.42
N TYR F 90 24.64 46.25 16.87
CA TYR F 90 25.38 46.60 15.66
C TYR F 90 26.88 46.63 15.92
N LYS F 91 27.29 47.22 17.04
CA LYS F 91 28.68 47.23 17.45
C LYS F 91 28.75 46.92 18.94
N GLY F 92 29.54 45.92 19.32
CA GLY F 92 29.69 45.57 20.72
C GLY F 92 28.35 45.17 21.33
N VAL F 93 28.04 45.78 22.47
CA VAL F 93 26.79 45.53 23.17
C VAL F 93 25.87 46.75 23.10
N THR F 94 26.12 47.66 22.17
CA THR F 94 25.28 48.84 22.00
C THR F 94 23.98 48.44 21.31
N ASN F 95 22.86 48.90 21.86
CA ASN F 95 21.52 48.52 21.39
C ASN F 95 20.67 49.75 21.12
N PRO F 96 20.95 50.48 20.04
CA PRO F 96 20.04 51.56 19.64
C PRO F 96 18.82 51.02 18.90
N ILE F 97 17.67 51.63 19.17
CA ILE F 97 16.50 51.40 18.32
C ILE F 97 16.51 52.27 17.08
N TYR F 98 17.44 53.21 17.00
CA TYR F 98 17.49 54.14 15.86
C TYR F 98 18.11 53.49 14.63
N LYS F 99 19.36 53.04 14.75
CA LYS F 99 20.06 52.48 13.60
C LYS F 99 19.45 51.15 13.19
N ASN F 100 19.23 50.98 11.88
CA ASN F 100 18.62 49.77 11.36
C ASN F 100 19.54 49.09 10.36
N LEU F 101 20.83 49.00 10.68
CA LEU F 101 21.76 48.20 9.91
C LEU F 101 21.85 46.76 10.40
N SER F 102 21.17 46.44 11.49
CA SER F 102 21.15 45.08 12.04
C SER F 102 19.80 44.84 12.69
N ALA F 103 19.45 43.56 12.83
CA ALA F 103 18.19 43.20 13.48
C ALA F 103 18.37 41.86 14.18
N GLY F 104 17.77 41.74 15.37
CA GLY F 104 17.83 40.52 16.14
C GLY F 104 16.51 39.79 16.11
N MET F 105 16.57 38.46 16.04
CA MET F 105 15.38 37.62 16.07
C MET F 105 15.53 36.58 17.17
N LEU F 106 14.69 36.70 18.19
CA LEU F 106 14.61 35.70 19.26
C LEU F 106 13.74 34.55 18.78
N TRP F 107 14.35 33.37 18.69
CA TRP F 107 13.71 32.17 18.14
C TRP F 107 13.95 30.97 19.07
N PRO F 108 12.96 30.09 19.19
CA PRO F 108 13.02 29.01 20.18
C PRO F 108 13.85 27.80 19.76
N LYS F 109 15.15 27.81 20.06
CA LYS F 109 15.99 26.71 19.59
C LYS F 109 15.56 25.39 20.21
N LYS F 110 15.28 25.39 21.51
CA LYS F 110 15.08 24.15 22.25
C LYS F 110 13.85 24.28 23.13
N TYR F 111 12.91 23.35 22.97
CA TYR F 111 11.75 23.22 23.83
C TYR F 111 12.03 22.13 24.86
N ARG F 112 11.42 22.27 26.04
CA ARG F 112 11.58 21.30 27.11
C ARG F 112 10.26 21.19 27.85
N VAL F 113 9.75 19.97 27.99
CA VAL F 113 8.48 19.72 28.66
C VAL F 113 8.72 18.73 29.79
N GLU F 114 8.33 19.12 31.00
CA GLU F 114 8.43 18.26 32.17
C GLU F 114 7.03 17.98 32.70
N VAL F 115 6.72 16.71 32.95
CA VAL F 115 5.50 16.32 33.64
C VAL F 115 5.92 15.66 34.95
N VAL F 116 5.40 16.18 36.06
CA VAL F 116 5.80 15.74 37.40
C VAL F 116 4.59 15.14 38.10
N ASN F 117 4.72 13.90 38.54
CA ASN F 117 3.69 13.23 39.32
C ASN F 117 4.01 13.42 40.80
N ILE F 118 3.12 14.08 41.51
CA ILE F 118 3.32 14.37 42.94
C ILE F 118 2.31 13.58 43.75
N PRO F 119 2.71 12.45 44.35
CA PRO F 119 1.77 11.69 45.18
C PRO F 119 1.35 12.48 46.42
N ILE F 120 0.12 12.23 46.86
CA ILE F 120 -0.41 12.89 48.05
C ILE F 120 -0.81 11.84 49.08
N ASP F 121 -1.73 10.95 48.70
CA ASP F 121 -2.25 9.93 49.60
C ASP F 121 -1.66 8.56 49.34
N GLN F 122 -1.42 8.20 48.08
CA GLN F 122 -0.88 6.89 47.73
C GLN F 122 0.26 7.06 46.75
N ALA F 123 1.05 5.99 46.61
CA ALA F 123 2.26 6.02 45.79
C ALA F 123 1.88 5.91 44.32
N THR F 124 1.44 7.03 43.76
CA THR F 124 1.16 7.11 42.34
C THR F 124 2.46 7.07 41.55
N LYS F 125 2.48 6.27 40.49
CA LYS F 125 3.69 6.03 39.71
C LYS F 125 3.40 6.25 38.23
N ILE F 126 4.39 6.76 37.51
CA ILE F 126 4.33 6.89 36.07
C ILE F 126 4.81 5.57 35.47
N ILE F 127 3.96 4.94 34.66
CA ILE F 127 4.27 3.64 34.09
C ILE F 127 4.97 3.78 32.74
N THR F 128 4.35 4.47 31.80
CA THR F 128 4.89 4.59 30.46
C THR F 128 4.57 5.97 29.91
N ALA F 129 5.55 6.57 29.23
CA ALA F 129 5.39 7.84 28.55
C ALA F 129 5.45 7.59 27.05
N THR F 130 4.39 8.00 26.34
CA THR F 130 4.26 7.62 24.94
C THR F 130 5.40 8.13 24.05
N PRO F 131 5.86 9.41 24.15
CA PRO F 131 6.97 9.81 23.28
C PRO F 131 8.27 9.20 23.77
N ASN F 132 8.74 8.16 23.09
CA ASN F 132 9.92 7.43 23.48
C ASN F 132 10.99 7.52 22.40
N ASN F 133 12.24 7.46 22.82
CA ASN F 133 13.35 7.47 21.87
C ASN F 133 13.37 6.16 21.10
N ASN F 134 13.45 6.25 19.78
CA ASN F 134 13.44 5.09 18.90
C ASN F 134 14.76 4.99 18.17
N ILE F 135 15.17 3.76 17.88
CA ILE F 135 16.38 3.52 17.10
C ILE F 135 16.09 3.89 15.66
N LYS F 136 16.57 5.06 15.24
CA LYS F 136 16.29 5.56 13.90
C LYS F 136 17.27 4.93 12.90
N GLU F 137 16.73 4.37 11.83
CA GLU F 137 17.50 3.60 10.87
C GLU F 137 17.70 4.40 9.58
N LYS F 138 18.81 4.14 8.91
CA LYS F 138 19.12 4.75 7.62
C LYS F 138 19.31 3.65 6.58
N GLN F 139 19.27 4.07 5.31
CA GLN F 139 19.40 3.16 4.18
C GLN F 139 20.75 3.39 3.52
N VAL F 140 21.56 2.34 3.44
CA VAL F 140 22.92 2.43 2.90
C VAL F 140 23.00 1.55 1.67
N SER F 141 23.46 2.14 0.56
CA SER F 141 23.62 1.45 -0.72
C SER F 141 25.10 1.47 -1.08
N ASP F 142 25.69 0.29 -1.22
CA ASP F 142 27.10 0.13 -1.59
C ASP F 142 27.19 -0.46 -2.99
N THR F 143 27.84 0.27 -3.89
CA THR F 143 28.01 -0.18 -5.27
C THR F 143 29.49 -0.27 -5.60
N ILE F 144 29.89 -1.41 -6.16
CA ILE F 144 31.25 -1.63 -6.65
C ILE F 144 31.14 -1.85 -8.15
N SER F 145 31.81 -1.00 -8.94
CA SER F 145 31.70 -1.05 -10.39
C SER F 145 33.08 -1.25 -11.01
N TYR F 146 33.19 -2.28 -11.86
CA TYR F 146 34.36 -2.50 -12.68
C TYR F 146 34.05 -2.09 -14.11
N GLY F 147 35.10 -1.89 -14.89
CA GLY F 147 34.92 -1.58 -16.30
C GLY F 147 36.17 -1.72 -17.13
N PHE F 148 36.01 -2.17 -18.38
CA PHE F 148 37.11 -2.35 -19.32
C PHE F 148 36.78 -1.66 -20.62
N GLY F 149 37.83 -1.22 -21.34
CA GLY F 149 37.64 -0.51 -22.58
C GLY F 149 38.39 -1.17 -23.72
N GLY F 150 37.98 -0.84 -24.94
CA GLY F 150 38.58 -1.41 -26.12
C GLY F 150 39.40 -0.42 -26.92
N SER F 151 38.96 0.84 -26.94
CA SER F 151 39.64 1.94 -27.65
C SER F 151 39.81 1.53 -29.11
N VAL F 152 41.03 1.43 -29.63
CA VAL F 152 41.29 1.03 -31.02
C VAL F 152 40.55 1.94 -32.00
N SER F 162 44.18 2.32 -25.81
CA SER F 162 44.40 0.88 -25.93
C SER F 162 43.39 0.10 -25.11
N ILE F 163 43.75 -0.20 -23.86
CA ILE F 163 42.86 -0.89 -22.92
C ILE F 163 42.75 -0.06 -21.66
N GLU F 164 41.53 0.37 -21.34
CA GLU F 164 41.27 1.23 -20.20
C GLU F 164 40.48 0.46 -19.15
N ALA F 165 40.93 0.56 -17.89
CA ALA F 165 40.30 -0.13 -16.77
C ALA F 165 39.81 0.91 -15.77
N ASN F 166 38.61 0.70 -15.25
CA ASN F 166 37.98 1.61 -14.31
C ASN F 166 37.43 0.82 -13.13
N LEU F 167 37.51 1.42 -11.94
CA LEU F 167 36.99 0.83 -10.71
C LEU F 167 36.46 1.94 -9.82
N ALA F 168 35.18 1.86 -9.47
CA ALA F 168 34.52 2.89 -8.68
C ALA F 168 33.80 2.27 -7.49
N TYR F 169 33.89 2.94 -6.34
CA TYR F 169 33.19 2.55 -5.13
C TYR F 169 32.25 3.69 -4.72
N THR F 170 30.98 3.37 -4.50
CA THR F 170 29.98 4.36 -4.16
C THR F 170 29.21 3.91 -2.93
N LYS F 171 28.99 4.84 -1.99
CA LYS F 171 28.22 4.58 -0.78
C LYS F 171 27.21 5.71 -0.62
N THR F 172 25.93 5.38 -0.75
CA THR F 172 24.83 6.33 -0.66
C THR F 172 24.10 6.10 0.65
N THR F 173 23.99 7.13 1.47
CA THR F 173 23.30 7.06 2.76
C THR F 173 22.08 7.96 2.70
N THR F 174 20.90 7.36 2.78
CA THR F 174 19.63 8.07 2.69
C THR F 174 18.88 7.93 4.02
N TYR F 175 18.38 9.06 4.53
CA TYR F 175 17.74 9.09 5.83
C TYR F 175 16.78 10.28 5.90
N ASP F 176 15.92 10.25 6.91
CA ASP F 176 14.96 11.32 7.16
C ASP F 176 15.48 12.19 8.30
N GLN F 177 15.62 13.49 8.04
CA GLN F 177 16.14 14.42 9.03
C GLN F 177 15.07 15.44 9.40
N PRO F 178 14.40 15.30 10.55
CA PRO F 178 13.43 16.30 10.97
C PRO F 178 14.10 17.61 11.36
N ASP F 179 13.33 18.70 11.21
CA ASP F 179 13.83 20.01 11.62
C ASP F 179 14.07 20.06 13.13
N TYR F 180 13.17 19.48 13.91
CA TYR F 180 13.29 19.42 15.36
C TYR F 180 13.29 17.95 15.78
N GLU F 181 14.23 17.58 16.64
CA GLU F 181 14.33 16.22 17.15
C GLU F 181 13.85 16.20 18.59
N THR F 182 12.81 15.41 18.86
CA THR F 182 12.25 15.26 20.20
C THR F 182 12.87 14.04 20.85
N SER F 183 13.57 14.25 21.96
CA SER F 183 14.25 13.19 22.67
C SER F 183 13.78 13.17 24.13
N GLN F 184 13.41 11.99 24.60
CA GLN F 184 12.98 11.83 26.00
C GLN F 184 14.22 11.67 26.86
N ILE F 185 14.59 12.73 27.58
CA ILE F 185 15.81 12.70 28.37
C ILE F 185 15.61 12.14 29.76
N LYS F 186 14.38 12.08 30.26
CA LYS F 186 14.18 11.55 31.59
C LYS F 186 12.82 10.86 31.68
N LYS F 187 12.78 9.73 32.38
CA LYS F 187 11.52 9.01 32.58
C LYS F 187 11.66 8.21 33.88
N THR F 188 11.01 8.68 34.93
CA THR F 188 10.90 7.97 36.20
C THR F 188 9.42 7.81 36.54
N THR F 189 9.15 7.25 37.72
CA THR F 189 7.77 7.13 38.20
C THR F 189 7.21 8.45 38.71
N LYS F 190 8.04 9.49 38.83
CA LYS F 190 7.59 10.76 39.36
C LYS F 190 7.85 11.94 38.45
N GLU F 191 8.58 11.77 37.35
CA GLU F 191 8.89 12.88 36.47
C GLU F 191 9.36 12.36 35.12
N ALA F 192 8.79 12.92 34.05
CA ALA F 192 9.19 12.61 32.68
C ALA F 192 9.52 13.91 31.97
N VAL F 193 10.71 13.98 31.39
CA VAL F 193 11.22 15.19 30.76
C VAL F 193 11.59 14.88 29.33
N TRP F 194 11.01 15.63 28.39
CA TRP F 194 11.33 15.56 26.97
C TRP F 194 11.99 16.85 26.52
N ASP F 195 12.97 16.72 25.64
CA ASP F 195 13.61 17.86 24.99
C ASP F 195 13.43 17.76 23.48
N THR F 196 13.20 18.91 22.85
CA THR F 196 13.03 19.00 21.41
C THR F 196 13.96 20.10 20.91
N SER F 197 15.07 19.72 20.30
CA SER F 197 16.11 20.66 19.91
C SER F 197 16.13 20.84 18.40
N PHE F 198 16.48 22.07 17.99
CA PHE F 198 16.64 22.37 16.57
C PHE F 198 17.83 21.62 16.01
N VAL F 199 17.62 20.94 14.89
CA VAL F 199 18.68 20.15 14.27
C VAL F 199 19.32 20.96 13.14
N GLU F 200 18.53 21.27 12.12
CA GLU F 200 19.01 22.03 10.98
C GLU F 200 17.81 22.54 10.19
N THR F 201 18.06 23.57 9.39
CA THR F 201 17.02 24.12 8.53
C THR F 201 16.80 23.22 7.32
N ARG F 202 15.75 23.54 6.55
CA ARG F 202 15.45 22.76 5.36
C ARG F 202 16.54 22.92 4.30
N ASP F 203 17.20 24.08 4.27
CA ASP F 203 18.32 24.31 3.36
C ASP F 203 19.54 23.48 3.76
N GLY F 204 19.78 23.29 5.06
CA GLY F 204 20.91 22.52 5.52
C GLY F 204 21.84 23.24 6.47
N TYR F 205 21.42 24.35 7.05
CA TYR F 205 22.24 25.11 7.98
C TYR F 205 21.84 24.79 9.42
N THR F 206 22.81 24.88 10.31
CA THR F 206 22.67 24.54 11.72
C THR F 206 23.09 25.73 12.57
N PRO F 207 22.61 25.82 13.81
CA PRO F 207 23.06 26.92 14.68
C PRO F 207 24.56 26.99 14.87
N ASN F 208 25.26 25.88 14.68
CA ASN F 208 26.71 25.85 14.80
C ASN F 208 27.43 26.14 13.49
N SER F 209 26.69 26.39 12.41
CA SER F 209 27.32 26.67 11.13
C SER F 209 27.96 28.05 11.13
N TRP F 210 29.01 28.19 10.34
CA TRP F 210 29.74 29.46 10.27
C TRP F 210 30.50 29.52 8.96
N ASN F 211 30.26 30.57 8.18
CA ASN F 211 31.02 30.89 6.98
C ASN F 211 32.11 31.90 7.31
N PRO F 212 33.29 31.76 6.73
CA PRO F 212 34.39 32.68 7.08
C PRO F 212 34.07 34.13 6.84
N VAL F 213 33.26 34.45 5.83
CA VAL F 213 32.90 35.82 5.54
C VAL F 213 31.40 36.09 5.68
N TYR F 214 30.56 35.06 5.70
CA TYR F 214 29.11 35.25 5.73
C TYR F 214 28.50 34.92 7.08
N GLY F 215 29.26 34.35 8.02
CA GLY F 215 28.69 33.97 9.29
C GLY F 215 27.71 32.83 9.15
N ASN F 216 26.68 32.83 9.99
CA ASN F 216 25.68 31.77 10.02
C ASN F 216 24.47 32.17 9.18
N GLN F 217 24.09 31.29 8.26
CA GLN F 217 23.08 31.59 7.26
C GLN F 217 21.80 30.78 7.45
N MET F 218 21.38 30.58 8.70
CA MET F 218 20.15 29.82 8.94
C MET F 218 18.94 30.51 8.33
N PHE F 219 18.86 31.84 8.45
CA PHE F 219 17.67 32.58 8.08
C PHE F 219 18.00 33.76 7.18
N MET F 220 18.97 33.61 6.29
CA MET F 220 19.28 34.65 5.30
C MET F 220 18.34 34.48 4.12
N ARG F 221 17.35 35.37 4.04
CA ARG F 221 16.44 35.37 2.90
C ARG F 221 17.19 35.72 1.61
N GLY F 222 18.09 36.68 1.68
CA GLY F 222 18.87 37.07 0.52
C GLY F 222 20.33 37.29 0.87
N ARG F 223 21.21 36.79 -0.01
CA ARG F 223 22.64 36.87 0.27
C ARG F 223 23.14 38.31 0.13
N TYR F 224 22.76 38.99 -0.95
CA TYR F 224 23.00 40.42 -1.15
C TYR F 224 21.65 41.05 -1.48
N SER F 225 20.96 41.53 -0.45
CA SER F 225 19.62 42.09 -0.60
C SER F 225 19.61 43.51 -0.07
N ASN F 226 19.08 44.43 -0.88
CA ASN F 226 18.94 45.83 -0.47
C ASN F 226 17.57 46.02 0.19
N VAL F 227 17.39 45.33 1.32
CA VAL F 227 16.16 45.35 2.08
C VAL F 227 16.49 45.60 3.54
N SER F 228 15.45 45.81 4.33
CA SER F 228 15.63 45.99 5.76
C SER F 228 16.15 44.69 6.38
N PRO F 229 16.94 44.81 7.46
CA PRO F 229 17.48 43.59 8.08
C PRO F 229 16.41 42.60 8.52
N ILE F 230 15.27 43.08 9.00
CA ILE F 230 14.17 42.18 9.32
C ILE F 230 13.62 41.54 8.05
N ASP F 231 13.49 42.33 6.98
CA ASP F 231 12.97 41.80 5.72
C ASP F 231 13.88 40.76 5.11
N ASN F 232 15.14 40.71 5.51
CA ASN F 232 16.09 39.71 5.01
C ASN F 232 16.19 38.50 5.92
N ILE F 233 15.40 38.43 6.98
CA ILE F 233 15.37 37.29 7.88
C ILE F 233 14.21 36.39 7.49
N LYS F 234 14.51 35.11 7.28
CA LYS F 234 13.49 34.15 6.88
C LYS F 234 12.39 34.07 7.94
N LYS F 235 11.14 34.10 7.48
CA LYS F 235 10.00 34.04 8.38
C LYS F 235 8.81 33.48 7.62
N GLY F 236 7.79 33.07 8.38
CA GLY F 236 6.60 32.52 7.76
C GLY F 236 6.79 31.07 7.40
N GLY F 237 6.50 30.74 6.14
CA GLY F 237 6.62 29.37 5.69
C GLY F 237 8.01 28.92 5.32
N GLU F 238 8.96 29.84 5.22
CA GLU F 238 10.33 29.48 4.90
C GLU F 238 11.10 28.92 6.09
N VAL F 239 10.54 29.01 7.29
CA VAL F 239 11.15 28.44 8.49
C VAL F 239 10.28 27.32 9.00
N SER F 240 10.75 26.62 10.04
CA SER F 240 9.97 25.54 10.63
C SER F 240 8.71 26.08 11.28
N SER F 241 7.66 25.25 11.28
CA SER F 241 6.40 25.65 11.89
C SER F 241 6.52 25.86 13.40
N LEU F 242 7.54 25.29 14.03
CA LEU F 242 7.79 25.51 15.45
C LEU F 242 8.51 26.83 15.71
N ILE F 243 8.97 27.51 14.68
CA ILE F 243 9.63 28.81 14.82
C ILE F 243 8.69 29.95 14.48
N SER F 244 7.96 29.84 13.37
CA SER F 244 6.98 30.86 13.02
C SER F 244 5.74 30.78 13.91
N GLY F 245 5.37 29.57 14.31
CA GLY F 245 4.18 29.36 15.11
C GLY F 245 4.49 28.99 16.54
N GLY F 246 4.41 27.69 16.84
CA GLY F 246 4.70 27.22 18.18
C GLY F 246 4.82 25.71 18.18
N PHE F 247 5.18 25.17 19.34
CA PHE F 247 5.35 23.74 19.53
C PHE F 247 4.07 23.13 20.09
N SER F 248 3.61 22.05 19.47
CA SER F 248 2.39 21.36 19.87
C SER F 248 2.70 19.88 20.10
N PRO F 249 3.32 19.54 21.23
CA PRO F 249 3.66 18.14 21.49
C PRO F 249 2.46 17.37 22.04
N LYS F 250 2.15 16.25 21.39
CA LYS F 250 1.14 15.33 21.89
C LYS F 250 1.83 14.27 22.73
N MET F 251 1.40 14.14 23.99
CA MET F 251 2.10 13.28 24.94
C MET F 251 1.11 12.40 25.67
N GLY F 252 1.58 11.25 26.14
CA GLY F 252 0.75 10.35 26.90
C GLY F 252 1.48 9.68 28.04
N VAL F 253 0.89 9.71 29.23
CA VAL F 253 1.48 9.13 30.43
C VAL F 253 0.47 8.16 31.05
N VAL F 254 0.93 6.98 31.43
CA VAL F 254 0.11 5.98 32.09
C VAL F 254 0.44 6.01 33.58
N LEU F 255 -0.55 6.35 34.40
CA LEU F 255 -0.38 6.43 35.84
C LEU F 255 -1.05 5.24 36.51
N ALA F 256 -0.31 4.55 37.35
CA ALA F 256 -0.83 3.44 38.14
C ALA F 256 -0.68 3.78 39.61
N SER F 257 -1.78 3.67 40.36
CA SER F 257 -1.80 4.05 41.76
C SER F 257 -2.57 3.00 42.54
N PRO F 258 -2.30 2.86 43.84
CA PRO F 258 -3.05 1.89 44.65
C PRO F 258 -4.55 2.12 44.59
N ASN F 259 -5.29 1.10 45.04
CA ASN F 259 -6.74 1.10 44.89
C ASN F 259 -7.41 2.19 45.72
N GLY F 260 -6.81 2.57 46.85
CA GLY F 260 -7.45 3.52 47.74
C GLY F 260 -7.03 4.96 47.50
N THR F 261 -6.51 5.24 46.31
CA THR F 261 -6.04 6.58 46.00
C THR F 261 -7.19 7.57 45.94
N LYS F 262 -6.99 8.74 46.53
CA LYS F 262 -7.99 9.80 46.54
C LYS F 262 -7.60 10.97 45.63
N LYS F 263 -6.42 11.55 45.83
CA LYS F 263 -6.00 12.71 45.07
C LYS F 263 -4.52 12.62 44.72
N SER F 264 -4.18 13.06 43.51
CA SER F 264 -2.80 13.18 43.06
C SER F 264 -2.62 14.53 42.40
N GLN F 265 -1.36 14.90 42.15
CA GLN F 265 -1.04 16.16 41.50
C GLN F 265 -0.18 15.90 40.28
N PHE F 266 -0.43 16.67 39.23
CA PHE F 266 0.27 16.51 37.95
C PHE F 266 0.71 17.90 37.49
N VAL F 267 2.01 18.16 37.55
CA VAL F 267 2.57 19.46 37.17
C VAL F 267 3.26 19.31 35.82
N VAL F 268 2.72 19.98 34.81
CA VAL F 268 3.30 20.00 33.48
C VAL F 268 4.12 21.29 33.37
N ARG F 269 5.43 21.15 33.20
CA ARG F 269 6.33 22.28 33.14
C ARG F 269 6.81 22.48 31.71
N VAL F 270 6.62 23.69 31.19
CA VAL F 270 7.01 24.05 29.83
C VAL F 270 8.22 24.98 29.91
N SER F 271 9.25 24.65 29.14
CA SER F 271 10.47 25.44 29.09
C SER F 271 10.81 25.72 27.64
N ARG F 272 11.13 26.98 27.35
CA ARG F 272 11.52 27.41 26.02
C ARG F 272 12.82 28.20 26.11
N MET F 273 13.86 27.71 25.46
CA MET F 273 15.13 28.41 25.37
C MET F 273 15.28 28.99 23.96
N SER F 274 15.41 30.30 23.88
CA SER F 274 15.45 31.02 22.62
C SER F 274 16.81 31.66 22.43
N ASP F 275 17.33 31.56 21.21
CA ASP F 275 18.57 32.21 20.82
C ASP F 275 18.25 33.44 19.98
N MET F 276 19.27 34.26 19.78
CA MET F 276 19.13 35.49 19.02
C MET F 276 19.91 35.36 17.71
N TYR F 277 19.18 35.26 16.60
CA TYR F 277 19.79 35.33 15.28
C TYR F 277 19.99 36.80 14.95
N ILE F 278 21.24 37.24 14.93
CA ILE F 278 21.60 38.62 14.64
C ILE F 278 21.92 38.69 13.15
N MET F 279 21.21 39.55 12.45
CA MET F 279 21.36 39.72 11.00
C MET F 279 21.92 41.12 10.82
N ARG F 280 23.21 41.21 10.54
CA ARG F 280 23.90 42.48 10.38
C ARG F 280 24.20 42.75 8.91
N TRP F 281 24.34 44.04 8.59
CA TRP F 281 24.73 44.48 7.26
C TRP F 281 26.13 45.10 7.35
N SER F 282 27.11 44.41 6.77
CA SER F 282 28.47 44.92 6.72
C SER F 282 28.58 45.94 5.58
N GLY F 283 29.81 46.35 5.26
CA GLY F 283 30.00 47.32 4.20
C GLY F 283 29.56 46.81 2.84
N THR F 284 29.81 45.53 2.57
CA THR F 284 29.49 44.95 1.27
C THR F 284 28.54 43.78 1.35
N GLU F 285 28.64 42.93 2.36
CA GLU F 285 27.87 41.69 2.43
C GLU F 285 27.05 41.65 3.71
N TRP F 286 26.02 40.81 3.69
CA TRP F 286 25.23 40.51 4.87
C TRP F 286 25.98 39.55 5.78
N GLY F 287 25.51 39.44 7.02
CA GLY F 287 26.13 38.55 7.98
C GLY F 287 25.18 38.04 9.04
N GLY F 288 25.41 36.81 9.51
CA GLY F 288 24.57 36.23 10.53
C GLY F 288 25.34 35.65 11.69
N GLU F 289 24.90 35.92 12.92
CA GLU F 289 25.54 35.39 14.11
C GLU F 289 24.47 34.87 15.06
N ASN F 290 24.63 33.64 15.53
CA ASN F 290 23.67 33.05 16.46
C ASN F 290 24.19 33.21 17.88
N GLU F 291 23.56 34.12 18.64
CA GLU F 291 23.90 34.32 20.04
C GLU F 291 23.09 33.33 20.88
N ILE F 292 23.79 32.48 21.62
CA ILE F 292 23.17 31.38 22.36
C ILE F 292 22.36 31.91 23.53
N ASN F 293 21.57 31.02 24.15
CA ASN F 293 20.59 31.45 25.15
C ASN F 293 21.27 32.10 26.35
N GLN F 294 22.37 31.52 26.83
CA GLN F 294 23.01 32.04 28.03
C GLN F 294 23.70 33.38 27.79
N ASN F 295 23.86 33.81 26.54
CA ASN F 295 24.46 35.10 26.24
C ASN F 295 23.44 36.19 25.93
N VAL F 296 22.19 35.82 25.66
CA VAL F 296 21.16 36.82 25.39
C VAL F 296 20.88 37.62 26.65
N PRO F 297 20.79 38.95 26.56
CA PRO F 297 20.49 39.75 27.76
C PRO F 297 19.15 39.37 28.36
N LYS F 298 19.05 39.50 29.69
CA LYS F 298 17.87 39.05 30.40
C LYS F 298 16.63 39.87 30.07
N GLU F 299 16.82 41.07 29.49
CA GLU F 299 15.68 41.93 29.21
C GLU F 299 14.76 41.37 28.13
N TYR F 300 15.24 40.42 27.32
CA TYR F 300 14.44 39.84 26.25
C TYR F 300 13.72 38.56 26.66
N ASN F 301 13.97 38.07 27.87
CA ASN F 301 13.32 36.85 28.38
C ASN F 301 13.53 35.68 27.43
N ALA F 302 14.80 35.31 27.25
CA ALA F 302 15.15 34.23 26.34
C ALA F 302 14.91 32.85 26.93
N LEU F 303 14.64 32.75 28.23
CA LEU F 303 14.43 31.46 28.89
C LEU F 303 13.09 31.51 29.61
N MET F 304 12.05 30.94 29.00
CA MET F 304 10.75 30.81 29.63
C MET F 304 10.69 29.49 30.38
N TYR F 305 10.23 29.53 31.63
CA TYR F 305 10.16 28.35 32.49
C TYR F 305 8.91 28.48 33.34
N GLU F 306 7.81 27.88 32.88
CA GLU F 306 6.50 28.08 33.50
C GLU F 306 5.84 26.72 33.73
N ASP F 307 4.79 26.71 34.55
CA ASP F 307 4.20 25.46 34.98
C ASP F 307 2.69 25.58 35.04
N VAL F 308 2.02 24.46 34.76
CA VAL F 308 0.58 24.32 34.94
C VAL F 308 0.33 23.13 35.85
N LYS F 309 -0.40 23.36 36.95
CA LYS F 309 -0.65 22.33 37.95
C LYS F 309 -2.08 21.84 37.83
N PHE F 310 -2.25 20.52 37.88
CA PHE F 310 -3.57 19.89 37.87
C PHE F 310 -3.73 19.00 39.09
N GLU F 311 -4.93 18.95 39.63
CA GLU F 311 -5.30 18.01 40.68
C GLU F 311 -6.16 16.92 40.06
N ILE F 312 -5.75 15.67 40.24
CA ILE F 312 -6.44 14.51 39.72
C ILE F 312 -7.13 13.82 40.89
N ASP F 313 -8.46 13.92 40.93
CA ASP F 313 -9.27 13.26 41.94
C ASP F 313 -9.61 11.86 41.42
N TRP F 314 -8.94 10.85 41.99
CA TRP F 314 -9.16 9.47 41.57
C TRP F 314 -10.49 8.93 42.09
N GLU F 315 -10.97 9.45 43.23
CA GLU F 315 -12.28 9.05 43.72
C GLU F 315 -13.40 9.68 42.90
N GLN F 316 -13.39 11.01 42.81
CA GLN F 316 -14.33 11.71 41.94
C GLN F 316 -13.96 11.57 40.47
N ARG F 317 -12.75 11.12 40.17
CA ARG F 317 -12.30 10.87 38.79
C ARG F 317 -12.42 12.13 37.94
N THR F 318 -11.82 13.21 38.42
CA THR F 318 -11.86 14.51 37.74
C THR F 318 -10.46 15.09 37.67
N VAL F 319 -10.29 16.03 36.75
CA VAL F 319 -9.04 16.78 36.60
C VAL F 319 -9.38 18.27 36.69
N ARG F 320 -8.78 18.96 37.65
CA ARG F 320 -9.08 20.37 37.86
C ARG F 320 -7.79 21.16 37.94
N THR F 321 -7.70 22.24 37.17
CA THR F 321 -6.51 23.09 37.18
C THR F 321 -6.40 23.78 38.53
N ILE F 322 -5.28 23.56 39.22
CA ILE F 322 -5.07 24.13 40.55
C ILE F 322 -3.89 25.10 40.52
N ASP G 7 -9.47 -15.38 19.24
CA ASP G 7 -10.88 -15.70 19.28
C ASP G 7 -11.33 -16.04 20.70
N ASN G 8 -12.28 -15.27 21.22
CA ASN G 8 -12.81 -15.47 22.57
C ASN G 8 -14.34 -15.50 22.48
N PRO G 9 -14.91 -16.64 22.13
CA PRO G 9 -16.37 -16.75 22.06
C PRO G 9 -17.02 -16.56 23.42
N VAL G 10 -18.31 -16.25 23.40
CA VAL G 10 -19.05 -16.02 24.63
C VAL G 10 -19.21 -17.29 25.44
N LEU G 11 -19.10 -18.46 24.81
CA LEU G 11 -19.34 -19.76 25.45
C LEU G 11 -20.73 -19.72 26.06
N GLY G 12 -20.91 -20.04 27.35
CA GLY G 12 -22.21 -20.11 27.96
C GLY G 12 -22.51 -18.93 28.89
N THR G 13 -23.72 -18.97 29.43
CA THR G 13 -24.22 -17.96 30.35
C THR G 13 -24.88 -18.65 31.53
N GLU G 14 -24.65 -18.12 32.73
CA GLU G 14 -25.26 -18.61 33.95
C GLU G 14 -26.18 -17.53 34.51
N VAL G 15 -27.45 -17.88 34.72
CA VAL G 15 -28.46 -16.94 35.19
C VAL G 15 -28.92 -17.38 36.58
N THR G 16 -28.81 -16.47 37.54
CA THR G 16 -29.27 -16.70 38.91
C THR G 16 -30.29 -15.63 39.28
N PHE G 17 -31.08 -15.92 40.31
CA PHE G 17 -32.16 -15.04 40.73
C PHE G 17 -32.00 -14.70 42.21
N GLU G 18 -31.92 -13.41 42.49
CA GLU G 18 -31.99 -12.89 43.86
C GLU G 18 -33.46 -12.58 44.15
N LYS G 19 -33.98 -13.16 45.22
CA LYS G 19 -35.40 -13.08 45.55
C LYS G 19 -35.60 -12.32 46.85
N ASP G 20 -36.78 -11.73 46.98
CA ASP G 20 -37.16 -11.01 48.18
C ASP G 20 -37.69 -12.00 49.22
N GLU G 21 -37.74 -11.55 50.48
CA GLU G 21 -38.23 -12.37 51.57
C GLU G 21 -39.69 -12.74 51.34
N ASN G 22 -39.95 -14.02 51.06
CA ASN G 22 -41.29 -14.51 50.74
C ASN G 22 -41.90 -13.71 49.60
N GLY G 23 -41.08 -13.41 48.59
CA GLY G 23 -41.50 -12.62 47.46
C GLY G 23 -41.03 -13.23 46.16
N ARG G 24 -41.39 -12.56 45.06
CA ARG G 24 -41.04 -13.01 43.73
C ARG G 24 -39.59 -12.67 43.44
N ILE G 25 -39.15 -12.86 42.19
CA ILE G 25 -37.78 -12.57 41.81
C ILE G 25 -37.60 -11.05 41.76
N VAL G 26 -36.70 -10.52 42.57
CA VAL G 26 -36.46 -9.09 42.63
C VAL G 26 -35.23 -8.68 41.81
N LYS G 27 -34.34 -9.61 41.48
CA LYS G 27 -33.18 -9.27 40.68
C LYS G 27 -32.72 -10.51 39.91
N ILE G 28 -32.29 -10.30 38.68
CA ILE G 28 -31.77 -11.37 37.83
C ILE G 28 -30.32 -11.05 37.50
N ILE G 29 -29.40 -11.93 37.89
CA ILE G 29 -27.98 -11.75 37.66
C ILE G 29 -27.53 -12.75 36.60
N SER G 30 -27.12 -12.25 35.45
CA SER G 30 -26.56 -13.08 34.38
C SER G 30 -25.05 -12.87 34.37
N LYS G 31 -24.31 -13.95 34.16
CA LYS G 31 -22.86 -13.91 34.07
C LYS G 31 -22.42 -14.78 32.89
N ASN G 32 -21.75 -14.18 31.92
CA ASN G 32 -21.25 -14.93 30.78
C ASN G 32 -19.88 -15.51 31.11
N GLN G 33 -19.71 -16.80 30.82
CA GLN G 33 -18.48 -17.52 31.13
C GLN G 33 -17.60 -17.54 29.89
N TYR G 34 -16.49 -16.81 29.94
CA TYR G 34 -15.56 -16.73 28.83
C TYR G 34 -14.37 -17.65 29.07
N ARG G 35 -13.81 -18.16 27.97
CA ARG G 35 -12.66 -19.04 28.06
C ARG G 35 -11.42 -18.28 28.51
N ILE G 36 -11.18 -17.11 27.91
CA ILE G 36 -10.02 -16.29 28.22
C ILE G 36 -10.45 -15.16 29.13
N THR G 37 -9.75 -15.00 30.25
CA THR G 37 -9.95 -13.86 31.14
C THR G 37 -8.61 -13.17 31.35
N ILE G 38 -8.58 -11.86 31.19
CA ILE G 38 -7.35 -11.07 31.32
C ILE G 38 -7.38 -10.38 32.66
N TYR G 39 -6.42 -10.70 33.52
CA TYR G 39 -6.24 -10.02 34.80
C TYR G 39 -4.98 -9.16 34.70
N ASN G 40 -5.15 -7.85 34.63
CA ASN G 40 -4.04 -6.95 34.35
C ASN G 40 -3.57 -6.26 35.62
N SER G 41 -2.25 -6.31 35.85
CA SER G 41 -1.62 -5.57 36.93
C SER G 41 -0.38 -4.88 36.37
N VAL G 42 0.02 -3.79 37.00
CA VAL G 42 1.17 -3.03 36.51
C VAL G 42 1.82 -2.31 37.70
N ASP G 43 3.15 -2.29 37.69
CA ASP G 43 3.91 -1.55 38.69
C ASP G 43 5.18 -1.03 38.04
N ALA G 44 5.89 -0.16 38.77
CA ALA G 44 7.12 0.42 38.25
C ALA G 44 8.03 0.78 39.40
N GLY G 45 9.32 0.91 39.09
CA GLY G 45 10.33 1.21 40.08
C GLY G 45 11.52 1.98 39.52
N ASP G 46 12.02 2.94 40.30
CA ASP G 46 13.18 3.72 39.91
C ASP G 46 14.47 3.08 40.42
N THR G 47 15.59 3.70 40.08
CA THR G 47 16.92 3.26 40.47
C THR G 47 17.71 4.49 40.90
N PRO G 48 18.83 4.31 41.59
CA PRO G 48 19.63 5.47 42.02
C PRO G 48 20.01 6.43 40.91
N ASN G 49 20.32 5.93 39.70
CA ASN G 49 20.62 6.78 38.56
C ASN G 49 19.44 6.94 37.63
N ASP G 50 18.22 6.94 38.16
CA ASP G 50 17.01 7.34 37.44
C ASP G 50 16.77 6.48 36.19
N ALA G 51 16.92 5.18 36.33
CA ALA G 51 16.57 4.23 35.28
C ALA G 51 15.31 3.50 35.71
N SER G 52 14.19 3.82 35.07
CA SER G 52 12.89 3.31 35.50
C SER G 52 12.58 1.99 34.81
N VAL G 53 11.91 1.10 35.53
CA VAL G 53 11.48 -0.19 34.99
C VAL G 53 10.02 -0.37 35.35
N SER G 54 9.17 -0.58 34.34
CA SER G 54 7.74 -0.81 34.55
C SER G 54 7.36 -2.17 34.00
N LEU G 55 6.72 -2.98 34.85
CA LEU G 55 6.25 -4.31 34.51
C LEU G 55 4.73 -4.31 34.47
N ASP G 56 4.16 -4.72 33.33
CA ASP G 56 2.71 -4.81 33.15
C ASP G 56 2.40 -6.27 32.80
N VAL G 57 1.85 -6.99 33.76
CA VAL G 57 1.60 -8.43 33.60
C VAL G 57 0.10 -8.64 33.42
N ASP G 58 -0.26 -9.29 32.32
CA ASP G 58 -1.62 -9.75 32.07
C ASP G 58 -1.64 -11.25 32.31
N PHE G 59 -2.31 -11.69 33.37
CA PHE G 59 -2.52 -13.10 33.65
C PHE G 59 -3.66 -13.62 32.80
N ILE G 60 -3.43 -14.76 32.16
CA ILE G 60 -4.37 -15.34 31.21
C ILE G 60 -5.07 -16.47 31.93
N ASP G 61 -6.20 -16.17 32.57
CA ASP G 61 -7.04 -17.19 33.18
C ASP G 61 -7.76 -17.91 32.05
N ASP G 62 -7.21 -19.06 31.64
CA ASP G 62 -7.75 -19.83 30.54
C ASP G 62 -8.23 -21.17 31.08
N LYS G 63 -9.54 -21.40 31.02
CA LYS G 63 -10.09 -22.67 31.50
C LYS G 63 -9.61 -23.84 30.65
N ASN G 64 -9.31 -23.60 29.39
CA ASN G 64 -8.80 -24.65 28.49
C ASN G 64 -7.27 -24.68 28.50
N SER G 65 -6.69 -24.76 29.69
CA SER G 65 -5.25 -24.78 29.85
C SER G 65 -4.88 -25.61 31.08
N GLY G 66 -3.67 -26.17 31.06
CA GLY G 66 -3.19 -26.97 32.17
C GLY G 66 -2.23 -26.23 33.07
N GLU G 67 -1.89 -24.99 32.72
CA GLU G 67 -0.93 -24.20 33.49
C GLU G 67 -1.29 -22.73 33.41
N MET G 68 -0.98 -22.00 34.47
CA MET G 68 -1.15 -20.56 34.49
C MET G 68 -0.17 -19.90 33.51
N GLY G 69 -0.64 -18.83 32.86
CA GLY G 69 0.20 -18.09 31.95
C GLY G 69 0.09 -16.60 32.21
N ALA G 70 1.16 -15.89 31.87
CA ALA G 70 1.23 -14.45 32.10
C ALA G 70 2.06 -13.80 31.02
N VAL G 71 1.46 -12.86 30.29
CA VAL G 71 2.20 -12.06 29.31
C VAL G 71 2.63 -10.77 29.99
N ALA G 72 3.94 -10.56 30.12
CA ALA G 72 4.49 -9.42 30.82
C ALA G 72 5.18 -8.50 29.84
N SER G 73 4.76 -7.23 29.82
CA SER G 73 5.37 -6.20 29.02
C SER G 73 6.29 -5.37 29.92
N ILE G 74 7.56 -5.28 29.55
CA ILE G 74 8.55 -4.52 30.30
C ILE G 74 8.88 -3.27 29.50
N ASN G 75 8.64 -2.11 30.13
CA ASN G 75 9.01 -0.82 29.56
C ASN G 75 10.08 -0.20 30.46
N THR G 76 11.28 -0.05 29.94
CA THR G 76 12.39 0.45 30.72
C THR G 76 12.93 1.72 30.08
N PHE G 77 13.33 2.66 30.93
CA PHE G 77 14.06 3.86 30.51
C PHE G 77 15.40 3.86 31.22
N ILE G 78 16.48 3.71 30.44
CA ILE G 78 17.83 3.82 30.94
C ILE G 78 18.40 5.13 30.44
N PRO G 79 18.57 6.14 31.29
CA PRO G 79 19.09 7.42 30.83
C PRO G 79 20.49 7.27 30.25
N SER G 80 20.77 8.03 29.20
CA SER G 80 22.05 7.90 28.52
C SER G 80 23.22 8.25 29.42
N GLY G 81 23.00 9.10 30.42
CA GLY G 81 24.10 9.56 31.24
C GLY G 81 25.14 10.33 30.45
N LEU G 82 24.69 11.11 29.48
CA LEU G 82 25.60 11.88 28.62
C LEU G 82 26.23 12.98 29.46
N ARG G 83 27.47 12.76 29.89
CA ARG G 83 28.13 13.66 30.82
C ARG G 83 29.26 14.39 30.11
N TYR G 84 29.45 15.66 30.47
CA TYR G 84 30.50 16.48 29.89
C TYR G 84 31.49 16.87 30.99
N VAL G 85 32.77 16.58 30.75
CA VAL G 85 33.83 16.85 31.72
C VAL G 85 34.86 17.77 31.08
N GLU G 86 35.21 18.85 31.79
CA GLU G 86 36.18 19.82 31.32
C GLU G 86 37.60 19.27 31.43
N GLY G 87 38.40 19.55 30.41
CA GLY G 87 39.83 19.26 30.46
C GLY G 87 40.17 17.80 30.72
N TYR G 88 39.51 16.89 30.01
CA TYR G 88 39.69 15.46 30.24
C TYR G 88 40.92 14.97 29.46
N LYS G 89 41.98 14.63 30.18
CA LYS G 89 43.17 13.99 29.63
C LYS G 89 43.74 14.79 28.46
N TYR G 90 44.05 16.05 28.72
CA TYR G 90 44.76 16.86 27.72
C TYR G 90 46.14 16.29 27.47
N LYS G 91 46.85 15.92 28.52
CA LYS G 91 48.15 15.26 28.42
C LYS G 91 48.21 14.13 29.42
N GLY G 92 48.53 12.93 28.94
CA GLY G 92 48.61 11.78 29.82
C GLY G 92 47.28 11.51 30.51
N VAL G 93 47.32 11.41 31.83
CA VAL G 93 46.13 11.15 32.63
C VAL G 93 45.75 12.37 33.47
N THR G 94 46.31 13.54 33.13
CA THR G 94 46.01 14.76 33.87
C THR G 94 44.63 15.28 33.49
N ASN G 95 43.81 15.60 34.48
CA ASN G 95 42.42 16.02 34.27
C ASN G 95 42.15 17.32 35.03
N PRO G 96 42.71 18.44 34.57
CA PRO G 96 42.42 19.72 35.23
C PRO G 96 41.14 20.34 34.69
N ILE G 97 40.37 20.95 35.60
CA ILE G 97 39.18 21.70 35.19
C ILE G 97 39.51 23.08 34.67
N TYR G 98 40.75 23.54 34.84
CA TYR G 98 41.12 24.89 34.42
C TYR G 98 41.28 24.97 32.89
N LYS G 99 42.15 24.13 32.34
CA LYS G 99 42.43 24.19 30.91
C LYS G 99 41.24 23.65 30.12
N ASN G 100 40.87 24.38 29.06
CA ASN G 100 39.74 23.99 28.23
C ASN G 100 40.18 23.80 26.78
N LEU G 101 41.33 23.16 26.59
CA LEU G 101 41.76 22.73 25.26
C LEU G 101 41.26 21.33 24.93
N SER G 102 40.67 20.63 25.89
CA SER G 102 40.13 19.30 25.67
C SER G 102 38.89 19.13 26.52
N ALA G 103 37.98 18.25 26.08
CA ALA G 103 36.77 17.97 26.82
C ALA G 103 36.33 16.55 26.55
N GLY G 104 35.86 15.86 27.58
CA GLY G 104 35.42 14.49 27.48
C GLY G 104 33.91 14.39 27.58
N MET G 105 33.34 13.42 26.85
CA MET G 105 31.90 13.17 26.90
C MET G 105 31.69 11.69 27.19
N LEU G 106 31.04 11.40 28.31
CA LEU G 106 30.63 10.05 28.66
C LEU G 106 29.30 9.75 27.96
N TRP G 107 29.32 8.76 27.08
CA TRP G 107 28.18 8.39 26.25
C TRP G 107 27.94 6.89 26.29
N PRO G 108 26.68 6.47 26.23
CA PRO G 108 26.34 5.05 26.44
C PRO G 108 26.52 4.17 25.21
N LYS G 109 27.70 3.57 25.03
CA LYS G 109 27.92 2.74 23.85
C LYS G 109 26.96 1.57 23.81
N LYS G 110 26.80 0.88 24.94
CA LYS G 110 26.25 -0.47 24.94
C LYS G 110 25.29 -0.62 26.10
N TYR G 111 24.01 -0.81 25.78
CA TYR G 111 22.97 -1.04 26.77
C TYR G 111 22.79 -2.53 27.00
N ARG G 112 22.52 -2.88 28.25
CA ARG G 112 22.32 -4.26 28.69
C ARG G 112 21.02 -4.36 29.46
N VAL G 113 20.18 -5.33 29.12
CA VAL G 113 18.94 -5.56 29.87
C VAL G 113 18.85 -7.03 30.23
N GLU G 114 18.76 -7.32 31.51
CA GLU G 114 18.55 -8.67 32.01
C GLU G 114 17.21 -8.74 32.73
N VAL G 115 16.39 -9.73 32.38
CA VAL G 115 15.19 -10.06 33.13
C VAL G 115 15.37 -11.46 33.68
N VAL G 116 15.23 -11.61 35.00
CA VAL G 116 15.54 -12.86 35.69
C VAL G 116 14.27 -13.40 36.31
N ASN G 117 13.97 -14.66 36.02
CA ASN G 117 12.85 -15.35 36.63
C ASN G 117 13.35 -16.15 37.82
N ILE G 118 12.81 -15.86 39.00
CA ILE G 118 13.22 -16.55 40.23
C ILE G 118 12.02 -17.31 40.78
N PRO G 119 11.91 -18.61 40.50
CA PRO G 119 10.82 -19.39 41.08
C PRO G 119 10.91 -19.44 42.60
N ILE G 120 9.75 -19.45 43.25
CA ILE G 120 9.67 -19.51 44.70
C ILE G 120 8.95 -20.78 45.13
N ASP G 121 7.70 -20.93 44.70
CA ASP G 121 6.87 -22.06 45.09
C ASP G 121 6.75 -23.12 44.01
N GLN G 122 6.70 -22.70 42.74
CA GLN G 122 6.55 -23.63 41.63
C GLN G 122 7.55 -23.28 40.53
N ALA G 123 7.67 -24.20 39.56
CA ALA G 123 8.66 -24.07 38.50
C ALA G 123 8.15 -23.10 37.44
N THR G 124 8.26 -21.81 37.75
CA THR G 124 7.94 -20.78 36.78
C THR G 124 9.01 -20.74 35.68
N LYS G 125 8.55 -20.70 34.43
CA LYS G 125 9.46 -20.78 33.29
C LYS G 125 9.17 -19.64 32.32
N ILE G 126 10.22 -19.14 31.69
CA ILE G 126 10.10 -18.15 30.61
C ILE G 126 9.89 -18.90 29.31
N ILE G 127 8.77 -18.64 28.64
CA ILE G 127 8.42 -19.34 27.42
C ILE G 127 8.99 -18.64 26.20
N THR G 128 8.68 -17.36 26.02
CA THR G 128 9.10 -16.63 24.84
C THR G 128 9.44 -15.20 25.23
N ALA G 129 10.49 -14.67 24.61
CA ALA G 129 10.90 -13.27 24.78
C ALA G 129 10.67 -12.57 23.44
N THR G 130 9.81 -11.55 23.44
CA THR G 130 9.39 -10.94 22.19
C THR G 130 10.53 -10.35 21.37
N PRO G 131 11.49 -9.58 21.95
CA PRO G 131 12.58 -9.09 21.11
C PRO G 131 13.54 -10.20 20.74
N ASN G 132 13.45 -10.69 19.51
CA ASN G 132 14.23 -11.82 19.05
C ASN G 132 15.11 -11.40 17.88
N ASN G 133 16.22 -12.10 17.71
CA ASN G 133 17.11 -11.83 16.59
C ASN G 133 16.48 -12.32 15.30
N ASN G 134 16.43 -11.44 14.30
CA ASN G 134 15.86 -11.75 13.00
C ASN G 134 16.97 -11.82 11.96
N ILE G 135 16.80 -12.69 10.97
CA ILE G 135 17.76 -12.79 9.88
C ILE G 135 17.58 -11.58 8.98
N LYS G 136 18.48 -10.60 9.12
CA LYS G 136 18.37 -9.37 8.35
C LYS G 136 18.88 -9.62 6.93
N GLU G 137 18.10 -9.20 5.95
CA GLU G 137 18.41 -9.43 4.55
C GLU G 137 18.73 -8.12 3.86
N LYS G 138 19.63 -8.19 2.87
CA LYS G 138 19.97 -7.05 2.04
C LYS G 138 19.46 -7.26 0.63
N GLN G 139 19.49 -6.18 -0.16
CA GLN G 139 19.06 -6.20 -1.55
C GLN G 139 20.30 -6.07 -2.43
N VAL G 140 20.53 -7.06 -3.28
CA VAL G 140 21.73 -7.12 -4.11
C VAL G 140 21.31 -7.02 -5.57
N SER G 141 21.90 -6.08 -6.28
CA SER G 141 21.63 -5.84 -7.70
C SER G 141 22.92 -6.01 -8.48
N ASP G 142 22.97 -7.03 -9.34
CA ASP G 142 24.14 -7.31 -10.17
C ASP G 142 23.82 -6.89 -11.59
N THR G 143 24.61 -5.99 -12.14
CA THR G 143 24.39 -5.47 -13.49
C THR G 143 25.61 -5.75 -14.35
N ILE G 144 25.38 -6.35 -15.50
CA ILE G 144 26.41 -6.66 -16.49
C ILE G 144 26.08 -5.88 -17.75
N SER G 145 27.00 -5.04 -18.20
CA SER G 145 26.74 -4.17 -19.35
C SER G 145 27.82 -4.36 -20.39
N TYR G 146 27.40 -4.66 -21.62
CA TYR G 146 28.28 -4.69 -22.78
C TYR G 146 28.10 -3.42 -23.58
N GLY G 147 29.06 -3.14 -24.46
CA GLY G 147 28.94 -2.00 -25.35
C GLY G 147 29.91 -2.02 -26.51
N PHE G 148 29.46 -1.57 -27.68
CA PHE G 148 30.28 -1.49 -28.87
C PHE G 148 30.19 -0.08 -29.46
N GLY G 149 31.23 0.34 -30.15
CA GLY G 149 31.28 1.67 -30.72
C GLY G 149 31.58 1.68 -32.21
N GLY G 150 31.24 2.77 -32.88
CA GLY G 150 31.45 2.88 -34.32
C GLY G 150 32.54 3.85 -34.71
N SER G 151 32.70 4.93 -33.95
CA SER G 151 33.71 5.97 -34.19
C SER G 151 33.54 6.46 -35.62
N VAL G 152 34.55 6.36 -36.48
CA VAL G 152 34.47 6.79 -37.88
C VAL G 152 34.08 8.26 -37.98
N SER G 162 38.07 3.75 -33.93
CA SER G 162 37.63 2.70 -34.82
C SER G 162 36.47 1.92 -34.22
N ILE G 163 36.78 0.83 -33.53
CA ILE G 163 35.78 0.02 -32.85
C ILE G 163 36.15 -0.09 -31.38
N GLU G 164 35.27 0.41 -30.51
CA GLU G 164 35.51 0.44 -29.06
C GLU G 164 34.57 -0.54 -28.38
N ALA G 165 35.13 -1.38 -27.51
CA ALA G 165 34.38 -2.38 -26.78
C ALA G 165 34.48 -2.11 -25.29
N ASN G 166 33.34 -2.08 -24.61
CA ASN G 166 33.27 -1.80 -23.19
C ASN G 166 32.53 -2.93 -22.48
N LEU G 167 32.97 -3.25 -21.27
CA LEU G 167 32.35 -4.27 -20.44
C LEU G 167 32.42 -3.81 -18.99
N ALA G 168 31.27 -3.70 -18.33
CA ALA G 168 31.19 -3.18 -16.98
C ALA G 168 30.39 -4.13 -16.09
N TYR G 169 30.86 -4.32 -14.86
CA TYR G 169 30.20 -5.13 -13.86
C TYR G 169 29.96 -4.27 -12.64
N THR G 170 28.71 -4.20 -12.18
CA THR G 170 28.36 -3.42 -11.00
C THR G 170 27.60 -4.29 -10.01
N LYS G 171 27.86 -4.07 -8.72
CA LYS G 171 27.23 -4.82 -7.64
C LYS G 171 26.75 -3.82 -6.59
N THR G 172 25.45 -3.57 -6.56
CA THR G 172 24.84 -2.61 -5.66
C THR G 172 24.21 -3.36 -4.49
N THR G 173 24.63 -3.03 -3.27
CA THR G 173 24.12 -3.66 -2.06
C THR G 173 23.43 -2.60 -1.21
N THR G 174 22.12 -2.75 -1.01
CA THR G 174 21.31 -1.79 -0.29
C THR G 174 20.70 -2.46 0.95
N TYR G 175 20.83 -1.80 2.09
CA TYR G 175 20.35 -2.36 3.34
C TYR G 175 20.04 -1.23 4.32
N ASP G 176 19.31 -1.57 5.38
CA ASP G 176 18.97 -0.62 6.43
C ASP G 176 19.92 -0.82 7.60
N GLN G 177 20.64 0.24 7.95
CA GLN G 177 21.60 0.18 9.04
C GLN G 177 21.11 1.00 10.23
N PRO G 178 20.63 0.37 11.29
CA PRO G 178 20.22 1.15 12.48
C PRO G 178 21.44 1.68 13.21
N ASP G 179 21.22 2.80 13.92
CA ASP G 179 22.29 3.38 14.74
C ASP G 179 22.66 2.45 15.89
N TYR G 180 21.66 1.85 16.54
CA TYR G 180 21.86 0.89 17.61
C TYR G 180 21.26 -0.44 17.21
N GLU G 181 22.02 -1.52 17.37
CA GLU G 181 21.58 -2.85 17.01
C GLU G 181 21.26 -3.62 18.29
N THR G 182 20.02 -4.10 18.40
CA THR G 182 19.58 -4.88 19.54
C THR G 182 19.72 -6.36 19.21
N SER G 183 20.24 -7.14 20.17
CA SER G 183 20.47 -8.56 19.97
C SER G 183 20.18 -9.29 21.26
N GLN G 184 19.35 -10.33 21.18
CA GLN G 184 19.04 -11.17 22.33
C GLN G 184 20.18 -12.16 22.51
N ILE G 185 21.10 -11.85 23.43
CA ILE G 185 22.27 -12.70 23.62
C ILE G 185 22.00 -13.88 24.54
N LYS G 186 20.89 -13.88 25.28
CA LYS G 186 20.59 -15.01 26.14
C LYS G 186 19.09 -15.14 26.31
N LYS G 187 18.59 -16.37 26.28
CA LYS G 187 17.17 -16.62 26.51
C LYS G 187 17.04 -18.05 27.04
N THR G 188 16.83 -18.17 28.35
CA THR G 188 16.57 -19.43 29.02
C THR G 188 15.20 -19.36 29.69
N THR G 189 14.88 -20.41 30.45
CA THR G 189 13.62 -20.42 31.19
C THR G 189 13.67 -19.57 32.45
N LYS G 190 14.86 -19.10 32.85
CA LYS G 190 15.00 -18.32 34.07
C LYS G 190 15.67 -16.97 33.87
N GLU G 191 16.15 -16.65 32.67
CA GLU G 191 16.87 -15.41 32.46
C GLU G 191 16.93 -15.10 30.97
N ALA G 192 16.61 -13.86 30.62
CA ALA G 192 16.70 -13.37 29.25
C ALA G 192 17.51 -12.08 29.23
N VAL G 193 18.54 -12.05 28.39
CA VAL G 193 19.51 -10.96 28.34
C VAL G 193 19.57 -10.42 26.93
N TRP G 194 19.31 -9.12 26.79
CA TRP G 194 19.40 -8.41 25.52
C TRP G 194 20.53 -7.40 25.56
N ASP G 195 21.20 -7.26 24.42
CA ASP G 195 22.24 -6.27 24.22
C ASP G 195 21.76 -5.22 23.22
N THR G 196 22.33 -4.01 23.31
CA THR G 196 22.05 -2.94 22.36
C THR G 196 23.34 -2.15 22.18
N SER G 197 24.11 -2.49 21.15
CA SER G 197 25.41 -1.89 20.94
C SER G 197 25.34 -0.81 19.86
N PHE G 198 26.15 0.23 20.04
CA PHE G 198 26.26 1.27 19.04
C PHE G 198 26.94 0.72 17.79
N VAL G 199 26.36 1.00 16.63
CA VAL G 199 26.92 0.50 15.37
C VAL G 199 27.70 1.61 14.69
N GLU G 200 27.01 2.68 14.30
CA GLU G 200 27.63 3.81 13.63
C GLU G 200 26.63 4.95 13.53
N THR G 201 27.15 6.15 13.33
CA THR G 201 26.33 7.34 13.21
C THR G 201 25.74 7.45 11.81
N ARG G 202 25.01 8.54 11.56
CA ARG G 202 24.51 8.78 10.21
C ARG G 202 25.64 8.96 9.22
N ASP G 203 26.77 9.51 9.67
CA ASP G 203 27.91 9.83 8.80
C ASP G 203 28.75 8.60 8.48
N GLY G 204 28.52 7.47 9.13
CA GLY G 204 29.29 6.28 8.88
C GLY G 204 30.47 6.06 9.80
N TYR G 205 30.58 6.80 10.89
CA TYR G 205 31.69 6.69 11.80
C TYR G 205 31.37 5.72 12.93
N THR G 206 32.37 4.93 13.32
CA THR G 206 32.23 3.84 14.26
C THR G 206 33.11 4.09 15.47
N PRO G 207 32.82 3.42 16.60
CA PRO G 207 33.69 3.59 17.78
C PRO G 207 35.14 3.25 17.52
N ASN G 208 35.41 2.34 16.58
CA ASN G 208 36.78 1.96 16.25
C ASN G 208 37.33 2.67 15.02
N SER G 209 36.58 3.61 14.45
CA SER G 209 37.09 4.37 13.32
C SER G 209 38.26 5.23 13.76
N TRP G 210 39.23 5.39 12.86
CA TRP G 210 40.44 6.14 13.20
C TRP G 210 41.03 6.73 11.93
N ASN G 211 41.20 8.05 11.92
CA ASN G 211 41.90 8.87 10.95
C ASN G 211 43.34 9.08 11.40
N PRO G 212 44.31 8.95 10.51
CA PRO G 212 45.72 9.07 10.93
C PRO G 212 46.06 10.42 11.55
N VAL G 213 45.36 11.49 11.17
CA VAL G 213 45.63 12.81 11.72
C VAL G 213 44.43 13.42 12.44
N TYR G 214 43.20 13.03 12.10
CA TYR G 214 42.00 13.68 12.62
C TYR G 214 41.36 12.93 13.77
N GLY G 215 41.95 11.80 14.20
CA GLY G 215 41.38 11.04 15.29
C GLY G 215 40.07 10.39 14.90
N ASN G 216 39.20 10.21 15.90
CA ASN G 216 37.89 9.59 15.71
C ASN G 216 36.83 10.68 15.62
N GLN G 217 35.96 10.57 14.62
CA GLN G 217 35.07 11.67 14.25
C GLN G 217 33.59 11.30 14.35
N MET G 218 33.21 10.47 15.33
CA MET G 218 31.79 10.17 15.51
C MET G 218 31.00 11.42 15.87
N PHE G 219 31.55 12.25 16.76
CA PHE G 219 30.86 13.46 17.20
C PHE G 219 31.75 14.68 17.06
N MET G 220 32.57 14.72 16.01
CA MET G 220 33.41 15.88 15.71
C MET G 220 32.58 16.83 14.85
N ARG G 221 31.98 17.81 15.51
CA ARG G 221 31.06 18.73 14.83
C ARG G 221 31.76 19.54 13.76
N GLY G 222 32.94 20.05 14.06
CA GLY G 222 33.65 20.93 13.14
C GLY G 222 35.05 20.45 12.89
N ARG G 223 35.44 20.42 11.61
CA ARG G 223 36.78 20.00 11.25
C ARG G 223 37.82 20.99 11.77
N TYR G 224 37.60 22.27 11.51
CA TYR G 224 38.44 23.36 12.05
C TYR G 224 37.47 24.44 12.55
N SER G 225 37.12 24.38 13.82
CA SER G 225 36.18 25.31 14.42
C SER G 225 36.83 25.99 15.61
N ASN G 226 36.72 27.32 15.66
CA ASN G 226 37.24 28.10 16.77
C ASN G 226 36.17 28.24 17.84
N VAL G 227 35.82 27.10 18.43
CA VAL G 227 34.78 27.00 19.45
C VAL G 227 35.31 26.21 20.63
N SER G 228 34.54 26.20 21.70
CA SER G 228 34.88 25.40 22.86
C SER G 228 34.85 23.92 22.51
N PRO G 229 35.66 23.09 23.17
CA PRO G 229 35.69 21.66 22.84
C PRO G 229 34.33 20.99 22.97
N ILE G 230 33.53 21.37 23.96
CA ILE G 230 32.17 20.85 24.04
C ILE G 230 31.34 21.33 22.87
N ASP G 231 31.50 22.60 22.48
CA ASP G 231 30.78 23.14 21.34
C ASP G 231 31.16 22.46 20.04
N ASN G 232 32.31 21.78 20.02
CA ASN G 232 32.73 21.00 18.86
C ASN G 232 32.27 19.55 18.93
N ILE G 233 31.56 19.17 20.00
CA ILE G 233 31.02 17.83 20.17
C ILE G 233 29.55 17.84 19.79
N LYS G 234 29.16 16.92 18.91
CA LYS G 234 27.76 16.82 18.50
C LYS G 234 26.88 16.48 19.69
N LYS G 235 25.72 17.14 19.75
CA LYS G 235 24.75 16.88 20.81
C LYS G 235 23.36 17.27 20.30
N GLY G 236 22.35 16.76 20.98
CA GLY G 236 20.98 17.08 20.62
C GLY G 236 20.49 16.19 19.51
N GLY G 237 19.99 16.81 18.44
CA GLY G 237 19.48 16.05 17.31
C GLY G 237 20.54 15.53 16.37
N GLU G 238 21.78 16.00 16.50
CA GLU G 238 22.88 15.50 15.68
C GLU G 238 23.36 14.13 16.12
N VAL G 239 22.96 13.66 17.30
CA VAL G 239 23.40 12.37 17.81
C VAL G 239 22.20 11.44 17.89
N SER G 240 22.43 10.20 18.30
CA SER G 240 21.34 9.26 18.46
C SER G 240 20.46 9.67 19.64
N SER G 241 19.15 9.39 19.51
CA SER G 241 18.23 9.67 20.60
C SER G 241 18.54 8.84 21.84
N LEU G 242 19.28 7.74 21.69
CA LEU G 242 19.73 6.96 22.82
C LEU G 242 20.97 7.54 23.48
N ILE G 243 21.60 8.55 22.85
CA ILE G 243 22.75 9.22 23.41
C ILE G 243 22.37 10.58 24.00
N SER G 244 21.53 11.35 23.30
CA SER G 244 21.06 12.60 23.86
C SER G 244 19.99 12.37 24.93
N GLY G 245 19.19 11.32 24.77
CA GLY G 245 18.13 11.03 25.70
C GLY G 245 18.37 9.77 26.51
N GLY G 246 17.76 8.66 26.09
CA GLY G 246 17.93 7.39 26.76
C GLY G 246 17.32 6.28 25.94
N PHE G 247 17.50 5.06 26.43
CA PHE G 247 17.02 3.87 25.75
C PHE G 247 15.69 3.43 26.35
N SER G 248 14.70 3.21 25.49
CA SER G 248 13.35 2.81 25.90
C SER G 248 12.94 1.56 25.14
N PRO G 249 13.48 0.39 25.52
CA PRO G 249 13.15 -0.85 24.80
C PRO G 249 11.82 -1.42 25.31
N LYS G 250 10.93 -1.74 24.36
CA LYS G 250 9.70 -2.46 24.67
C LYS G 250 10.01 -3.95 24.64
N MET G 251 9.66 -4.65 25.72
CA MET G 251 10.02 -6.05 25.86
C MET G 251 8.81 -6.86 26.29
N GLY G 252 8.80 -8.15 25.94
CA GLY G 252 7.71 -9.01 26.32
C GLY G 252 8.15 -10.42 26.65
N VAL G 253 7.74 -10.92 27.81
CA VAL G 253 8.09 -12.26 28.27
C VAL G 253 6.81 -13.02 28.59
N VAL G 254 6.73 -14.25 28.10
CA VAL G 254 5.60 -15.13 28.37
C VAL G 254 6.04 -16.12 29.45
N LEU G 255 5.36 -16.07 30.60
CA LEU G 255 5.68 -16.91 31.74
C LEU G 255 4.62 -18.00 31.88
N ALA G 256 5.07 -19.24 32.04
CA ALA G 256 4.19 -20.37 32.29
C ALA G 256 4.53 -20.97 33.65
N SER G 257 3.51 -21.20 34.46
CA SER G 257 3.70 -21.71 35.81
C SER G 257 2.68 -22.81 36.08
N PRO G 258 2.97 -23.72 37.00
CA PRO G 258 2.00 -24.77 37.34
C PRO G 258 0.72 -24.18 37.93
N ASN G 259 -0.29 -25.05 38.05
CA ASN G 259 -1.61 -24.59 38.48
C ASN G 259 -1.62 -24.16 39.93
N GLY G 260 -0.62 -24.57 40.71
CA GLY G 260 -0.59 -24.23 42.13
C GLY G 260 0.37 -23.12 42.48
N THR G 261 0.81 -22.37 41.47
CA THR G 261 1.78 -21.31 41.69
C THR G 261 1.17 -20.16 42.49
N LYS G 262 1.89 -19.72 43.52
CA LYS G 262 1.44 -18.64 44.39
C LYS G 262 2.21 -17.34 44.14
N LYS G 263 3.54 -17.38 44.24
CA LYS G 263 4.34 -16.17 44.10
C LYS G 263 5.59 -16.47 43.29
N SER G 264 5.99 -15.50 42.48
CA SER G 264 7.22 -15.56 41.71
C SER G 264 7.94 -14.21 41.82
N GLN G 265 9.20 -14.19 41.42
CA GLN G 265 10.00 -12.97 41.43
C GLN G 265 10.54 -12.68 40.04
N PHE G 266 10.49 -11.41 39.66
CA PHE G 266 10.94 -10.96 38.35
C PHE G 266 11.92 -9.81 38.56
N VAL G 267 13.19 -10.05 38.28
CA VAL G 267 14.24 -9.05 38.48
C VAL G 267 14.66 -8.54 37.11
N VAL G 268 14.45 -7.26 36.88
CA VAL G 268 14.86 -6.61 35.63
C VAL G 268 16.14 -5.84 35.94
N ARG G 269 17.24 -6.25 35.32
CA ARG G 269 18.54 -5.64 35.54
C ARG G 269 18.90 -4.78 34.33
N VAL G 270 19.15 -3.50 34.58
CA VAL G 270 19.57 -2.55 33.56
C VAL G 270 21.04 -2.23 33.77
N SER G 271 21.82 -2.38 32.70
CA SER G 271 23.24 -2.08 32.73
C SER G 271 23.58 -1.21 31.53
N ARG G 272 24.30 -0.12 31.79
CA ARG G 272 24.73 0.84 30.77
C ARG G 272 26.24 0.96 30.82
N MET G 273 26.89 0.71 29.70
CA MET G 273 28.33 0.85 29.57
C MET G 273 28.64 2.05 28.70
N SER G 274 29.40 3.00 29.23
CA SER G 274 29.67 4.27 28.58
C SER G 274 31.16 4.42 28.28
N ASP G 275 31.45 4.99 27.12
CA ASP G 275 32.80 5.38 26.74
C ASP G 275 32.97 6.88 26.90
N MET G 276 34.23 7.31 26.81
CA MET G 276 34.58 8.72 26.87
C MET G 276 35.10 9.14 25.50
N TYR G 277 34.31 9.95 24.80
CA TYR G 277 34.74 10.55 23.55
C TYR G 277 35.45 11.86 23.88
N ILE G 278 36.75 11.93 23.58
CA ILE G 278 37.60 13.04 23.95
C ILE G 278 37.82 13.92 22.74
N MET G 279 37.49 15.20 22.87
CA MET G 279 37.76 16.22 21.87
C MET G 279 38.97 17.02 22.38
N ARG G 280 40.11 16.82 21.75
CA ARG G 280 41.32 17.57 22.06
C ARG G 280 41.60 18.56 20.94
N TRP G 281 42.25 19.66 21.30
CA TRP G 281 42.65 20.69 20.34
C TRP G 281 44.17 20.65 20.21
N SER G 282 44.66 20.17 19.07
CA SER G 282 46.08 20.15 18.80
C SER G 282 46.53 21.55 18.36
N GLY G 283 47.76 21.65 17.87
CA GLY G 283 48.26 22.94 17.42
C GLY G 283 47.48 23.50 16.25
N THR G 284 47.00 22.64 15.37
CA THR G 284 46.33 23.07 14.15
C THR G 284 44.93 22.48 13.98
N GLU G 285 44.73 21.22 14.34
CA GLU G 285 43.49 20.52 14.05
C GLU G 285 42.89 19.94 15.32
N TRP G 286 41.58 19.69 15.26
CA TRP G 286 40.88 18.98 16.32
C TRP G 286 41.20 17.49 16.26
N GLY G 287 40.90 16.80 17.36
CA GLY G 287 41.13 15.37 17.42
C GLY G 287 40.15 14.66 18.33
N GLY G 288 39.67 13.51 17.89
CA GLY G 288 38.74 12.72 18.69
C GLY G 288 39.29 11.36 19.05
N GLU G 289 39.17 10.98 20.32
CA GLU G 289 39.67 9.69 20.78
C GLU G 289 38.58 9.01 21.60
N ASN G 290 38.31 7.74 21.29
CA ASN G 290 37.28 6.98 22.00
C ASN G 290 37.95 6.10 23.05
N GLU G 291 37.81 6.48 24.32
CA GLU G 291 38.31 5.69 25.44
C GLU G 291 37.23 4.73 25.87
N ILE G 292 37.49 3.42 25.74
CA ILE G 292 36.50 2.38 25.96
C ILE G 292 36.15 2.26 27.43
N ASN G 293 35.12 1.47 27.73
CA ASN G 293 34.54 1.46 29.07
C ASN G 293 35.54 1.02 30.13
N GLN G 294 36.33 -0.02 29.85
CA GLN G 294 37.24 -0.54 30.85
C GLN G 294 38.43 0.37 31.11
N ASN G 295 38.63 1.40 30.29
CA ASN G 295 39.73 2.34 30.48
C ASN G 295 39.29 3.64 31.15
N VAL G 296 38.00 3.93 31.19
CA VAL G 296 37.51 5.15 31.82
C VAL G 296 37.75 5.06 33.33
N PRO G 297 38.23 6.12 33.97
CA PRO G 297 38.42 6.09 35.42
C PRO G 297 37.11 5.83 36.15
N LYS G 298 37.20 5.14 37.28
CA LYS G 298 36.01 4.73 38.02
C LYS G 298 35.27 5.93 38.61
N GLU G 299 35.92 7.09 38.68
CA GLU G 299 35.29 8.26 39.29
C GLU G 299 34.10 8.76 38.49
N TYR G 300 34.00 8.41 37.21
CA TYR G 300 32.93 8.89 36.35
C TYR G 300 31.78 7.90 36.23
N ASN G 301 31.90 6.71 36.81
CA ASN G 301 30.85 5.70 36.80
C ASN G 301 30.42 5.36 35.38
N ALA G 302 31.37 4.84 34.60
CA ALA G 302 31.12 4.48 33.22
C ALA G 302 30.33 3.20 33.06
N LEU G 303 30.16 2.42 34.14
CA LEU G 303 29.41 1.16 34.09
C LEU G 303 28.34 1.22 35.19
N MET G 304 27.10 1.46 34.78
CA MET G 304 25.97 1.45 35.71
C MET G 304 25.29 0.09 35.64
N TYR G 305 25.08 -0.53 36.81
CA TYR G 305 24.50 -1.87 36.88
C TYR G 305 23.51 -1.87 38.04
N GLU G 306 22.23 -1.71 37.74
CA GLU G 306 21.20 -1.63 38.76
C GLU G 306 20.05 -2.55 38.40
N ASP G 307 19.15 -2.78 39.36
CA ASP G 307 18.07 -3.73 39.15
C ASP G 307 16.80 -3.25 39.85
N VAL G 308 15.66 -3.71 39.32
CA VAL G 308 14.36 -3.51 39.94
C VAL G 308 13.70 -4.88 40.11
N LYS G 309 13.26 -5.16 41.33
CA LYS G 309 12.69 -6.47 41.67
C LYS G 309 11.19 -6.34 41.84
N PHE G 310 10.44 -7.26 41.24
CA PHE G 310 9.00 -7.31 41.36
C PHE G 310 8.56 -8.66 41.91
N GLU G 311 7.53 -8.65 42.74
CA GLU G 311 6.87 -9.86 43.19
C GLU G 311 5.57 -10.02 42.41
N ILE G 312 5.40 -11.17 41.79
CA ILE G 312 4.21 -11.50 41.00
C ILE G 312 3.40 -12.50 41.82
N ASP G 313 2.24 -12.05 42.31
CA ASP G 313 1.32 -12.89 43.05
C ASP G 313 0.34 -13.48 42.05
N TRP G 314 0.50 -14.78 41.77
CA TRP G 314 -0.38 -15.44 40.80
C TRP G 314 -1.74 -15.73 41.40
N GLU G 315 -1.83 -15.83 42.72
CA GLU G 315 -3.12 -16.00 43.37
C GLU G 315 -3.91 -14.70 43.39
N GLN G 316 -3.27 -13.63 43.87
CA GLN G 316 -3.90 -12.31 43.87
C GLN G 316 -3.85 -11.64 42.51
N ARG G 317 -3.07 -12.16 41.56
CA ARG G 317 -2.91 -11.58 40.23
C ARG G 317 -2.38 -10.14 40.32
N THR G 318 -1.29 -9.96 41.06
CA THR G 318 -0.75 -8.64 41.30
C THR G 318 0.75 -8.61 41.00
N VAL G 319 1.25 -7.41 40.71
CA VAL G 319 2.67 -7.15 40.55
C VAL G 319 3.03 -6.00 41.46
N ARG G 320 3.96 -6.24 42.40
CA ARG G 320 4.34 -5.23 43.37
C ARG G 320 5.85 -5.10 43.43
N THR G 321 6.36 -3.88 43.35
CA THR G 321 7.79 -3.63 43.40
C THR G 321 8.32 -3.99 44.79
N ILE G 322 9.21 -4.97 44.85
CA ILE G 322 9.77 -5.41 46.12
C ILE G 322 11.23 -4.97 46.24
N ASP H 7 -13.69 -20.34 10.35
CA ASP H 7 -15.02 -20.01 10.81
C ASP H 7 -15.46 -20.95 11.94
N ASN H 8 -15.85 -20.37 13.06
CA ASN H 8 -16.30 -21.12 14.23
C ASN H 8 -17.64 -20.57 14.68
N PRO H 9 -18.73 -21.03 14.07
CA PRO H 9 -20.06 -20.53 14.44
C PRO H 9 -20.48 -21.03 15.82
N VAL H 10 -21.55 -20.40 16.34
CA VAL H 10 -22.05 -20.76 17.66
C VAL H 10 -22.61 -22.17 17.69
N LEU H 11 -23.10 -22.67 16.56
CA LEU H 11 -23.80 -23.97 16.48
C LEU H 11 -24.95 -23.92 17.48
N GLY H 12 -25.12 -24.92 18.35
CA GLY H 12 -26.25 -25.00 19.23
C GLY H 12 -25.95 -24.56 20.66
N THR H 13 -27.01 -24.55 21.45
CA THR H 13 -26.93 -24.18 22.87
C THR H 13 -27.69 -25.21 23.69
N GLU H 14 -27.15 -25.56 24.85
CA GLU H 14 -27.78 -26.49 25.77
C GLU H 14 -28.07 -25.76 27.07
N VAL H 15 -29.34 -25.78 27.50
CA VAL H 15 -29.79 -25.07 28.68
C VAL H 15 -30.24 -26.09 29.72
N THR H 16 -29.65 -26.02 30.91
CA THR H 16 -30.01 -26.86 32.04
C THR H 16 -30.44 -25.98 33.21
N PHE H 17 -31.19 -26.58 34.13
CA PHE H 17 -31.75 -25.86 35.26
C PHE H 17 -31.31 -26.52 36.57
N GLU H 18 -30.67 -25.75 37.44
CA GLU H 18 -30.37 -26.17 38.79
C GLU H 18 -31.49 -25.67 39.69
N LYS H 19 -32.16 -26.60 40.38
CA LYS H 19 -33.34 -26.31 41.18
C LYS H 19 -33.04 -26.52 42.66
N ASP H 20 -33.82 -25.82 43.49
CA ASP H 20 -33.70 -25.95 44.93
C ASP H 20 -34.48 -27.16 45.43
N GLU H 21 -34.30 -27.48 46.70
CA GLU H 21 -35.02 -28.59 47.32
C GLU H 21 -36.51 -28.27 47.41
N ASN H 22 -37.30 -28.95 46.58
CA ASN H 22 -38.75 -28.70 46.50
C ASN H 22 -39.04 -27.23 46.21
N GLY H 23 -38.23 -26.64 45.31
CA GLY H 23 -38.36 -25.25 44.96
C GLY H 23 -38.34 -25.05 43.46
N ARG H 24 -38.47 -23.79 43.05
CA ARG H 24 -38.47 -23.44 41.65
C ARG H 24 -37.05 -23.46 41.10
N ILE H 25 -36.87 -23.00 39.87
CA ILE H 25 -35.55 -22.98 39.25
C ILE H 25 -34.74 -21.84 39.86
N VAL H 26 -33.63 -22.19 40.51
CA VAL H 26 -32.79 -21.20 41.16
C VAL H 26 -31.55 -20.85 40.37
N LYS H 27 -31.23 -21.60 39.31
CA LYS H 27 -30.10 -21.25 38.47
C LYS H 27 -30.32 -21.82 37.08
N ILE H 28 -29.95 -21.05 36.05
CA ILE H 28 -30.06 -21.47 34.67
C ILE H 28 -28.64 -21.47 34.08
N ILE H 29 -28.20 -22.64 33.60
CA ILE H 29 -26.86 -22.79 33.03
C ILE H 29 -27.02 -23.01 31.54
N SER H 30 -26.53 -22.06 30.75
CA SER H 30 -26.50 -22.18 29.30
C SER H 30 -25.07 -22.49 28.88
N LYS H 31 -24.91 -23.37 27.90
CA LYS H 31 -23.61 -23.74 27.37
C LYS H 31 -23.71 -23.82 25.85
N ASN H 32 -22.93 -22.99 25.17
CA ASN H 32 -22.89 -23.03 23.71
C ASN H 32 -21.89 -24.07 23.24
N GLN H 33 -22.34 -24.96 22.34
CA GLN H 33 -21.52 -26.05 21.84
C GLN H 33 -20.87 -25.60 20.54
N TYR H 34 -19.54 -25.49 20.55
CA TYR H 34 -18.79 -25.05 19.39
C TYR H 34 -18.13 -26.24 18.70
N ARG H 35 -17.97 -26.13 17.39
CA ARG H 35 -17.29 -27.16 16.62
C ARG H 35 -15.82 -27.25 16.99
N ILE H 36 -15.15 -26.11 17.11
CA ILE H 36 -13.73 -26.04 17.37
C ILE H 36 -13.51 -25.66 18.82
N THR H 37 -12.72 -26.45 19.54
CA THR H 37 -12.30 -26.09 20.89
C THR H 37 -10.78 -26.08 20.93
N ILE H 38 -10.20 -25.03 21.48
CA ILE H 38 -8.76 -24.88 21.56
C ILE H 38 -8.34 -25.15 23.00
N TYR H 39 -7.48 -26.14 23.19
CA TYR H 39 -6.93 -26.48 24.49
C TYR H 39 -5.44 -26.17 24.45
N ASN H 40 -5.04 -25.12 25.15
CA ASN H 40 -3.68 -24.59 25.05
C ASN H 40 -2.83 -25.07 26.21
N SER H 41 -1.65 -25.60 25.88
CA SER H 41 -0.64 -25.94 26.87
C SER H 41 0.70 -25.46 26.36
N VAL H 42 1.62 -25.17 27.28
CA VAL H 42 2.95 -24.71 26.89
C VAL H 42 3.94 -25.07 27.98
N ASP H 43 5.11 -25.53 27.56
CA ASP H 43 6.20 -25.83 28.48
C ASP H 43 7.51 -25.41 27.83
N ALA H 44 8.58 -25.45 28.62
CA ALA H 44 9.89 -25.06 28.12
C ALA H 44 10.96 -25.89 28.82
N GLY H 45 12.11 -25.97 28.17
CA GLY H 45 13.23 -26.75 28.68
C GLY H 45 14.57 -26.15 28.31
N ASP H 46 15.53 -26.26 29.24
CA ASP H 46 16.86 -25.73 29.03
C ASP H 46 17.82 -26.84 28.58
N THR H 47 19.05 -26.45 28.32
CA THR H 47 20.12 -27.36 27.92
C THR H 47 21.38 -26.94 28.67
N PRO H 48 22.39 -27.84 28.75
CA PRO H 48 23.63 -27.47 29.44
C PRO H 48 24.28 -26.19 28.92
N ASN H 49 24.23 -25.90 27.62
CA ASN H 49 24.78 -24.66 27.08
C ASN H 49 23.73 -23.60 26.83
N ASP H 50 22.65 -23.60 27.61
CA ASP H 50 21.66 -22.51 27.63
C ASP H 50 21.00 -22.31 26.27
N ALA H 51 20.56 -23.40 25.65
CA ALA H 51 19.74 -23.35 24.45
C ALA H 51 18.33 -23.77 24.83
N SER H 52 17.41 -22.80 24.90
CA SER H 52 16.08 -23.05 25.42
C SER H 52 15.13 -23.45 24.30
N VAL H 53 14.22 -24.37 24.61
CA VAL H 53 13.20 -24.81 23.65
C VAL H 53 11.86 -24.74 24.35
N SER H 54 10.92 -23.99 23.78
CA SER H 54 9.58 -23.86 24.33
C SER H 54 8.58 -24.42 23.33
N LEU H 55 7.73 -25.33 23.79
CA LEU H 55 6.70 -25.96 22.98
C LEU H 55 5.34 -25.48 23.45
N ASP H 56 4.57 -24.90 22.53
CA ASP H 56 3.22 -24.40 22.80
C ASP H 56 2.26 -25.16 21.90
N VAL H 57 1.53 -26.10 22.49
CA VAL H 57 0.65 -27.00 21.73
C VAL H 57 -0.79 -26.57 21.97
N ASP H 58 -1.50 -26.27 20.88
CA ASP H 58 -2.94 -26.05 20.90
C ASP H 58 -3.61 -27.29 20.34
N PHE H 59 -4.27 -28.04 21.21
CA PHE H 59 -5.06 -29.20 20.79
C PHE H 59 -6.39 -28.72 20.24
N ILE H 60 -6.76 -29.23 19.07
CA ILE H 60 -7.97 -28.81 18.37
C ILE H 60 -9.00 -29.91 18.56
N ASP H 61 -9.83 -29.75 19.58
CA ASP H 61 -10.97 -30.64 19.80
C ASP H 61 -12.02 -30.31 18.75
N ASP H 62 -12.08 -31.13 17.71
CA ASP H 62 -12.99 -30.94 16.59
C ASP H 62 -14.05 -32.02 16.62
N LYS H 63 -15.31 -31.62 16.82
CA LYS H 63 -16.40 -32.57 16.69
C LYS H 63 -16.53 -33.06 15.26
N ASN H 64 -16.20 -32.21 14.29
CA ASN H 64 -16.25 -32.56 12.87
C ASN H 64 -14.89 -33.06 12.36
N SER H 65 -14.34 -34.07 13.04
CA SER H 65 -13.07 -34.65 12.65
C SER H 65 -13.02 -36.11 13.08
N GLY H 66 -12.23 -36.89 12.35
CA GLY H 66 -12.09 -38.30 12.65
C GLY H 66 -10.84 -38.63 13.44
N GLU H 67 -9.97 -37.64 13.63
CA GLU H 67 -8.72 -37.84 14.35
C GLU H 67 -8.37 -36.58 15.13
N MET H 68 -7.62 -36.77 16.21
CA MET H 68 -7.18 -35.65 17.03
C MET H 68 -6.05 -34.89 16.34
N GLY H 69 -6.05 -33.57 16.53
CA GLY H 69 -5.03 -32.73 15.94
C GLY H 69 -4.47 -31.74 16.94
N ALA H 70 -3.21 -31.36 16.72
CA ALA H 70 -2.52 -30.46 17.62
C ALA H 70 -1.55 -29.59 16.82
N VAL H 71 -1.71 -28.28 16.93
CA VAL H 71 -0.79 -27.33 16.31
C VAL H 71 0.24 -26.92 17.35
N ALA H 72 1.51 -27.26 17.12
CA ALA H 72 2.56 -27.03 18.08
C ALA H 72 3.53 -25.98 17.53
N SER H 73 3.73 -24.92 18.29
CA SER H 73 4.67 -23.87 17.96
C SER H 73 5.93 -24.06 18.80
N ILE H 74 7.07 -24.18 18.14
CA ILE H 74 8.37 -24.31 18.79
C ILE H 74 9.07 -22.97 18.71
N ASN H 75 9.35 -22.39 19.87
CA ASN H 75 10.16 -21.18 19.97
C ASN H 75 11.49 -21.58 20.60
N THR H 76 12.57 -21.43 19.84
CA THR H 76 13.87 -21.89 20.25
C THR H 76 14.83 -20.73 20.36
N PHE H 77 15.76 -20.82 21.31
CA PHE H 77 16.91 -19.93 21.39
C PHE H 77 18.16 -20.79 21.46
N ILE H 78 18.95 -20.78 20.39
CA ILE H 78 20.24 -21.44 20.34
C ILE H 78 21.31 -20.36 20.42
N PRO H 79 22.03 -20.24 21.54
CA PRO H 79 23.03 -19.18 21.64
C PRO H 79 24.13 -19.36 20.60
N SER H 80 24.67 -18.23 20.14
CA SER H 80 25.68 -18.28 19.09
C SER H 80 26.96 -18.96 19.58
N GLY H 81 27.22 -18.91 20.88
CA GLY H 81 28.49 -19.43 21.38
C GLY H 81 29.68 -18.69 20.82
N LEU H 82 29.55 -17.37 20.66
CA LEU H 82 30.60 -16.55 20.08
C LEU H 82 31.73 -16.44 21.09
N ARG H 83 32.78 -17.23 20.90
CA ARG H 83 33.85 -17.34 21.89
C ARG H 83 35.13 -16.71 21.34
N TYR H 84 35.88 -16.06 22.23
CA TYR H 84 37.12 -15.40 21.86
C TYR H 84 38.27 -16.08 22.58
N VAL H 85 39.28 -16.53 21.82
CA VAL H 85 40.42 -17.25 22.36
C VAL H 85 41.71 -16.51 21.99
N GLU H 86 42.55 -16.28 22.99
CA GLU H 86 43.80 -15.54 22.82
C GLU H 86 44.84 -16.39 22.11
N GLY H 87 45.57 -15.77 21.18
CA GLY H 87 46.73 -16.39 20.57
C GLY H 87 46.45 -17.72 19.90
N TYR H 88 45.37 -17.78 19.12
CA TYR H 88 44.90 -19.05 18.57
C TYR H 88 45.67 -19.38 17.30
N LYS H 89 46.56 -20.38 17.40
CA LYS H 89 47.30 -20.90 16.26
C LYS H 89 48.05 -19.80 15.51
N TYR H 90 48.95 -19.14 16.23
CA TYR H 90 49.83 -18.18 15.58
C TYR H 90 50.76 -18.86 14.59
N LYS H 91 51.34 -20.00 15.00
CA LYS H 91 52.17 -20.80 14.11
C LYS H 91 51.80 -22.27 14.29
N GLY H 92 51.50 -22.93 13.18
CA GLY H 92 51.14 -24.34 13.25
C GLY H 92 49.92 -24.57 14.12
N VAL H 93 50.05 -25.51 15.06
CA VAL H 93 48.98 -25.83 16.00
C VAL H 93 49.35 -25.38 17.42
N THR H 94 50.34 -24.51 17.55
CA THR H 94 50.74 -24.00 18.86
C THR H 94 49.71 -22.99 19.35
N ASN H 95 49.30 -23.15 20.61
CA ASN H 95 48.24 -22.34 21.21
C ASN H 95 48.69 -21.71 22.53
N PRO H 96 49.57 -20.72 22.49
CA PRO H 96 49.87 -19.97 23.71
C PRO H 96 48.78 -18.96 24.02
N ILE H 97 48.49 -18.80 25.31
CA ILE H 97 47.67 -17.67 25.76
C ILE H 97 48.50 -16.41 25.95
N TYR H 98 49.82 -16.51 25.86
CA TYR H 98 50.70 -15.36 26.10
C TYR H 98 50.75 -14.44 24.89
N LYS H 99 51.16 -14.97 23.74
CA LYS H 99 51.31 -14.14 22.55
C LYS H 99 49.96 -13.68 22.04
N ASN H 100 49.86 -12.39 21.71
CA ASN H 100 48.61 -11.81 21.23
C ASN H 100 48.79 -11.20 19.85
N LEU H 101 49.49 -11.91 18.97
CA LEU H 101 49.56 -11.53 17.57
C LEU H 101 48.46 -12.16 16.74
N SER H 102 47.64 -13.02 17.34
CA SER H 102 46.54 -13.68 16.65
C SER H 102 45.42 -13.92 17.65
N ALA H 103 44.20 -14.06 17.13
CA ALA H 103 43.05 -14.33 17.99
C ALA H 103 42.03 -15.17 17.22
N GLY H 104 41.40 -16.10 17.92
CA GLY H 104 40.39 -16.96 17.33
C GLY H 104 39.00 -16.58 17.81
N MET H 105 38.03 -16.66 16.90
CA MET H 105 36.64 -16.40 17.23
C MET H 105 35.79 -17.58 16.79
N LEU H 106 35.21 -18.29 17.75
CA LEU H 106 34.30 -19.39 17.48
C LEU H 106 32.91 -18.82 17.23
N TRP H 107 32.40 -19.03 16.02
CA TRP H 107 31.14 -18.45 15.56
C TRP H 107 30.27 -19.50 14.90
N PRO H 108 28.95 -19.41 15.07
CA PRO H 108 28.04 -20.48 14.64
C PRO H 108 27.68 -20.46 13.16
N LYS H 109 28.48 -21.12 12.30
CA LYS H 109 28.20 -21.06 10.87
C LYS H 109 26.82 -21.62 10.54
N LYS H 110 26.51 -22.80 11.04
CA LYS H 110 25.28 -23.50 10.65
C LYS H 110 24.53 -23.94 11.89
N TYR H 111 23.25 -23.58 11.96
CA TYR H 111 22.31 -24.09 12.95
C TYR H 111 21.55 -25.25 12.36
N ARG H 112 21.14 -26.19 13.22
CA ARG H 112 20.39 -27.35 12.79
C ARG H 112 19.38 -27.69 13.88
N VAL H 113 18.10 -27.70 13.53
CA VAL H 113 17.04 -28.01 14.49
C VAL H 113 16.24 -29.19 13.97
N GLU H 114 16.18 -30.25 14.78
CA GLU H 114 15.38 -31.42 14.47
C GLU H 114 14.27 -31.55 15.51
N VAL H 115 13.04 -31.80 15.03
CA VAL H 115 11.91 -32.12 15.89
C VAL H 115 11.47 -33.54 15.55
N VAL H 116 11.39 -34.39 16.57
CA VAL H 116 11.14 -35.81 16.37
C VAL H 116 9.83 -36.18 17.05
N ASN H 117 8.94 -36.81 16.28
CA ASN H 117 7.69 -37.33 16.81
C ASN H 117 7.88 -38.81 17.14
N ILE H 118 7.70 -39.16 18.41
CA ILE H 118 7.88 -40.53 18.86
C ILE H 118 6.54 -41.10 19.30
N PRO H 119 5.87 -41.89 18.47
CA PRO H 119 4.60 -42.49 18.89
C PRO H 119 4.79 -43.46 20.06
N ILE H 120 3.77 -43.52 20.91
CA ILE H 120 3.80 -44.42 22.06
C ILE H 120 2.61 -45.36 21.99
N ASP H 121 1.40 -44.80 22.00
CA ASP H 121 0.16 -45.57 21.98
C ASP H 121 -0.48 -45.65 20.61
N GLN H 122 -0.45 -44.56 19.85
CA GLN H 122 -1.07 -44.52 18.53
C GLN H 122 -0.08 -43.92 17.53
N ALA H 123 -0.38 -44.10 16.25
CA ALA H 123 0.50 -43.67 15.16
C ALA H 123 0.34 -42.17 14.94
N THR H 124 0.93 -41.39 15.86
CA THR H 124 0.96 -39.95 15.70
C THR H 124 1.87 -39.58 14.54
N LYS H 125 1.40 -38.66 13.69
CA LYS H 125 2.09 -38.31 12.47
C LYS H 125 2.26 -36.79 12.37
N ILE H 126 3.38 -36.37 11.79
CA ILE H 126 3.63 -34.97 11.48
C ILE H 126 2.98 -34.66 10.14
N ILE H 127 2.05 -33.72 10.13
CA ILE H 127 1.32 -33.38 8.91
C ILE H 127 2.03 -32.31 8.11
N THR H 128 2.30 -31.16 8.72
CA THR H 128 2.89 -30.03 8.01
C THR H 128 3.82 -29.28 8.95
N ALA H 129 4.97 -28.87 8.42
CA ALA H 129 5.95 -28.06 9.14
C ALA H 129 5.95 -26.67 8.53
N THR H 130 5.69 -25.65 9.35
CA THR H 130 5.48 -24.31 8.81
C THR H 130 6.68 -23.75 8.06
N PRO H 131 7.93 -23.83 8.58
CA PRO H 131 9.05 -23.28 7.79
C PRO H 131 9.36 -24.18 6.61
N ASN H 132 8.93 -23.77 5.42
CA ASN H 132 9.07 -24.58 4.21
C ASN H 132 9.94 -23.86 3.21
N ASN H 133 10.63 -24.65 2.38
CA ASN H 133 11.43 -24.08 1.31
C ASN H 133 10.53 -23.46 0.25
N ASN H 134 10.80 -22.22 -0.11
CA ASN H 134 10.01 -21.48 -1.07
C ASN H 134 10.87 -21.17 -2.29
N ILE H 135 10.22 -21.10 -3.46
CA ILE H 135 10.93 -20.76 -4.68
C ILE H 135 11.22 -19.26 -4.64
N LYS H 136 12.43 -18.90 -4.24
CA LYS H 136 12.83 -17.51 -4.12
C LYS H 136 13.22 -16.97 -5.49
N GLU H 137 12.63 -15.83 -5.86
CA GLU H 137 12.71 -15.31 -7.22
C GLU H 137 13.52 -14.03 -7.26
N LYS H 138 14.14 -13.77 -8.40
CA LYS H 138 14.89 -12.55 -8.65
C LYS H 138 14.20 -11.71 -9.73
N GLN H 139 14.63 -10.46 -9.83
CA GLN H 139 14.10 -9.52 -10.82
C GLN H 139 15.18 -9.26 -11.85
N VAL H 140 14.86 -9.52 -13.11
CA VAL H 140 15.82 -9.41 -14.22
C VAL H 140 15.35 -8.31 -15.15
N SER H 141 16.24 -7.37 -15.42
CA SER H 141 15.98 -6.26 -16.34
C SER H 141 16.99 -6.32 -17.48
N ASP H 142 16.49 -6.48 -18.70
CA ASP H 142 17.33 -6.57 -19.88
C ASP H 142 17.11 -5.33 -20.74
N THR H 143 18.19 -4.61 -21.04
CA THR H 143 18.13 -3.37 -21.79
C THR H 143 19.00 -3.49 -23.03
N ILE H 144 18.44 -3.15 -24.19
CA ILE H 144 19.16 -3.08 -25.44
C ILE H 144 19.09 -1.65 -25.94
N SER H 145 20.24 -1.03 -26.15
CA SER H 145 20.30 0.38 -26.51
C SER H 145 21.09 0.56 -27.80
N TYR H 146 20.49 1.25 -28.76
CA TYR H 146 21.16 1.68 -29.98
C TYR H 146 21.45 3.17 -29.90
N GLY H 147 22.38 3.62 -30.74
CA GLY H 147 22.67 5.05 -30.81
C GLY H 147 23.44 5.46 -32.03
N PHE H 148 23.14 6.64 -32.57
CA PHE H 148 23.82 7.17 -33.74
C PHE H 148 24.31 8.58 -33.46
N GLY H 149 25.38 8.98 -34.13
CA GLY H 149 25.97 10.29 -33.92
C GLY H 149 26.09 11.12 -35.17
N GLY H 150 26.23 12.44 -35.00
CA GLY H 150 26.33 13.34 -36.14
C GLY H 150 27.70 13.95 -36.32
N SER H 151 28.40 14.20 -35.21
CA SER H 151 29.75 14.77 -35.20
C SER H 151 29.72 16.08 -35.98
N VAL H 152 30.45 16.21 -37.10
CA VAL H 152 30.48 17.41 -37.91
C VAL H 152 30.87 18.64 -37.08
N SER H 162 32.64 11.68 -37.71
CA SER H 162 31.69 11.61 -38.82
C SER H 162 30.35 11.06 -38.35
N ILE H 163 30.18 9.74 -38.44
CA ILE H 163 28.99 9.05 -37.97
C ILE H 163 29.40 7.96 -37.00
N GLU H 164 28.96 8.07 -35.75
CA GLU H 164 29.32 7.15 -34.69
C GLU H 164 28.10 6.31 -34.31
N ALA H 165 28.30 5.00 -34.23
CA ALA H 165 27.25 4.06 -33.89
C ALA H 165 27.61 3.34 -32.59
N ASN H 166 26.63 3.19 -31.71
CA ASN H 166 26.82 2.54 -30.42
C ASN H 166 25.72 1.52 -30.18
N LEU H 167 26.08 0.42 -29.53
CA LEU H 167 25.15 -0.64 -29.19
C LEU H 167 25.55 -1.24 -27.84
N ALA H 168 24.63 -1.20 -26.88
CA ALA H 168 24.91 -1.65 -25.52
C ALA H 168 23.85 -2.63 -25.06
N TYR H 169 24.29 -3.70 -24.39
CA TYR H 169 23.42 -4.67 -23.75
C TYR H 169 23.66 -4.63 -22.25
N THR H 170 22.57 -4.54 -21.48
CA THR H 170 22.64 -4.44 -20.03
C THR H 170 21.72 -5.48 -19.41
N LYS H 171 22.21 -6.16 -18.37
CA LYS H 171 21.43 -7.16 -17.65
C LYS H 171 21.59 -6.91 -16.16
N THR H 172 20.50 -6.51 -15.51
CA THR H 172 20.48 -6.19 -14.09
C THR H 172 19.69 -7.25 -13.35
N THR H 173 20.31 -7.88 -12.35
CA THR H 173 19.65 -8.91 -11.55
C THR H 173 19.59 -8.44 -10.11
N THR H 174 18.37 -8.23 -9.61
CA THR H 174 18.14 -7.71 -8.27
C THR H 174 17.46 -8.80 -7.43
N TYR H 175 17.99 -9.04 -6.23
CA TYR H 175 17.45 -10.08 -5.36
C TYR H 175 17.74 -9.73 -3.92
N ASP H 176 17.04 -10.41 -3.01
CA ASP H 176 17.21 -10.24 -1.59
C ASP H 176 18.03 -11.40 -1.04
N GLN H 177 19.18 -11.09 -0.45
CA GLN H 177 20.09 -12.11 0.06
C GLN H 177 20.15 -12.04 1.58
N PRO H 178 19.53 -12.96 2.30
CA PRO H 178 19.63 -12.95 3.76
C PRO H 178 21.01 -13.37 4.23
N ASP H 179 21.37 -12.92 5.44
CA ASP H 179 22.64 -13.31 6.03
C ASP H 179 22.68 -14.81 6.29
N TYR H 180 21.57 -15.37 6.77
CA TYR H 180 21.42 -16.80 6.99
C TYR H 180 20.27 -17.33 6.16
N GLU H 181 20.44 -18.48 5.55
CA GLU H 181 19.40 -19.12 4.75
C GLU H 181 18.90 -20.35 5.49
N THR H 182 17.62 -20.37 5.81
CA THR H 182 16.99 -21.48 6.51
C THR H 182 16.35 -22.40 5.48
N SER H 183 16.82 -23.65 5.44
CA SER H 183 16.33 -24.63 4.48
C SER H 183 15.84 -25.86 5.24
N GLN H 184 14.64 -26.32 4.89
CA GLN H 184 14.06 -27.51 5.49
C GLN H 184 14.63 -28.72 4.76
N ILE H 185 15.62 -29.37 5.36
CA ILE H 185 16.30 -30.47 4.69
C ILE H 185 15.61 -31.81 4.89
N LYS H 186 14.67 -31.92 5.83
CA LYS H 186 13.98 -33.19 6.01
C LYS H 186 12.58 -32.95 6.57
N LYS H 187 11.62 -33.73 6.08
CA LYS H 187 10.25 -33.65 6.61
C LYS H 187 9.58 -35.00 6.34
N THR H 188 9.44 -35.80 7.39
CA THR H 188 8.69 -37.06 7.35
C THR H 188 7.55 -36.99 8.36
N THR H 189 6.84 -38.10 8.52
CA THR H 189 5.78 -38.18 9.51
C THR H 189 6.31 -38.29 10.93
N LYS H 190 7.62 -38.51 11.11
CA LYS H 190 8.19 -38.71 12.42
C LYS H 190 9.35 -37.77 12.76
N GLU H 191 9.82 -36.96 11.81
CA GLU H 191 10.99 -36.12 12.06
C GLU H 191 11.07 -35.02 11.02
N ALA H 192 11.27 -33.79 11.48
CA ALA H 192 11.46 -32.63 10.61
C ALA H 192 12.75 -31.93 10.98
N VAL H 193 13.62 -31.74 9.99
CA VAL H 193 14.97 -31.21 10.19
C VAL H 193 15.12 -29.96 9.34
N TRP H 194 15.46 -28.84 9.98
CA TRP H 194 15.79 -27.58 9.32
C TRP H 194 17.27 -27.27 9.53
N ASP H 195 17.89 -26.74 8.49
CA ASP H 195 19.25 -26.22 8.57
C ASP H 195 19.27 -24.75 8.18
N THR H 196 20.06 -23.97 8.90
CA THR H 196 20.19 -22.53 8.66
C THR H 196 21.69 -22.23 8.54
N SER H 197 22.14 -21.95 7.32
CA SER H 197 23.55 -21.80 7.03
C SER H 197 23.89 -20.35 6.71
N PHE H 198 25.10 -19.95 7.11
CA PHE H 198 25.59 -18.61 6.82
C PHE H 198 25.84 -18.49 5.32
N VAL H 199 25.35 -17.40 4.72
CA VAL H 199 25.48 -17.19 3.29
C VAL H 199 26.67 -16.27 3.01
N GLU H 200 26.57 -15.03 3.49
CA GLU H 200 27.64 -14.06 3.32
C GLU H 200 27.40 -12.89 4.27
N THR H 201 28.45 -12.10 4.47
CA THR H 201 28.41 -10.99 5.42
C THR H 201 27.62 -9.83 4.83
N ARG H 202 27.48 -8.78 5.63
CA ARG H 202 26.80 -7.58 5.15
C ARG H 202 27.53 -6.97 3.96
N ASP H 203 28.86 -6.96 3.99
CA ASP H 203 29.64 -6.36 2.92
C ASP H 203 29.76 -7.30 1.73
N GLY H 204 29.53 -8.60 1.93
CA GLY H 204 29.58 -9.55 0.84
C GLY H 204 30.72 -10.54 0.86
N TYR H 205 31.32 -10.81 2.01
CA TYR H 205 32.29 -11.88 2.15
C TYR H 205 31.62 -13.15 2.68
N THR H 206 32.11 -14.28 2.18
CA THR H 206 31.58 -15.61 2.46
C THR H 206 32.66 -16.43 3.13
N PRO H 207 32.28 -17.49 3.87
CA PRO H 207 33.30 -18.34 4.51
C PRO H 207 34.29 -18.95 3.54
N ASN H 208 33.92 -19.07 2.27
CA ASN H 208 34.82 -19.63 1.25
C ASN H 208 35.63 -18.58 0.53
N SER H 209 35.47 -17.30 0.89
CA SER H 209 36.24 -16.24 0.26
C SER H 209 37.70 -16.31 0.66
N TRP H 210 38.56 -15.88 -0.25
CA TRP H 210 40.01 -15.92 -0.01
C TRP H 210 40.70 -14.91 -0.88
N ASN H 211 41.39 -13.97 -0.26
CA ASN H 211 42.34 -13.00 -0.80
C ASN H 211 43.75 -13.56 -0.70
N PRO H 212 44.47 -13.68 -1.82
CA PRO H 212 45.76 -14.38 -1.77
C PRO H 212 46.80 -13.72 -0.88
N VAL H 213 46.62 -12.44 -0.55
CA VAL H 213 47.50 -11.76 0.39
C VAL H 213 46.82 -11.43 1.71
N TYR H 214 45.49 -11.37 1.76
CA TYR H 214 44.77 -10.95 2.96
C TYR H 214 43.99 -12.08 3.61
N GLY H 215 43.86 -13.23 2.95
CA GLY H 215 43.05 -14.30 3.51
C GLY H 215 41.56 -13.96 3.45
N ASN H 216 40.82 -14.44 4.44
CA ASN H 216 39.38 -14.26 4.50
C ASN H 216 39.03 -13.07 5.37
N GLN H 217 38.22 -12.16 4.82
CA GLN H 217 37.94 -10.87 5.45
C GLN H 217 36.48 -10.75 5.91
N MET H 218 35.90 -11.84 6.42
CA MET H 218 34.52 -11.78 6.88
C MET H 218 34.35 -10.80 8.03
N PHE H 219 35.30 -10.78 8.96
CA PHE H 219 35.17 -9.99 10.18
C PHE H 219 36.40 -9.14 10.45
N MET H 220 36.99 -8.56 9.41
CA MET H 220 38.10 -7.62 9.58
C MET H 220 37.52 -6.23 9.83
N ARG H 221 37.59 -5.80 11.09
CA ARG H 221 37.18 -4.43 11.42
C ARG H 221 38.06 -3.40 10.72
N GLY H 222 39.35 -3.65 10.67
CA GLY H 222 40.28 -2.73 10.03
C GLY H 222 41.28 -3.47 9.15
N ARG H 223 41.51 -2.91 7.96
CA ARG H 223 42.40 -3.55 7.00
C ARG H 223 43.85 -3.45 7.45
N TYR H 224 44.27 -2.26 7.89
CA TYR H 224 45.54 -2.04 8.58
C TYR H 224 45.22 -1.30 9.88
N SER H 225 45.06 -2.05 10.96
CA SER H 225 44.69 -1.49 12.26
C SER H 225 45.73 -1.86 13.29
N ASN H 226 46.19 -0.86 14.05
CA ASN H 226 47.15 -1.08 15.13
C ASN H 226 46.39 -1.27 16.45
N VAL H 227 45.59 -2.34 16.48
CA VAL H 227 44.75 -2.67 17.62
C VAL H 227 44.95 -4.14 17.96
N SER H 228 44.36 -4.55 19.08
CA SER H 228 44.42 -5.94 19.49
C SER H 228 43.68 -6.81 18.47
N PRO H 229 44.12 -8.06 18.28
CA PRO H 229 43.46 -8.91 17.28
C PRO H 229 41.97 -9.11 17.50
N ILE H 230 41.54 -9.23 18.76
CA ILE H 230 40.10 -9.28 19.02
C ILE H 230 39.46 -7.94 18.72
N ASP H 231 40.13 -6.85 19.06
CA ASP H 231 39.60 -5.52 18.77
C ASP H 231 39.48 -5.26 17.27
N ASN H 232 40.15 -6.05 16.45
CA ASN H 232 40.06 -5.92 15.00
C ASN H 232 39.06 -6.90 14.38
N ILE H 233 38.37 -7.69 15.21
CA ILE H 233 37.37 -8.64 14.74
C ILE H 233 36.00 -7.99 14.89
N LYS H 234 35.21 -8.01 13.82
CA LYS H 234 33.88 -7.42 13.86
C LYS H 234 33.01 -8.11 14.90
N LYS H 235 32.29 -7.32 15.69
CA LYS H 235 31.43 -7.84 16.73
C LYS H 235 30.33 -6.83 17.02
N GLY H 236 29.29 -7.30 17.67
CA GLY H 236 28.17 -6.43 18.01
C GLY H 236 27.24 -6.27 16.84
N GLY H 237 26.94 -5.02 16.48
CA GLY H 237 26.00 -4.74 15.41
C GLY H 237 26.58 -4.84 14.01
N GLU H 238 27.89 -4.93 13.87
CA GLU H 238 28.49 -5.06 12.55
C GLU H 238 28.39 -6.47 12.00
N VAL H 239 28.01 -7.46 12.82
CA VAL H 239 27.81 -8.82 12.35
C VAL H 239 26.32 -9.15 12.44
N SER H 240 25.95 -10.32 11.94
CA SER H 240 24.56 -10.74 11.99
C SER H 240 24.12 -10.95 13.44
N SER H 241 22.83 -10.72 13.68
CA SER H 241 22.29 -10.91 15.02
C SER H 241 22.36 -12.35 15.48
N LEU H 242 22.48 -13.30 14.55
CA LEU H 242 22.66 -14.70 14.90
C LEU H 242 24.08 -15.04 15.30
N ILE H 243 25.02 -14.11 15.11
CA ILE H 243 26.41 -14.31 15.50
C ILE H 243 26.74 -13.61 16.81
N SER H 244 26.31 -12.36 16.97
CA SER H 244 26.52 -11.66 18.22
C SER H 244 25.59 -12.17 19.31
N GLY H 245 24.36 -12.54 18.94
CA GLY H 245 23.38 -13.00 19.90
C GLY H 245 23.12 -14.49 19.80
N GLY H 246 22.03 -14.86 19.12
CA GLY H 246 21.68 -16.25 18.96
C GLY H 246 20.58 -16.41 17.92
N PHE H 247 20.26 -17.67 17.64
CA PHE H 247 19.24 -18.00 16.66
C PHE H 247 17.90 -18.23 17.36
N SER H 248 16.85 -17.60 16.83
CA SER H 248 15.51 -17.69 17.41
C SER H 248 14.55 -18.13 16.32
N PRO H 249 14.54 -19.43 15.99
CA PRO H 249 13.65 -19.92 14.92
C PRO H 249 12.25 -20.16 15.44
N LYS H 250 11.27 -19.54 14.79
CA LYS H 250 9.87 -19.80 15.07
C LYS H 250 9.39 -20.91 14.15
N MET H 251 8.87 -21.99 14.72
CA MET H 251 8.53 -23.17 13.95
C MET H 251 7.13 -23.65 14.32
N GLY H 252 6.49 -24.33 13.38
CA GLY H 252 5.17 -24.88 13.63
C GLY H 252 4.97 -26.24 13.00
N VAL H 253 4.47 -27.19 13.78
CA VAL H 253 4.23 -28.56 13.32
C VAL H 253 2.78 -28.94 13.62
N VAL H 254 2.13 -29.54 12.65
CA VAL H 254 0.76 -30.02 12.80
C VAL H 254 0.82 -31.53 13.01
N LEU H 255 0.34 -31.99 14.17
CA LEU H 255 0.34 -33.40 14.50
C LEU H 255 -1.08 -33.93 14.42
N ALA H 256 -1.25 -35.04 13.69
CA ALA H 256 -2.52 -35.72 13.59
C ALA H 256 -2.35 -37.13 14.13
N SER H 257 -3.22 -37.53 15.06
CA SER H 257 -3.11 -38.82 15.71
C SER H 257 -4.51 -39.43 15.83
N PRO H 258 -4.61 -40.75 15.90
CA PRO H 258 -5.93 -41.38 16.05
C PRO H 258 -6.69 -40.87 17.26
N ASN H 259 -8.00 -41.14 17.27
CA ASN H 259 -8.89 -40.57 18.27
C ASN H 259 -8.57 -41.07 19.68
N GLY H 260 -8.09 -42.30 19.80
CA GLY H 260 -7.86 -42.88 21.11
C GLY H 260 -6.45 -42.67 21.65
N THR H 261 -5.75 -41.68 21.10
CA THR H 261 -4.38 -41.41 21.51
C THR H 261 -4.33 -40.94 22.96
N LYS H 262 -3.37 -41.48 23.72
CA LYS H 262 -3.17 -41.11 25.11
C LYS H 262 -1.93 -40.25 25.30
N LYS H 263 -0.77 -40.72 24.84
CA LYS H 263 0.49 -40.03 25.13
C LYS H 263 1.42 -40.12 23.93
N SER H 264 2.14 -39.03 23.67
CA SER H 264 3.14 -38.96 22.62
C SER H 264 4.38 -38.26 23.16
N GLN H 265 5.48 -38.36 22.41
CA GLN H 265 6.72 -37.71 22.76
C GLN H 265 7.20 -36.82 21.63
N PHE H 266 7.76 -35.68 21.98
CA PHE H 266 8.25 -34.69 21.02
C PHE H 266 9.64 -34.25 21.44
N VAL H 267 10.65 -34.66 20.68
CA VAL H 267 12.04 -34.35 20.98
C VAL H 267 12.51 -33.28 20.02
N VAL H 268 12.84 -32.11 20.54
CA VAL H 268 13.38 -31.02 19.75
C VAL H 268 14.89 -31.02 19.98
N ARG H 269 15.65 -31.28 18.92
CA ARG H 269 17.10 -31.37 19.02
C ARG H 269 17.73 -30.13 18.41
N VAL H 270 18.55 -29.45 19.20
CA VAL H 270 19.23 -28.22 18.77
C VAL H 270 20.70 -28.55 18.53
N SER H 271 21.20 -28.12 17.38
CA SER H 271 22.57 -28.36 16.98
C SER H 271 23.15 -27.08 16.37
N ARG H 272 24.34 -26.71 16.82
CA ARG H 272 25.09 -25.61 16.21
C ARG H 272 26.48 -26.08 15.89
N MET H 273 26.93 -25.82 14.66
CA MET H 273 28.30 -26.07 14.24
C MET H 273 29.01 -24.74 14.09
N SER H 274 30.10 -24.57 14.83
CA SER H 274 30.83 -23.32 14.88
C SER H 274 32.19 -23.48 14.23
N ASP H 275 32.56 -22.49 13.43
CA ASP H 275 33.88 -22.42 12.83
C ASP H 275 34.74 -21.42 13.61
N MET H 276 36.03 -21.44 13.32
CA MET H 276 36.98 -20.58 14.00
C MET H 276 37.53 -19.57 13.00
N TYR H 277 37.17 -18.31 13.19
CA TYR H 277 37.76 -17.22 12.42
C TYR H 277 39.08 -16.85 13.10
N ILE H 278 40.19 -17.19 12.45
CA ILE H 278 41.52 -16.90 12.94
C ILE H 278 41.95 -15.58 12.35
N MET H 279 42.28 -14.62 13.21
CA MET H 279 42.69 -13.30 12.78
C MET H 279 44.15 -13.15 13.22
N ARG H 280 45.06 -13.25 12.26
CA ARG H 280 46.49 -13.14 12.53
C ARG H 280 47.01 -11.77 12.10
N TRP H 281 48.12 -11.36 12.72
CA TRP H 281 48.88 -10.19 12.33
C TRP H 281 50.20 -10.64 11.74
N SER H 282 50.36 -10.47 10.43
CA SER H 282 51.60 -10.82 9.75
C SER H 282 52.62 -9.71 9.97
N GLY H 283 53.74 -9.77 9.26
CA GLY H 283 54.77 -8.77 9.42
C GLY H 283 54.31 -7.38 9.01
N THR H 284 53.46 -7.30 8.00
CA THR H 284 53.01 -6.02 7.47
C THR H 284 51.50 -5.85 7.46
N GLU H 285 50.76 -6.91 7.15
CA GLU H 285 49.32 -6.81 6.96
C GLU H 285 48.59 -7.79 7.86
N TRP H 286 47.30 -7.50 8.08
CA TRP H 286 46.42 -8.40 8.80
C TRP H 286 46.02 -9.57 7.90
N GLY H 287 45.50 -10.63 8.52
CA GLY H 287 45.08 -11.79 7.77
C GLY H 287 43.99 -12.59 8.45
N GLY H 288 43.11 -13.21 7.65
CA GLY H 288 42.03 -14.00 8.20
C GLY H 288 41.88 -15.37 7.56
N GLU H 289 41.65 -16.39 8.39
CA GLU H 289 41.48 -17.75 7.90
C GLU H 289 40.30 -18.39 8.61
N ASN H 290 39.42 -19.03 7.85
CA ASN H 290 38.26 -19.69 8.42
C ASN H 290 38.57 -21.18 8.56
N GLU H 291 38.76 -21.63 9.80
CA GLU H 291 38.95 -23.04 10.10
C GLU H 291 37.58 -23.69 10.29
N ILE H 292 37.28 -24.68 9.47
CA ILE H 292 35.95 -25.29 9.42
C ILE H 292 35.71 -26.12 10.68
N ASN H 293 34.46 -26.54 10.88
CA ASN H 293 34.04 -27.16 12.13
C ASN H 293 34.82 -28.44 12.41
N GLN H 294 35.01 -29.29 11.39
CA GLN H 294 35.66 -30.57 11.60
C GLN H 294 37.16 -30.44 11.89
N ASN H 295 37.75 -29.27 11.68
CA ASN H 295 39.15 -29.05 11.97
C ASN H 295 39.39 -28.36 13.31
N VAL H 296 38.35 -27.78 13.91
CA VAL H 296 38.51 -27.12 15.21
C VAL H 296 38.81 -28.17 16.27
N PRO H 297 39.79 -27.94 17.15
CA PRO H 297 40.07 -28.92 18.22
C PRO H 297 38.86 -29.11 19.12
N LYS H 298 38.73 -30.33 19.65
CA LYS H 298 37.55 -30.70 20.42
C LYS H 298 37.44 -29.93 21.73
N GLU H 299 38.54 -29.32 22.18
CA GLU H 299 38.54 -28.63 23.46
C GLU H 299 37.65 -27.40 23.47
N TYR H 300 37.31 -26.86 22.30
CA TYR H 300 36.50 -25.65 22.21
C TYR H 300 35.02 -25.93 22.02
N ASN H 301 34.63 -27.20 21.90
CA ASN H 301 33.23 -27.59 21.74
C ASN H 301 32.58 -26.86 20.56
N ALA H 302 33.13 -27.08 19.38
CA ALA H 302 32.66 -26.43 18.17
C ALA H 302 31.34 -26.99 17.65
N LEU H 303 30.90 -28.13 18.17
CA LEU H 303 29.66 -28.78 17.71
C LEU H 303 28.79 -29.06 18.93
N MET H 304 27.74 -28.27 19.10
CA MET H 304 26.74 -28.52 20.14
C MET H 304 25.60 -29.33 19.56
N TYR H 305 25.25 -30.43 20.24
CA TYR H 305 24.21 -31.36 19.79
C TYR H 305 23.45 -31.83 21.02
N GLU H 306 22.37 -31.14 21.38
CA GLU H 306 21.63 -31.46 22.59
C GLU H 306 20.13 -31.47 22.30
N ASP H 307 19.35 -31.92 23.27
CA ASP H 307 17.94 -32.20 23.03
C ASP H 307 17.09 -31.74 24.20
N VAL H 308 15.84 -31.39 23.90
CA VAL H 308 14.81 -31.13 24.89
C VAL H 308 13.62 -32.05 24.56
N LYS H 309 13.22 -32.84 25.54
CA LYS H 309 12.16 -33.82 25.35
C LYS H 309 10.88 -33.35 26.04
N PHE H 310 9.75 -33.47 25.33
CA PHE H 310 8.45 -33.10 25.85
C PHE H 310 7.52 -34.30 25.77
N GLU H 311 6.64 -34.44 26.75
CA GLU H 311 5.61 -35.46 26.77
C GLU H 311 4.27 -34.77 26.55
N ILE H 312 3.54 -35.21 25.53
CA ILE H 312 2.27 -34.62 25.14
C ILE H 312 1.17 -35.59 25.56
N ASP H 313 0.38 -35.19 26.55
CA ASP H 313 -0.77 -35.97 27.01
C ASP H 313 -1.97 -35.50 26.20
N TRP H 314 -2.40 -36.34 25.26
CA TRP H 314 -3.54 -35.99 24.42
C TRP H 314 -4.86 -36.14 25.17
N GLU H 315 -4.91 -37.02 26.17
CA GLU H 315 -6.10 -37.12 26.99
C GLU H 315 -6.22 -35.95 27.95
N GLN H 316 -5.14 -35.65 28.67
CA GLN H 316 -5.10 -34.49 29.55
C GLN H 316 -4.90 -33.18 28.80
N ARG H 317 -4.49 -33.24 27.52
CA ARG H 317 -4.20 -32.06 26.72
C ARG H 317 -3.13 -31.18 27.39
N THR H 318 -2.00 -31.80 27.71
CA THR H 318 -0.93 -31.12 28.43
C THR H 318 0.41 -31.40 27.75
N VAL H 319 1.37 -30.52 28.00
CA VAL H 319 2.75 -30.69 27.55
C VAL H 319 3.66 -30.52 28.75
N ARG H 320 4.47 -31.53 29.03
CA ARG H 320 5.35 -31.51 30.19
C ARG H 320 6.76 -31.88 29.78
N THR H 321 7.73 -31.04 30.16
CA THR H 321 9.13 -31.28 29.82
C THR H 321 9.64 -32.48 30.61
N ILE H 322 10.15 -33.48 29.89
CA ILE H 322 10.72 -34.66 30.53
C ILE H 322 12.21 -34.76 30.21
#